data_8ZF0
#
_entry.id   8ZF0
#
_cell.length_a   1.00
_cell.length_b   1.00
_cell.length_c   1.00
_cell.angle_alpha   90.00
_cell.angle_beta   90.00
_cell.angle_gamma   90.00
#
_symmetry.space_group_name_H-M   'P 1'
#
loop_
_entity.id
_entity.type
_entity.pdbx_description
1 polymer 'RPW8 domain-containing protein'
2 polymer EDS1
3 polymer 'Lipase-like PAD4'
4 non-polymer '[(2R,3R,4R,5R)-5-(6-aminopurin-9-yl)-4-[(2S,3R,4S,5R)-3,4-bis(oxidanyl)-5-(phosphonooxymethyl)oxolan-2-yl]oxy-3-oxidanyl-oxolan-2-yl]methyl phosphono hydrogen phosphate'
#
loop_
_entity_poly.entity_id
_entity_poly.type
_entity_poly.pdbx_seq_one_letter_code
_entity_poly.pdbx_strand_id
1 'polypeptide(L)'
;MERLFEELAGEAVKELLRAVRGTFFCRSTAERLRRNVEPLLPLVQPQAAQGGGGWGHGRSAGELAELAAQLREALELARR
AASAPRWNVYRTAQLARRMEAADTAIARWLSRHAPAHVLDGVRRLRDEADARIGRLERRVEEVAAAQQQQQAAATALPPP
AISLPFALPPPPPPPKAMAMMAMDTPPTKGMAVGMEVELPFPDDEEDESMVGGGVRVGKEKVKEMVMSGGGGGWEAVGIC
GMGGSGKTTLAMEIFKDHKIRGYFSDRVFFETISQSANLDTIKMKLWEQISGNLVLGAYNQIPEWQLKLGPRDKGPVLVI
LDDVWSLSQLEELIFKFPGCKTLVVSRFKFPSLVTRTYEMELLDEEAALSVFCRAAFDQESVPRTADKKLVRQVAAECRG
LPLALKVIGASLRDQPPKIWLSAKNRLSRGETISDSHETKLLERMAASIECLSGKVRECFLDLGCFPEDKKIPLDVLINI
WMEIHDLDEPDAFAILVELSNKNLLTLVNDAQNKAGDLYSSYHDFSVTQHDVLRDLALHMSGRDALNNRRRLVMPRREES
LPKDWQRNKDTPFEAQIVSIHTGEMKESDWFQMSFPKAEVLILNFASSVYYLPPFIATMQNLKALVLINYGTISATLDNL
SAFTTLSDLRSLWLEKITLPPLPKTTIPLKNLRKISLVLCELTNSLRGSKVDLSMTFPRLSNLTIDHCIDLKELPSSICE
ISSLESISISNCHDLTELPYELGKLHCLSILRVYACPALWRLPPSVCSLKRLKYLDISQCVNLTDLPEELGHLTSLEKID
MRECSRLRSLPRSSSSLKSLGHVVCDEETALLWREAEQVIPDLRVQVAEECYNLDWLVD
;
A
2 'polypeptide(L)'
;MPAAAALSDDDRLVVAHCAALSFPPASQPPPPPTTSSSSSGAGAGASFQVHHASHPYPCAAFAFPPSWSAAPGWAAAGRA
AFGDAEVDPSLFPSLRSVGSGVPARANAAFLASFGALLDGSPLQSEVSRAVAEEKRIVFTGHSSGGSIATLAAIWFLETC
TRRGSVNQAHPFCVTFGAPLVGDNTFNNAVRREGWSQCILNFVVPVDIIPRIPLTPLASATEGIQAVLDWLSPQTPNFSP
SGMPLIISQFYENLLRSTLSIASYEACSFMGCTSSILGTLTSFIELSPYRPCGTYLFLTSSEQLAVLTNSDAVLQLLFYC
LQLDPQQQLRDAAERSLSAHWQYEPIKQSMMQEIVCVDYLGVVSSTLPGRQMSSTIVGGLELSKEAMLSLSAAGQWEKQR
ETNQAKIDGASCTKIREALKSLNEYKRTCELHEVSYYDSFKLQREVHDFNANVSRLELAGLWDEIVEMLRRRELPDGFES
RQDWVNLGTLYRRLVEPLDIANYYRHSKNEDTGSYLSKGRPRRYKYTQEWHEQSQRISFGSSLESCFWAMAEELQAEIAN
GKTFEDVRDRVVKLESDAHGWSMSGSLGKDIFLSRSSFVIWWKTLPENHRSASCIAKLVPW
;
B
3 'polypeptide(L)'
;MEDASRGEEENSMFETSHVLGALLASSPLLARAWDRCAAAADGGASSLGFVHGGGGGGEGEPVCVAFSGVQAALSAAAGG
GGGAEIFKPVGLRGDAAGRLFAPLVAAEPEDAGGEPVAVQALALQGFLRLCRSPEFQVLLNQIRGKAVVFTGHSLGGAIA
ALVALHYLCTSSSSSAFAPAPPVLCVTFGSPLLGNQALSRAILRERWAGNFCHVVSQHDVVPRLLFCPLNVIPVHIVVGM
QLHQLPVRARRAAGVVATVTARMADTNQESLRQLIQEHAGEAAIEQKLAAPEIPSGSPYRPFGAYVLCSPDGAACVDNPT
AAVQMLYATFAARRAPETGAVPPEAAHSCYGDLVLSMPHHLLLKRRLGATVTAPAASNYDVGISIALEASGITGEATEAA
PARQWLKTSKRVGRSPSLNCASLATRLGRITPCRAQIEWYKALFDANTGYYDAFKQRLSPKKFSKANMYRIKLAQFWDGV
LSMLDTSQLPYDFHRRAKWVNAAHFYQLLVEPLDIADYHRNNLHRTRGSYITHGRERRYELFDKWWKQKGCTDPSTGDTS
ATTTARRSKFAGLTQDPCFWARVEEAREQTESAKSERDMTSLARMLEDLHKFERHSSELVENKEVSIDVVAPQSSYSLWV
KEWNELKLREEVRTILFQF
;
C
#
# COMPACT_ATOMS: atom_id res chain seq x y z
N SER A 436 11.58 59.29 32.41
CA SER A 436 10.79 58.08 32.23
C SER A 436 11.63 56.94 31.70
N HIS A 437 11.05 56.13 30.81
CA HIS A 437 11.77 55.00 30.22
C HIS A 437 12.90 55.46 29.31
N GLU A 438 12.87 56.70 28.83
CA GLU A 438 13.94 57.20 27.97
C GLU A 438 15.26 57.24 28.72
N THR A 439 15.25 57.66 29.97
CA THR A 439 16.46 57.76 30.77
C THR A 439 16.67 56.56 31.70
N LYS A 440 15.59 55.96 32.21
CA LYS A 440 15.74 54.84 33.13
C LYS A 440 16.21 53.58 32.41
N LEU A 441 15.61 53.27 31.25
CA LEU A 441 15.90 52.04 30.54
C LEU A 441 16.50 52.28 29.17
N LEU A 442 15.92 53.19 28.37
CA LEU A 442 16.43 53.43 27.02
C LEU A 442 17.84 54.01 27.06
N GLU A 443 18.12 54.88 28.05
CA GLU A 443 19.46 55.46 28.15
C GLU A 443 20.49 54.39 28.52
N ARG A 444 20.08 53.34 29.24
CA ARG A 444 21.00 52.25 29.52
C ARG A 444 21.43 51.55 28.23
N MET A 445 20.47 51.28 27.34
CA MET A 445 20.80 50.69 26.05
C MET A 445 21.63 51.65 25.20
N ALA A 446 21.32 52.95 25.27
CA ALA A 446 22.11 53.93 24.53
C ALA A 446 23.56 53.96 25.01
N ALA A 447 23.77 53.89 26.32
CA ALA A 447 25.13 53.86 26.86
C ALA A 447 25.83 52.56 26.50
N SER A 448 25.09 51.44 26.48
CA SER A 448 25.68 50.17 26.05
C SER A 448 26.13 50.24 24.59
N ILE A 449 25.32 50.87 23.74
CA ILE A 449 25.71 51.07 22.35
C ILE A 449 26.91 52.00 22.25
N GLU A 450 26.95 53.03 23.11
CA GLU A 450 28.06 53.97 23.10
C GLU A 450 29.39 53.30 23.44
N CYS A 451 29.36 52.17 24.14
CA CYS A 451 30.60 51.42 24.39
C CYS A 451 31.23 50.96 23.08
N LEU A 452 30.41 50.48 22.16
CA LEU A 452 30.91 50.11 20.84
C LEU A 452 31.08 51.36 19.98
N SER A 453 32.24 51.48 19.34
CA SER A 453 32.63 52.73 18.69
C SER A 453 32.76 52.54 17.18
N GLY A 454 32.29 53.54 16.44
CA GLY A 454 32.55 53.62 15.02
C GLY A 454 31.71 52.72 14.14
N LYS A 455 32.36 51.70 13.57
CA LYS A 455 31.70 50.85 12.57
C LYS A 455 30.50 50.12 13.15
N VAL A 456 30.64 49.59 14.37
CA VAL A 456 29.54 48.83 14.97
C VAL A 456 28.35 49.74 15.28
N ARG A 457 28.64 50.93 15.83
CA ARG A 457 27.56 51.86 16.14
C ARG A 457 26.85 52.33 14.88
N GLU A 458 27.61 52.64 13.82
CA GLU A 458 26.97 53.06 12.58
C GLU A 458 26.21 51.92 11.92
N CYS A 459 26.68 50.68 12.09
CA CYS A 459 25.91 49.53 11.60
C CYS A 459 24.59 49.39 12.36
N PHE A 460 24.64 49.66 13.67
CA PHE A 460 23.41 49.60 14.49
C PHE A 460 22.44 50.68 13.99
N LEU A 461 22.96 51.88 13.73
CA LEU A 461 22.11 52.95 13.23
C LEU A 461 21.51 52.61 11.86
N ASP A 462 22.33 52.01 10.98
CA ASP A 462 21.82 51.59 9.67
C ASP A 462 20.72 50.55 9.81
N LEU A 463 20.90 49.59 10.72
CA LEU A 463 19.85 48.61 10.97
C LEU A 463 18.59 49.28 11.49
N GLY A 464 18.75 50.28 12.36
CA GLY A 464 17.59 51.01 12.85
C GLY A 464 16.86 51.76 11.76
N CYS A 465 17.60 52.28 10.78
CA CYS A 465 16.99 53.01 9.67
C CYS A 465 16.15 52.11 8.77
N PHE A 466 16.35 50.78 8.84
CA PHE A 466 15.60 49.87 8.00
C PHE A 466 14.14 49.82 8.44
N PRO A 467 13.23 49.42 7.55
CA PRO A 467 11.80 49.42 7.91
C PRO A 467 11.51 48.56 9.13
N GLU A 468 10.56 49.04 9.94
CA GLU A 468 10.25 48.39 11.21
C GLU A 468 9.50 47.08 10.98
N ASP A 469 9.85 46.07 11.79
CA ASP A 469 9.17 44.77 11.79
C ASP A 469 9.15 44.15 10.40
N LYS A 470 10.28 44.22 9.71
CA LYS A 470 10.39 43.69 8.36
C LYS A 470 11.56 42.71 8.29
N LYS A 471 11.35 41.61 7.58
CA LYS A 471 12.39 40.61 7.41
C LYS A 471 13.49 41.18 6.50
N ILE A 472 14.72 41.18 7.01
CA ILE A 472 15.86 41.78 6.32
C ILE A 472 16.73 40.64 5.79
N PRO A 473 16.82 40.45 4.47
CA PRO A 473 17.72 39.42 3.93
C PRO A 473 19.17 39.74 4.27
N LEU A 474 19.96 38.67 4.44
CA LEU A 474 21.36 38.83 4.82
C LEU A 474 22.16 39.49 3.70
N ASP A 475 21.87 39.13 2.45
CA ASP A 475 22.68 39.58 1.32
C ASP A 475 22.63 41.09 1.17
N VAL A 476 21.43 41.68 1.22
CA VAL A 476 21.31 43.12 1.04
C VAL A 476 21.96 43.88 2.19
N LEU A 477 21.81 43.37 3.42
CA LEU A 477 22.44 44.01 4.57
C LEU A 477 23.96 43.97 4.45
N ILE A 478 24.51 42.83 4.04
CA ILE A 478 25.97 42.74 3.86
C ILE A 478 26.42 43.68 2.76
N ASN A 479 25.65 43.76 1.66
CA ASN A 479 26.04 44.62 0.56
C ASN A 479 26.05 46.08 0.97
N ILE A 480 25.00 46.53 1.67
CA ILE A 480 24.94 47.94 2.07
C ILE A 480 26.01 48.23 3.13
N TRP A 481 26.30 47.27 4.01
CA TRP A 481 27.38 47.47 4.98
C TRP A 481 28.72 47.61 4.28
N MET A 482 28.97 46.79 3.26
CA MET A 482 30.21 46.90 2.50
C MET A 482 30.28 48.23 1.76
N GLU A 483 29.15 48.68 1.22
CA GLU A 483 29.14 49.96 0.50
C GLU A 483 29.41 51.13 1.45
N ILE A 484 28.84 51.10 2.65
CA ILE A 484 28.93 52.26 3.54
C ILE A 484 30.25 52.25 4.30
N HIS A 485 30.55 51.16 5.02
CA HIS A 485 31.70 51.10 5.90
C HIS A 485 32.94 50.53 5.21
N ASP A 486 32.88 50.27 3.90
CA ASP A 486 33.99 49.67 3.15
C ASP A 486 34.43 48.35 3.75
N LEU A 487 33.47 47.58 4.27
CA LEU A 487 33.76 46.30 4.93
C LEU A 487 33.59 45.13 3.94
N ASP A 488 34.36 45.19 2.86
CA ASP A 488 34.32 44.11 1.87
C ASP A 488 34.88 42.80 2.44
N GLU A 489 35.77 42.89 3.42
CA GLU A 489 36.36 41.73 4.04
C GLU A 489 35.34 41.02 4.93
N PRO A 490 35.60 39.77 5.34
CA PRO A 490 34.72 39.11 6.30
C PRO A 490 34.67 39.77 7.67
N ASP A 491 35.36 40.90 7.86
CA ASP A 491 35.20 41.64 9.11
C ASP A 491 33.78 42.12 9.29
N ALA A 492 33.06 42.38 8.19
CA ALA A 492 31.64 42.71 8.29
C ALA A 492 30.85 41.54 8.86
N PHE A 493 31.14 40.32 8.39
CA PHE A 493 30.49 39.13 8.92
C PHE A 493 30.82 38.95 10.41
N ALA A 494 32.09 39.19 10.77
CA ALA A 494 32.48 39.09 12.17
C ALA A 494 31.75 40.11 13.03
N ILE A 495 31.60 41.34 12.52
CA ILE A 495 30.88 42.38 13.26
C ILE A 495 29.41 42.00 13.41
N LEU A 496 28.81 41.44 12.35
CA LEU A 496 27.43 40.98 12.44
C LEU A 496 27.28 39.89 13.50
N VAL A 497 28.23 38.94 13.54
CA VAL A 497 28.18 37.88 14.54
C VAL A 497 28.31 38.47 15.95
N GLU A 498 29.24 39.42 16.12
CA GLU A 498 29.42 40.05 17.43
C GLU A 498 28.16 40.78 17.86
N LEU A 499 27.51 41.49 16.94
CA LEU A 499 26.27 42.18 17.25
C LEU A 499 25.17 41.19 17.64
N SER A 500 25.08 40.08 16.91
CA SER A 500 24.06 39.08 17.22
C SER A 500 24.35 38.32 18.51
N ASN A 501 25.60 38.34 18.98
CA ASN A 501 25.96 37.61 20.19
C ASN A 501 25.56 38.34 21.47
N LYS A 502 25.14 39.61 21.38
CA LYS A 502 24.77 40.39 22.55
C LYS A 502 23.27 40.63 22.64
N ASN A 503 22.47 39.77 22.01
CA ASN A 503 21.01 39.90 21.99
C ASN A 503 20.57 41.25 21.44
N LEU A 504 21.34 41.79 20.49
CA LEU A 504 21.05 43.08 19.89
C LEU A 504 20.26 42.97 18.59
N LEU A 505 20.51 41.93 17.79
CA LEU A 505 19.71 41.64 16.61
C LEU A 505 19.42 40.15 16.56
N THR A 506 18.20 39.80 16.18
CA THR A 506 17.76 38.42 16.10
C THR A 506 18.08 37.87 14.72
N LEU A 507 18.87 36.80 14.68
CA LEU A 507 19.26 36.14 13.43
C LEU A 507 18.32 34.96 13.22
N VAL A 508 17.27 35.18 12.44
CA VAL A 508 16.33 34.11 12.13
C VAL A 508 16.97 33.19 11.10
N ASN A 509 16.98 31.90 11.42
CA ASN A 509 17.71 30.88 10.67
C ASN A 509 16.73 29.79 10.26
N ASP A 510 16.76 29.40 8.98
CA ASP A 510 15.85 28.37 8.49
C ASP A 510 16.19 27.02 9.10
N ALA A 511 15.14 26.28 9.49
CA ALA A 511 15.34 25.03 10.21
C ALA A 511 16.07 24.00 9.34
N GLN A 512 15.69 23.94 8.06
CA GLN A 512 16.28 22.96 7.12
C GLN A 512 17.61 23.50 6.60
N ASN A 513 18.54 23.83 7.51
CA ASN A 513 19.86 24.34 7.14
C ASN A 513 20.91 23.53 7.88
N LYS A 514 21.77 22.86 7.13
CA LYS A 514 22.87 22.09 7.69
C LYS A 514 24.19 22.84 7.67
N ALA A 515 24.20 24.09 7.21
CA ALA A 515 25.40 24.90 7.12
C ALA A 515 25.34 26.03 8.13
N GLY A 516 26.39 26.16 8.95
CA GLY A 516 26.44 27.18 9.97
C GLY A 516 26.67 28.56 9.42
N ASP A 517 27.83 28.79 8.82
CA ASP A 517 28.20 30.09 8.26
C ASP A 517 28.85 29.91 6.90
N LEU A 518 28.26 29.04 6.08
CA LEU A 518 28.77 28.75 4.75
C LEU A 518 28.13 29.70 3.73
N TYR A 519 28.43 29.45 2.44
CA TYR A 519 27.89 30.30 1.38
C TYR A 519 26.38 30.16 1.27
N SER A 520 25.86 28.93 1.41
CA SER A 520 24.42 28.70 1.35
C SER A 520 23.70 29.40 2.50
N SER A 521 24.29 29.31 3.70
CA SER A 521 23.71 29.95 4.88
C SER A 521 23.77 31.47 4.76
N TYR A 522 24.74 31.97 3.98
CA TYR A 522 24.88 33.41 3.78
C TYR A 522 23.70 34.00 3.02
N HIS A 523 22.89 33.18 2.35
CA HIS A 523 21.72 33.66 1.62
C HIS A 523 20.43 33.07 2.17
N ASP A 524 20.45 32.48 3.36
CA ASP A 524 19.27 31.86 3.95
C ASP A 524 18.91 32.43 5.31
N PHE A 525 19.63 33.43 5.81
CA PHE A 525 19.38 34.02 7.11
C PHE A 525 18.52 35.27 6.97
N SER A 526 18.06 35.79 8.10
CA SER A 526 17.39 37.07 8.12
C SER A 526 17.64 37.76 9.45
N VAL A 527 17.51 39.09 9.44
CA VAL A 527 17.80 39.92 10.60
C VAL A 527 16.52 40.64 11.02
N THR A 528 16.15 40.51 12.29
CA THR A 528 15.00 41.21 12.84
C THR A 528 15.42 41.93 14.12
N GLN A 529 15.05 43.21 14.22
CA GLN A 529 15.43 44.04 15.35
C GLN A 529 14.25 44.23 16.30
N HIS A 530 14.58 44.51 17.57
CA HIS A 530 13.56 44.76 18.57
C HIS A 530 13.03 46.18 18.46
N ASP A 531 11.79 46.36 18.89
CA ASP A 531 11.15 47.68 18.81
C ASP A 531 11.85 48.70 19.70
N VAL A 532 12.23 48.29 20.91
CA VAL A 532 12.86 49.22 21.84
C VAL A 532 14.22 49.67 21.32
N LEU A 533 15.00 48.75 20.76
CA LEU A 533 16.29 49.12 20.18
C LEU A 533 16.13 50.05 18.99
N ARG A 534 15.11 49.81 18.16
CA ARG A 534 14.84 50.73 17.05
C ARG A 534 14.44 52.11 17.57
N ASP A 535 13.66 52.16 18.66
CA ASP A 535 13.30 53.45 19.25
C ASP A 535 14.54 54.16 19.78
N LEU A 536 15.45 53.42 20.39
CA LEU A 536 16.71 54.01 20.87
C LEU A 536 17.53 54.56 19.71
N ALA A 537 17.59 53.81 18.59
CA ALA A 537 18.29 54.30 17.42
C ALA A 537 17.63 55.56 16.85
N LEU A 538 16.29 55.60 16.87
CA LEU A 538 15.58 56.79 16.43
C LEU A 538 15.90 57.99 17.33
N HIS A 539 15.97 57.76 18.64
CA HIS A 539 16.34 58.84 19.55
C HIS A 539 17.75 59.32 19.29
N MET A 540 18.68 58.39 19.03
CA MET A 540 20.05 58.76 18.73
C MET A 540 20.12 59.58 17.44
N SER A 541 19.35 59.19 16.43
CA SER A 541 19.29 59.97 15.20
C SER A 541 18.69 61.36 15.46
N GLY A 542 17.66 61.44 16.29
CA GLY A 542 17.05 62.71 16.63
C GLY A 542 17.94 63.60 17.47
N ARG A 543 18.95 63.04 18.13
CA ARG A 543 19.93 63.87 18.83
C ARG A 543 20.63 64.82 17.87
N ASP A 544 20.81 64.41 16.61
CA ASP A 544 21.36 65.29 15.60
C ASP A 544 20.33 66.33 15.18
N ALA A 545 20.78 67.30 14.38
CA ALA A 545 19.89 68.35 13.90
C ALA A 545 18.86 67.77 12.94
N LEU A 546 17.72 68.46 12.84
CA LEU A 546 16.66 68.01 11.93
C LEU A 546 17.14 68.06 10.49
N ASN A 547 17.84 69.12 10.11
CA ASN A 547 18.41 69.26 8.78
C ASN A 547 19.92 69.03 8.83
N ASN A 548 20.47 68.61 7.69
CA ASN A 548 21.90 68.33 7.56
C ASN A 548 22.35 67.27 8.56
N ARG A 549 21.49 66.28 8.80
CA ARG A 549 21.81 65.20 9.71
C ARG A 549 22.58 64.10 8.97
N ARG A 550 22.82 62.99 9.65
CA ARG A 550 23.49 61.85 9.03
C ARG A 550 22.51 60.78 8.57
N ARG A 551 21.38 60.64 9.24
CA ARG A 551 20.36 59.67 8.87
C ARG A 551 18.98 60.28 9.07
N LEU A 552 18.18 60.27 8.01
CA LEU A 552 16.82 60.82 8.03
C LEU A 552 15.83 59.66 8.01
N VAL A 553 15.09 59.50 9.10
CA VAL A 553 14.12 58.42 9.24
C VAL A 553 12.79 59.03 9.67
N MET A 554 11.70 58.58 9.02
CA MET A 554 10.34 59.01 9.36
C MET A 554 9.55 57.78 9.80
N PRO A 555 9.54 57.47 11.10
CA PRO A 555 8.85 56.25 11.59
C PRO A 555 7.36 56.44 11.74
N ARG A 556 6.68 56.65 10.61
CA ARG A 556 5.23 56.80 10.61
C ARG A 556 4.69 56.40 9.24
N ARG A 557 3.39 56.10 9.21
CA ARG A 557 2.70 55.72 7.99
C ARG A 557 1.89 56.86 7.40
N GLU A 558 2.27 58.10 7.68
CA GLU A 558 1.55 59.25 7.15
C GLU A 558 1.66 59.29 5.64
N GLU A 559 0.52 59.49 4.97
CA GLU A 559 0.51 59.51 3.50
C GLU A 559 1.33 60.68 2.97
N SER A 560 1.16 61.86 3.56
CA SER A 560 1.89 63.04 3.12
C SER A 560 3.33 62.98 3.63
N LEU A 561 4.19 63.78 2.98
CA LEU A 561 5.58 63.86 3.40
C LEU A 561 5.68 64.62 4.72
N PRO A 562 6.77 64.39 5.47
CA PRO A 562 6.93 65.11 6.74
C PRO A 562 6.91 66.62 6.55
N LYS A 563 6.20 67.31 7.44
CA LYS A 563 6.09 68.75 7.36
C LYS A 563 7.35 69.47 7.86
N ASP A 564 8.03 68.89 8.84
CA ASP A 564 9.28 69.49 9.32
C ASP A 564 10.35 69.50 8.24
N TRP A 565 10.44 68.41 7.48
CA TRP A 565 11.41 68.35 6.38
C TRP A 565 11.09 69.38 5.31
N GLN A 566 9.80 69.58 5.01
CA GLN A 566 9.40 70.62 4.07
C GLN A 566 9.74 72.01 4.61
N ARG A 567 9.56 72.21 5.91
CA ARG A 567 9.93 73.49 6.51
C ARG A 567 11.42 73.75 6.41
N ASN A 568 12.23 72.72 6.63
CA ASN A 568 13.68 72.81 6.50
C ASN A 568 14.18 72.43 5.11
N LYS A 569 13.32 72.56 4.09
CA LYS A 569 13.71 72.21 2.73
C LYS A 569 14.65 73.23 2.10
N ASP A 570 14.78 74.41 2.70
CA ASP A 570 15.70 75.42 2.16
C ASP A 570 17.14 74.93 2.20
N THR A 571 17.53 74.27 3.29
CA THR A 571 18.88 73.73 3.41
C THR A 571 18.84 72.22 3.21
N PRO A 572 19.21 71.72 2.04
CA PRO A 572 19.20 70.27 1.82
C PRO A 572 20.17 69.55 2.74
N PHE A 573 19.77 68.37 3.20
CA PHE A 573 20.60 67.59 4.10
C PHE A 573 21.63 66.78 3.32
N GLU A 574 22.68 66.37 4.04
CA GLU A 574 23.73 65.51 3.49
C GLU A 574 23.70 64.12 4.11
N ALA A 575 22.53 63.70 4.58
CA ALA A 575 22.40 62.40 5.23
C ALA A 575 22.72 61.27 4.27
N GLN A 576 23.53 60.31 4.71
CA GLN A 576 23.89 59.19 3.87
C GLN A 576 22.71 58.24 3.66
N ILE A 577 21.85 58.10 4.67
CA ILE A 577 20.70 57.20 4.61
C ILE A 577 19.44 58.01 4.84
N VAL A 578 18.45 57.82 3.97
CA VAL A 578 17.15 58.48 4.08
C VAL A 578 16.08 57.41 4.06
N SER A 579 15.12 57.53 4.97
CA SER A 579 14.00 56.60 5.06
C SER A 579 12.70 57.34 4.75
N ILE A 580 11.93 56.81 3.80
CA ILE A 580 10.65 57.39 3.40
C ILE A 580 9.58 56.31 3.52
N HIS A 581 8.46 56.67 4.15
CA HIS A 581 7.33 55.76 4.34
C HIS A 581 6.05 56.52 4.03
N THR A 582 5.63 56.45 2.77
CA THR A 582 4.42 57.13 2.31
C THR A 582 3.57 56.16 1.50
N GLY A 583 2.28 56.48 1.39
CA GLY A 583 1.36 55.65 0.64
C GLY A 583 1.33 55.99 -0.83
N GLU A 584 0.13 56.19 -1.37
CA GLU A 584 -0.02 56.53 -2.78
C GLU A 584 0.51 57.93 -3.01
N MET A 585 1.61 58.03 -3.76
CA MET A 585 2.27 59.31 -4.04
C MET A 585 2.38 59.51 -5.54
N LYS A 586 1.98 60.70 -6.00
CA LYS A 586 2.06 61.08 -7.40
C LYS A 586 3.19 62.08 -7.61
N GLU A 587 3.30 62.58 -8.84
CA GLU A 587 4.35 63.54 -9.16
C GLU A 587 4.16 64.84 -8.39
N SER A 588 2.90 65.30 -8.27
CA SER A 588 2.64 66.56 -7.57
C SER A 588 2.92 66.47 -6.07
N ASP A 589 2.96 65.26 -5.52
CA ASP A 589 3.18 65.08 -4.08
C ASP A 589 4.68 64.97 -3.77
N TRP A 590 5.42 65.98 -4.22
CA TRP A 590 6.86 66.06 -4.00
C TRP A 590 7.28 67.51 -3.90
N PHE A 591 8.47 67.72 -3.35
CA PHE A 591 9.05 69.05 -3.27
C PHE A 591 10.57 68.91 -3.25
N GLN A 592 11.24 70.03 -3.47
CA GLN A 592 12.66 70.04 -3.84
C GLN A 592 13.54 69.62 -2.66
N MET A 593 14.22 68.49 -2.80
CA MET A 593 15.26 68.05 -1.87
C MET A 593 16.55 67.77 -2.62
N SER A 594 17.63 67.66 -1.87
CA SER A 594 18.93 67.27 -2.40
C SER A 594 19.71 66.56 -1.31
N PHE A 595 20.49 65.56 -1.70
CA PHE A 595 21.34 64.80 -0.78
C PHE A 595 22.67 64.54 -1.46
N PRO A 596 23.57 65.53 -1.41
CA PRO A 596 24.85 65.38 -2.12
C PRO A 596 25.70 64.22 -1.66
N LYS A 597 25.65 63.87 -0.37
CA LYS A 597 26.53 62.85 0.19
C LYS A 597 25.81 61.53 0.48
N ALA A 598 24.57 61.38 0.04
CA ALA A 598 23.84 60.15 0.30
C ALA A 598 24.33 59.03 -0.62
N GLU A 599 24.34 57.81 -0.07
CA GLU A 599 24.73 56.63 -0.82
C GLU A 599 23.68 55.54 -0.85
N VAL A 600 22.59 55.69 -0.10
CA VAL A 600 21.51 54.68 -0.06
C VAL A 600 20.22 55.38 0.34
N LEU A 601 19.10 54.79 -0.07
CA LEU A 601 17.78 55.34 0.23
C LEU A 601 16.78 54.19 0.26
N ILE A 602 15.87 54.25 1.23
CA ILE A 602 14.83 53.23 1.42
C ILE A 602 13.48 53.87 1.15
N LEU A 603 12.68 53.22 0.32
CA LEU A 603 11.34 53.70 -0.04
C LEU A 603 10.34 52.58 0.18
N ASN A 604 9.56 52.68 1.25
CA ASN A 604 8.52 51.71 1.56
C ASN A 604 7.16 52.34 1.28
N PHE A 605 6.34 51.64 0.49
CA PHE A 605 5.05 52.17 0.09
C PHE A 605 4.08 51.02 -0.16
N ALA A 606 2.79 51.36 -0.24
CA ALA A 606 1.73 50.40 -0.49
C ALA A 606 0.70 51.07 -1.39
N SER A 607 0.81 50.82 -2.70
CA SER A 607 -0.11 51.40 -3.67
C SER A 607 -0.01 50.58 -4.96
N SER A 608 -0.84 50.95 -5.93
CA SER A 608 -0.85 50.30 -7.24
C SER A 608 0.07 50.97 -8.25
N VAL A 609 0.34 52.26 -8.09
CA VAL A 609 1.25 53.00 -8.96
C VAL A 609 2.17 53.85 -8.09
N TYR A 610 3.28 54.27 -8.68
CA TYR A 610 4.25 55.10 -7.98
C TYR A 610 5.03 55.92 -8.99
N TYR A 611 5.32 57.17 -8.61
CA TYR A 611 6.12 58.08 -9.41
C TYR A 611 7.41 58.37 -8.67
N LEU A 612 8.53 58.22 -9.36
CA LEU A 612 9.83 58.45 -8.74
C LEU A 612 9.99 59.92 -8.40
N PRO A 613 10.33 60.26 -7.15
CA PRO A 613 10.42 61.67 -6.78
C PRO A 613 11.53 62.35 -7.55
N PRO A 614 11.37 63.65 -7.83
CA PRO A 614 12.42 64.37 -8.59
C PRO A 614 13.77 64.38 -7.89
N PHE A 615 13.79 64.46 -6.55
CA PHE A 615 15.07 64.57 -5.86
C PHE A 615 15.92 63.32 -5.99
N ILE A 616 15.35 62.21 -6.50
CA ILE A 616 16.16 61.04 -6.81
C ILE A 616 17.24 61.36 -7.82
N ALA A 617 17.12 62.49 -8.53
CA ALA A 617 18.15 62.94 -9.45
C ALA A 617 19.18 63.85 -8.77
N THR A 618 19.36 63.74 -7.46
CA THR A 618 20.27 64.60 -6.72
C THR A 618 21.53 63.91 -6.22
N MET A 619 21.44 62.65 -5.83
CA MET A 619 22.61 61.94 -5.32
C MET A 619 23.48 61.51 -6.49
N GLN A 620 24.70 62.04 -6.53
CA GLN A 620 25.67 61.65 -7.56
C GLN A 620 26.47 60.42 -7.17
N ASN A 621 26.35 59.95 -5.93
CA ASN A 621 27.09 58.79 -5.44
C ASN A 621 26.16 57.76 -4.80
N LEU A 622 24.90 57.74 -5.21
CA LEU A 622 23.98 56.73 -4.71
C LEU A 622 24.42 55.34 -5.16
N LYS A 623 24.47 54.41 -4.22
CA LYS A 623 25.01 53.07 -4.48
C LYS A 623 24.00 51.94 -4.32
N ALA A 624 22.88 52.16 -3.64
CA ALA A 624 21.89 51.12 -3.44
C ALA A 624 20.52 51.75 -3.30
N LEU A 625 19.50 51.07 -3.81
CA LEU A 625 18.12 51.52 -3.76
C LEU A 625 17.21 50.38 -3.34
N VAL A 626 16.24 50.68 -2.50
CA VAL A 626 15.28 49.71 -1.99
C VAL A 626 13.88 50.17 -2.37
N LEU A 627 13.12 49.28 -3.01
CA LEU A 627 11.78 49.59 -3.51
C LEU A 627 10.78 48.52 -3.05
N ILE A 628 10.82 48.19 -1.76
CA ILE A 628 9.89 47.21 -1.22
C ILE A 628 8.48 47.80 -1.22
N ASN A 629 7.53 47.04 -1.76
CA ASN A 629 6.14 47.48 -1.87
C ASN A 629 5.25 46.62 -0.99
N TYR A 630 4.43 47.27 -0.16
CA TYR A 630 3.53 46.54 0.76
C TYR A 630 2.19 46.28 0.07
N GLY A 631 1.95 46.93 -1.08
CA GLY A 631 0.68 46.77 -1.76
C GLY A 631 0.36 45.35 -2.13
N THR A 632 -0.85 44.89 -1.80
CA THR A 632 -1.28 43.54 -2.17
C THR A 632 -1.43 43.37 -3.67
N ILE A 633 -1.59 44.46 -4.41
CA ILE A 633 -1.70 44.43 -5.87
C ILE A 633 -0.36 44.82 -6.45
N SER A 634 -0.08 44.29 -7.65
CA SER A 634 1.18 44.61 -8.32
C SER A 634 1.29 46.11 -8.57
N ALA A 635 2.49 46.64 -8.34
CA ALA A 635 2.74 48.07 -8.43
C ALA A 635 3.66 48.38 -9.60
N THR A 636 3.34 49.42 -10.35
CA THR A 636 4.15 49.88 -11.46
C THR A 636 5.05 51.03 -11.04
N LEU A 637 5.92 51.44 -11.95
CA LEU A 637 6.87 52.51 -11.70
C LEU A 637 6.80 53.54 -12.82
N ASP A 638 7.03 54.80 -12.45
CA ASP A 638 7.03 55.91 -13.39
C ASP A 638 8.35 56.66 -13.27
N ASN A 639 8.49 57.70 -14.10
CA ASN A 639 9.71 58.51 -14.14
C ASN A 639 10.94 57.64 -14.42
N LEU A 640 10.89 56.93 -15.54
CA LEU A 640 11.98 56.06 -15.92
C LEU A 640 13.26 56.83 -16.25
N SER A 641 13.12 58.05 -16.75
CA SER A 641 14.29 58.86 -17.08
C SER A 641 15.13 59.14 -15.83
N ALA A 642 14.51 59.13 -14.65
CA ALA A 642 15.26 59.29 -13.42
C ALA A 642 16.32 58.19 -13.26
N PHE A 643 15.99 56.97 -13.69
CA PHE A 643 16.97 55.89 -13.66
C PHE A 643 18.19 56.23 -14.51
N THR A 644 18.00 57.01 -15.58
CA THR A 644 19.14 57.47 -16.36
C THR A 644 20.02 58.40 -15.55
N THR A 645 19.41 59.25 -14.72
CA THR A 645 20.20 60.18 -13.91
C THR A 645 20.98 59.45 -12.83
N LEU A 646 20.52 58.28 -12.41
CA LEU A 646 21.22 57.52 -11.38
C LEU A 646 22.57 57.04 -11.89
N SER A 647 23.62 57.24 -11.09
CA SER A 647 24.96 56.82 -11.44
C SER A 647 25.66 56.27 -10.21
N ASP A 648 26.69 55.45 -10.45
CA ASP A 648 27.47 54.80 -9.39
C ASP A 648 26.59 53.92 -8.50
N LEU A 649 25.48 53.44 -9.04
CA LEU A 649 24.58 52.55 -8.32
C LEU A 649 25.04 51.10 -8.51
N ARG A 650 25.15 50.38 -7.40
CA ARG A 650 25.67 49.02 -7.43
C ARG A 650 24.74 47.97 -6.87
N SER A 651 23.64 48.36 -6.20
CA SER A 651 22.73 47.40 -5.62
C SER A 651 21.30 47.85 -5.86
N LEU A 652 20.39 46.88 -5.93
CA LEU A 652 18.97 47.14 -6.13
C LEU A 652 18.18 45.94 -5.63
N TRP A 653 17.10 46.21 -4.89
CA TRP A 653 16.27 45.17 -4.28
C TRP A 653 14.81 45.54 -4.51
N LEU A 654 14.22 45.00 -5.58
CA LEU A 654 12.83 45.23 -5.89
C LEU A 654 11.96 44.14 -5.27
N GLU A 655 10.73 44.51 -4.92
CA GLU A 655 9.79 43.57 -4.32
C GLU A 655 8.37 44.00 -4.65
N LYS A 656 7.59 43.08 -5.21
CA LYS A 656 6.20 43.34 -5.59
C LYS A 656 6.10 44.54 -6.54
N ILE A 657 7.01 44.61 -7.50
CA ILE A 657 7.05 45.70 -8.48
C ILE A 657 6.98 45.09 -9.87
N THR A 658 6.04 45.59 -10.67
CA THR A 658 5.91 45.17 -12.07
C THR A 658 7.00 45.85 -12.88
N LEU A 659 7.89 45.06 -13.46
CA LEU A 659 9.03 45.62 -14.20
C LEU A 659 8.56 46.18 -15.53
N PRO A 660 8.80 47.47 -15.81
CA PRO A 660 8.42 48.02 -17.11
C PRO A 660 9.29 47.44 -18.20
N PRO A 661 8.79 47.36 -19.43
CA PRO A 661 9.62 46.85 -20.54
C PRO A 661 10.84 47.72 -20.77
N LEU A 662 11.95 47.08 -21.10
CA LEU A 662 13.20 47.79 -21.36
C LEU A 662 13.19 48.31 -22.79
N PRO A 663 13.30 49.61 -23.02
CA PRO A 663 13.25 50.16 -24.38
C PRO A 663 14.59 49.98 -25.08
N LYS A 664 14.67 50.51 -26.30
CA LYS A 664 15.89 50.40 -27.09
C LYS A 664 17.02 51.25 -26.49
N THR A 665 16.69 52.21 -25.64
CA THR A 665 17.70 53.04 -25.00
C THR A 665 18.63 52.19 -24.15
N THR A 666 19.94 52.46 -24.26
CA THR A 666 20.93 51.68 -23.53
C THR A 666 20.76 51.84 -22.02
N ILE A 667 20.94 53.07 -21.54
CA ILE A 667 20.91 53.39 -20.12
C ILE A 667 21.87 52.45 -19.38
N PRO A 668 23.18 52.60 -19.56
CA PRO A 668 24.12 51.62 -19.02
C PRO A 668 24.33 51.78 -17.52
N LEU A 669 23.79 50.83 -16.74
CA LEU A 669 24.07 50.76 -15.31
C LEU A 669 25.36 49.98 -15.10
N LYS A 670 26.47 50.62 -15.45
CA LYS A 670 27.77 49.96 -15.46
C LYS A 670 28.17 49.49 -14.06
N ASN A 671 27.96 50.34 -13.06
CA ASN A 671 28.38 50.02 -11.70
C ASN A 671 27.46 49.01 -11.02
N LEU A 672 26.30 48.72 -11.59
CA LEU A 672 25.37 47.78 -10.97
C LEU A 672 25.97 46.39 -10.95
N ARG A 673 25.88 45.73 -9.79
CA ARG A 673 26.51 44.42 -9.61
C ARG A 673 25.52 43.38 -9.10
N LYS A 674 24.58 43.79 -8.25
CA LYS A 674 23.65 42.87 -7.62
C LYS A 674 22.22 43.36 -7.82
N ILE A 675 21.35 42.47 -8.31
CA ILE A 675 19.93 42.75 -8.45
C ILE A 675 19.16 41.64 -7.74
N SER A 676 18.21 42.02 -6.89
CA SER A 676 17.40 41.07 -6.13
C SER A 676 15.93 41.34 -6.45
N LEU A 677 15.30 40.40 -7.14
CA LEU A 677 13.88 40.48 -7.50
C LEU A 677 13.11 39.42 -6.73
N VAL A 678 12.22 39.86 -5.84
CA VAL A 678 11.42 38.96 -5.02
C VAL A 678 9.95 39.28 -5.28
N LEU A 679 9.18 38.26 -5.65
CA LEU A 679 7.74 38.40 -5.91
C LEU A 679 7.45 39.49 -6.93
N CYS A 680 8.28 39.57 -7.97
CA CYS A 680 8.14 40.57 -9.02
C CYS A 680 7.55 39.93 -10.26
N GLU A 681 6.44 40.49 -10.75
CA GLU A 681 5.78 39.98 -11.94
C GLU A 681 6.34 40.73 -13.15
N LEU A 682 7.20 40.06 -13.90
CA LEU A 682 7.76 40.67 -15.10
C LEU A 682 6.71 40.87 -16.18
N THR A 683 5.69 40.02 -16.22
CA THR A 683 4.61 40.10 -17.19
C THR A 683 5.15 40.08 -18.63
N ASN A 684 6.21 39.29 -18.85
CA ASN A 684 6.85 39.13 -20.15
C ASN A 684 7.37 40.45 -20.72
N SER A 685 7.59 41.45 -19.86
CA SER A 685 8.15 42.71 -20.32
C SER A 685 9.57 42.52 -20.85
N LEU A 686 10.37 41.71 -20.16
CA LEU A 686 11.73 41.43 -20.62
C LEU A 686 11.75 40.47 -21.78
N ARG A 687 10.62 39.81 -22.05
CA ARG A 687 10.53 38.85 -23.18
C ARG A 687 10.63 39.62 -24.50
N GLY A 688 9.88 40.72 -24.62
CA GLY A 688 9.88 41.52 -25.82
C GLY A 688 11.05 42.46 -25.98
N SER A 689 11.82 42.66 -24.91
CA SER A 689 12.98 43.54 -24.97
C SER A 689 14.17 42.79 -25.56
N LYS A 690 14.73 43.33 -26.64
CA LYS A 690 15.88 42.75 -27.31
C LYS A 690 17.02 43.78 -27.25
N VAL A 691 17.75 43.78 -26.14
CA VAL A 691 18.85 44.70 -25.92
C VAL A 691 20.07 43.88 -25.50
N ASP A 692 21.24 44.31 -25.96
CA ASP A 692 22.49 43.64 -25.60
C ASP A 692 22.75 43.83 -24.11
N LEU A 693 22.55 42.77 -23.33
CA LEU A 693 22.73 42.85 -21.89
C LEU A 693 24.19 43.02 -21.47
N SER A 694 25.13 42.84 -22.40
CA SER A 694 26.54 43.06 -22.09
C SER A 694 26.87 44.52 -21.80
N MET A 695 25.99 45.45 -22.16
CA MET A 695 26.20 46.87 -21.91
C MET A 695 25.23 47.45 -20.89
N THR A 696 23.97 47.01 -20.88
CA THR A 696 23.03 47.51 -19.88
C THR A 696 23.43 47.10 -18.47
N PHE A 697 23.85 45.85 -18.29
CA PHE A 697 24.35 45.34 -17.02
C PHE A 697 25.69 44.66 -17.25
N PRO A 698 26.74 45.43 -17.50
CA PRO A 698 28.04 44.81 -17.82
C PRO A 698 28.73 44.19 -16.61
N ARG A 699 28.58 44.78 -15.43
CA ARG A 699 29.24 44.28 -14.23
C ARG A 699 28.30 43.52 -13.31
N LEU A 700 27.12 43.14 -13.81
CA LEU A 700 26.19 42.36 -13.01
C LEU A 700 26.81 41.02 -12.62
N SER A 701 26.74 40.68 -11.34
CA SER A 701 27.34 39.47 -10.82
C SER A 701 26.34 38.50 -10.21
N ASN A 702 25.44 38.98 -9.35
CA ASN A 702 24.47 38.14 -8.66
C ASN A 702 23.07 38.50 -9.12
N LEU A 703 22.32 37.50 -9.56
CA LEU A 703 20.92 37.67 -9.94
C LEU A 703 20.08 36.68 -9.15
N THR A 704 19.00 37.17 -8.55
CA THR A 704 18.14 36.35 -7.70
C THR A 704 16.68 36.60 -8.08
N ILE A 705 16.01 35.56 -8.54
CA ILE A 705 14.58 35.59 -8.84
C ILE A 705 13.87 34.68 -7.84
N ASP A 706 13.02 35.27 -7.01
CA ASP A 706 12.36 34.54 -5.93
C ASP A 706 10.85 34.72 -6.05
N HIS A 707 10.12 33.60 -5.97
CA HIS A 707 8.66 33.58 -5.96
C HIS A 707 8.08 34.28 -7.19
N CYS A 708 8.68 34.03 -8.34
CA CYS A 708 8.15 34.58 -9.59
C CYS A 708 6.94 33.76 -10.01
N ILE A 709 5.74 34.33 -9.83
CA ILE A 709 4.52 33.57 -10.08
C ILE A 709 4.36 33.23 -11.55
N ASP A 710 4.59 34.18 -12.44
CA ASP A 710 4.39 33.99 -13.87
C ASP A 710 5.73 34.15 -14.59
N LEU A 711 6.34 33.03 -14.97
CA LEU A 711 7.58 33.05 -15.74
C LEU A 711 7.72 31.77 -16.55
N LYS A 712 7.39 31.84 -17.85
CA LYS A 712 7.44 30.65 -18.68
C LYS A 712 8.87 30.18 -18.92
N GLU A 713 9.74 31.11 -19.31
CA GLU A 713 11.13 30.77 -19.62
C GLU A 713 11.98 32.03 -19.57
N LEU A 714 13.17 31.91 -18.99
CA LEU A 714 14.09 33.04 -18.95
C LEU A 714 14.61 33.35 -20.36
N PRO A 715 14.81 34.64 -20.67
CA PRO A 715 15.35 34.99 -21.98
C PRO A 715 16.79 34.53 -22.14
N SER A 716 17.16 34.25 -23.40
CA SER A 716 18.52 33.81 -23.68
C SER A 716 19.54 34.93 -23.54
N SER A 717 19.09 36.19 -23.51
CA SER A 717 20.02 37.31 -23.41
C SER A 717 20.81 37.27 -22.11
N ILE A 718 20.23 36.70 -21.05
CA ILE A 718 20.94 36.59 -19.78
C ILE A 718 22.16 35.70 -19.90
N CYS A 719 22.22 34.87 -20.95
CA CYS A 719 23.40 34.03 -21.18
C CYS A 719 24.53 34.80 -21.87
N GLU A 720 24.31 36.04 -22.27
CA GLU A 720 25.33 36.84 -22.93
C GLU A 720 26.10 37.72 -21.96
N ILE A 721 25.84 37.62 -20.66
CA ILE A 721 26.54 38.40 -19.65
C ILE A 721 27.61 37.52 -19.02
N SER A 722 28.87 37.76 -19.37
CA SER A 722 29.96 36.94 -18.86
C SER A 722 30.28 37.26 -17.40
N SER A 723 29.92 38.44 -16.91
CA SER A 723 30.23 38.83 -15.54
C SER A 723 29.36 38.11 -14.52
N LEU A 724 28.30 37.42 -14.94
CA LEU A 724 27.45 36.73 -14.01
C LEU A 724 28.21 35.59 -13.33
N GLU A 725 28.04 35.48 -12.01
CA GLU A 725 28.73 34.47 -11.23
C GLU A 725 27.84 33.75 -10.23
N SER A 726 26.58 34.16 -10.08
CA SER A 726 25.68 33.53 -9.11
C SER A 726 24.25 33.74 -9.59
N ILE A 727 23.62 32.67 -10.05
CA ILE A 727 22.22 32.68 -10.47
C ILE A 727 21.41 31.89 -9.45
N SER A 728 20.32 32.49 -8.96
CA SER A 728 19.49 31.86 -7.93
C SER A 728 18.02 32.07 -8.31
N ILE A 729 17.40 31.01 -8.81
CA ILE A 729 15.96 31.02 -9.11
C ILE A 729 15.27 30.20 -8.03
N SER A 730 14.34 30.83 -7.31
CA SER A 730 13.71 30.21 -6.15
C SER A 730 12.19 30.30 -6.27
N ASN A 731 11.52 29.19 -5.96
CA ASN A 731 10.05 29.14 -5.86
C ASN A 731 9.37 29.64 -7.13
N CYS A 732 9.88 29.21 -8.28
CA CYS A 732 9.28 29.51 -9.58
C CYS A 732 8.61 28.25 -10.09
N HIS A 733 7.28 28.25 -10.09
CA HIS A 733 6.50 27.07 -10.46
C HIS A 733 6.12 27.04 -11.93
N ASP A 734 6.56 28.01 -12.71
CA ASP A 734 6.25 28.07 -14.14
C ASP A 734 7.47 27.92 -15.04
N LEU A 735 8.68 27.94 -14.48
CA LEU A 735 9.90 27.82 -15.28
C LEU A 735 9.99 26.39 -15.81
N THR A 736 9.69 26.21 -17.09
CA THR A 736 9.66 24.87 -17.67
C THR A 736 11.06 24.40 -18.05
N GLU A 737 11.82 25.23 -18.74
CA GLU A 737 13.15 24.84 -19.21
C GLU A 737 14.12 26.00 -19.04
N LEU A 738 15.33 25.68 -18.62
CA LEU A 738 16.40 26.67 -18.57
C LEU A 738 16.88 26.99 -19.99
N PRO A 739 17.50 28.15 -20.18
CA PRO A 739 18.04 28.48 -21.51
C PRO A 739 19.06 27.44 -21.96
N TYR A 740 19.01 27.12 -23.26
CA TYR A 740 19.86 26.06 -23.80
C TYR A 740 21.34 26.43 -23.72
N GLU A 741 21.69 27.66 -24.05
CA GLU A 741 23.09 28.08 -24.09
C GLU A 741 23.52 28.68 -22.75
N LEU A 742 23.34 27.89 -21.70
CA LEU A 742 23.72 28.32 -20.36
C LEU A 742 25.22 28.27 -20.13
N GLY A 743 25.97 27.56 -20.98
CA GLY A 743 27.40 27.42 -20.81
C GLY A 743 28.23 28.60 -21.28
N LYS A 744 27.59 29.60 -21.92
CA LYS A 744 28.33 30.77 -22.39
C LYS A 744 28.80 31.67 -21.27
N LEU A 745 28.30 31.49 -20.05
CA LEU A 745 28.71 32.35 -18.93
C LEU A 745 30.20 32.18 -18.64
N HIS A 746 30.67 30.95 -18.57
CA HIS A 746 32.07 30.59 -18.34
C HIS A 746 32.64 31.25 -17.08
N CYS A 747 31.76 31.77 -16.23
CA CYS A 747 32.17 32.35 -14.96
C CYS A 747 31.28 31.96 -13.78
N LEU A 748 30.18 31.25 -14.01
CA LEU A 748 29.27 30.89 -12.94
C LEU A 748 29.96 29.97 -11.93
N SER A 749 29.77 30.26 -10.66
CA SER A 749 30.33 29.46 -9.57
C SER A 749 29.28 28.87 -8.65
N ILE A 750 28.14 29.53 -8.47
CA ILE A 750 27.07 29.05 -7.62
C ILE A 750 25.78 29.06 -8.44
N LEU A 751 25.18 27.89 -8.62
CA LEU A 751 23.91 27.75 -9.31
C LEU A 751 22.90 27.17 -8.33
N ARG A 752 21.85 27.93 -8.05
CA ARG A 752 20.83 27.56 -7.05
C ARG A 752 19.45 27.64 -7.70
N VAL A 753 19.03 26.55 -8.32
CA VAL A 753 17.69 26.44 -8.90
C VAL A 753 16.94 25.40 -8.08
N TYR A 754 16.08 25.88 -7.19
CA TYR A 754 15.32 25.00 -6.30
C TYR A 754 13.86 25.44 -6.24
N ALA A 755 13.01 24.49 -5.87
CA ALA A 755 11.55 24.70 -5.82
C ALA A 755 11.01 25.13 -7.18
N CYS A 756 11.33 24.33 -8.20
CA CYS A 756 10.88 24.57 -9.57
C CYS A 756 10.27 23.28 -10.11
N PRO A 757 9.02 23.00 -9.75
CA PRO A 757 8.38 21.76 -10.21
C PRO A 757 8.27 21.66 -11.73
N ALA A 758 8.09 22.78 -12.43
CA ALA A 758 7.91 22.75 -13.88
C ALA A 758 9.17 22.28 -14.59
N LEU A 759 10.34 22.57 -14.03
CA LEU A 759 11.59 22.15 -14.65
C LEU A 759 11.70 20.64 -14.65
N TRP A 760 12.10 20.08 -15.79
CA TRP A 760 12.20 18.63 -15.95
C TRP A 760 13.58 18.16 -16.42
N ARG A 761 14.29 18.95 -17.20
CA ARG A 761 15.62 18.58 -17.68
C ARG A 761 16.56 19.75 -17.55
N LEU A 762 17.85 19.44 -17.40
CA LEU A 762 18.90 20.44 -17.35
C LEU A 762 19.59 20.56 -18.70
N PRO A 763 19.89 21.78 -19.14
CA PRO A 763 20.55 21.96 -20.44
C PRO A 763 21.92 21.29 -20.46
N PRO A 764 22.29 20.66 -21.58
CA PRO A 764 23.62 20.05 -21.66
C PRO A 764 24.76 21.03 -21.50
N SER A 765 24.54 22.30 -21.88
CA SER A 765 25.61 23.29 -21.80
C SER A 765 26.11 23.49 -20.37
N VAL A 766 25.30 23.16 -19.37
CA VAL A 766 25.73 23.27 -17.98
C VAL A 766 26.94 22.37 -17.70
N CYS A 767 27.12 21.32 -18.51
CA CYS A 767 28.32 20.50 -18.39
C CYS A 767 29.57 21.29 -18.73
N SER A 768 29.50 22.15 -19.74
CA SER A 768 30.63 22.99 -20.14
C SER A 768 30.62 24.32 -19.39
N LEU A 769 30.58 24.24 -18.06
CA LEU A 769 30.57 25.41 -17.18
C LEU A 769 31.65 25.21 -16.13
N LYS A 770 32.86 25.68 -16.44
CA LYS A 770 33.97 25.55 -15.50
C LYS A 770 33.79 26.52 -14.33
N ARG A 771 34.62 26.33 -13.31
CA ARG A 771 34.66 27.10 -12.07
C ARG A 771 33.43 26.93 -11.21
N LEU A 772 32.49 26.07 -11.60
CA LEU A 772 31.31 25.82 -10.79
C LEU A 772 31.70 25.08 -9.51
N LYS A 773 31.12 25.52 -8.38
CA LYS A 773 31.45 24.93 -7.09
C LYS A 773 30.24 24.55 -6.25
N TYR A 774 29.07 25.13 -6.49
CA TYR A 774 27.88 24.84 -5.70
C TYR A 774 26.68 24.70 -6.64
N LEU A 775 26.20 23.47 -6.81
CA LEU A 775 25.03 23.19 -7.62
C LEU A 775 23.88 22.78 -6.71
N ASP A 776 22.74 23.45 -6.85
CA ASP A 776 21.57 23.20 -6.01
C ASP A 776 20.38 22.91 -6.90
N ILE A 777 19.86 21.69 -6.83
CA ILE A 777 18.68 21.28 -7.56
C ILE A 777 17.66 20.71 -6.60
N SER A 778 17.69 21.18 -5.35
CA SER A 778 16.81 20.66 -4.31
C SER A 778 15.35 20.98 -4.62
N GLN A 779 14.47 20.12 -4.12
CA GLN A 779 13.01 20.27 -4.26
C GLN A 779 12.56 20.26 -5.72
N CYS A 780 13.39 19.74 -6.62
CA CYS A 780 12.99 19.56 -8.02
C CYS A 780 12.25 18.24 -8.13
N VAL A 781 10.94 18.29 -7.91
CA VAL A 781 10.15 17.07 -7.83
C VAL A 781 10.10 16.33 -9.15
N ASN A 782 10.07 17.06 -10.27
CA ASN A 782 9.90 16.46 -11.59
C ASN A 782 11.18 16.51 -12.42
N LEU A 783 12.33 16.30 -11.78
CA LEU A 783 13.60 16.25 -12.47
C LEU A 783 13.85 14.81 -12.92
N THR A 784 13.72 14.56 -14.22
CA THR A 784 13.81 13.20 -14.74
C THR A 784 15.21 12.62 -14.56
N ASP A 785 16.24 13.34 -15.00
CA ASP A 785 17.59 12.83 -14.94
C ASP A 785 18.58 13.98 -15.10
N LEU A 786 19.82 13.71 -14.71
CA LEU A 786 20.94 14.63 -14.85
C LEU A 786 21.62 14.45 -16.20
N PRO A 787 22.29 15.49 -16.71
CA PRO A 787 23.00 15.34 -17.99
C PRO A 787 24.09 14.29 -17.90
N GLU A 788 24.31 13.60 -19.03
CA GLU A 788 25.26 12.49 -19.06
C GLU A 788 26.71 12.96 -19.04
N GLU A 789 26.97 14.22 -19.36
CA GLU A 789 28.33 14.77 -19.38
C GLU A 789 28.67 15.50 -18.09
N LEU A 790 28.14 15.05 -16.96
CA LEU A 790 28.40 15.69 -15.68
C LEU A 790 29.87 15.57 -15.27
N GLY A 791 30.61 14.62 -15.85
CA GLY A 791 32.00 14.43 -15.47
C GLY A 791 32.87 15.64 -15.76
N HIS A 792 32.55 16.39 -16.82
CA HIS A 792 33.32 17.57 -17.17
C HIS A 792 33.19 18.69 -16.14
N LEU A 793 32.23 18.61 -15.22
CA LEU A 793 32.01 19.64 -14.21
C LEU A 793 33.09 19.52 -13.14
N THR A 794 34.29 19.96 -13.48
CA THR A 794 35.40 19.93 -12.55
C THR A 794 35.24 21.02 -11.49
N SER A 795 36.01 20.88 -10.41
CA SER A 795 36.04 21.81 -9.28
C SER A 795 34.70 21.90 -8.55
N LEU A 796 33.77 21.00 -8.84
CA LEU A 796 32.50 20.99 -8.12
C LEU A 796 32.70 20.47 -6.71
N GLU A 797 32.12 21.16 -5.73
CA GLU A 797 32.34 20.83 -4.33
C GLU A 797 31.10 20.35 -3.61
N LYS A 798 29.95 20.99 -3.82
CA LYS A 798 28.73 20.64 -3.11
C LYS A 798 27.57 20.50 -4.09
N ILE A 799 26.81 19.42 -3.96
CA ILE A 799 25.62 19.18 -4.76
C ILE A 799 24.45 18.94 -3.83
N ASP A 800 23.36 19.67 -4.04
CA ASP A 800 22.15 19.54 -3.24
C ASP A 800 21.02 19.07 -4.15
N MET A 801 20.57 17.84 -3.94
CA MET A 801 19.49 17.24 -4.72
C MET A 801 18.42 16.67 -3.81
N ARG A 802 18.16 17.35 -2.71
CA ARG A 802 17.16 16.88 -1.75
C ARG A 802 15.75 16.97 -2.35
N GLU A 803 14.92 16.00 -1.99
CA GLU A 803 13.52 15.94 -2.43
C GLU A 803 13.39 15.80 -3.95
N CYS A 804 14.34 15.10 -4.57
CA CYS A 804 14.27 14.79 -6.00
C CYS A 804 13.76 13.35 -6.14
N SER A 805 12.44 13.21 -5.95
CA SER A 805 11.83 11.88 -5.98
C SER A 805 11.92 11.24 -7.36
N ARG A 806 11.69 12.02 -8.42
CA ARG A 806 11.72 11.47 -9.76
C ARG A 806 13.12 11.02 -10.16
N LEU A 807 14.14 11.77 -9.75
CA LEU A 807 15.52 11.42 -10.09
C LEU A 807 15.91 10.13 -9.39
N ARG A 808 16.09 9.06 -10.16
CA ARG A 808 16.45 7.76 -9.62
C ARG A 808 17.61 7.11 -10.40
N SER A 809 18.26 7.88 -11.26
CA SER A 809 19.39 7.38 -12.05
C SER A 809 20.48 8.43 -12.09
N LEU A 810 21.73 7.98 -12.01
CA LEU A 810 22.87 8.88 -12.05
C LEU A 810 23.79 8.53 -13.22
N PRO A 811 24.29 9.52 -13.95
CA PRO A 811 25.22 9.22 -15.06
C PRO A 811 26.52 8.64 -14.54
N ARG A 812 27.13 7.79 -15.39
CA ARG A 812 28.39 7.18 -15.03
C ARG A 812 29.51 8.20 -14.89
N SER A 813 29.45 9.28 -15.67
CA SER A 813 30.49 10.31 -15.61
C SER A 813 30.60 10.95 -14.23
N SER A 814 29.56 10.84 -13.40
CA SER A 814 29.63 11.34 -12.04
C SER A 814 30.72 10.65 -11.23
N SER A 815 31.13 9.45 -11.64
CA SER A 815 32.23 8.76 -10.97
C SER A 815 33.58 9.42 -11.23
N SER A 816 33.67 10.31 -12.22
CA SER A 816 34.92 10.97 -12.55
C SER A 816 35.08 12.33 -11.87
N LEU A 817 34.14 12.72 -11.01
CA LEU A 817 34.22 14.00 -10.31
C LEU A 817 35.20 13.86 -9.14
N LYS A 818 36.45 14.21 -9.41
CA LYS A 818 37.51 14.09 -8.41
C LYS A 818 37.61 15.31 -7.51
N SER A 819 36.56 16.13 -7.43
CA SER A 819 36.56 17.31 -6.58
C SER A 819 35.39 17.36 -5.60
N LEU A 820 34.41 16.47 -5.71
CA LEU A 820 33.27 16.48 -4.80
C LEU A 820 33.73 16.12 -3.39
N GLY A 821 33.24 16.87 -2.41
CA GLY A 821 33.61 16.63 -1.02
C GLY A 821 32.44 16.56 -0.07
N HIS A 822 31.26 16.97 -0.52
CA HIS A 822 30.07 16.97 0.33
C HIS A 822 28.83 16.98 -0.54
N VAL A 823 27.94 16.01 -0.32
CA VAL A 823 26.70 15.88 -1.06
C VAL A 823 25.56 15.73 -0.06
N VAL A 824 24.54 16.57 -0.21
CA VAL A 824 23.33 16.50 0.62
C VAL A 824 22.20 15.95 -0.25
N CYS A 825 21.60 14.86 0.19
CA CYS A 825 20.57 14.20 -0.59
C CYS A 825 19.76 13.28 0.33
N ASP A 826 18.66 12.75 -0.21
CA ASP A 826 17.80 11.86 0.53
C ASP A 826 18.42 10.46 0.60
N GLU A 827 17.72 9.55 1.27
CA GLU A 827 18.23 8.20 1.44
C GLU A 827 18.15 7.39 0.16
N GLU A 828 17.19 7.71 -0.73
CA GLU A 828 17.02 6.94 -1.96
C GLU A 828 18.24 7.08 -2.86
N THR A 829 18.78 8.29 -2.99
CA THR A 829 19.96 8.52 -3.83
C THR A 829 21.26 8.11 -3.14
N ALA A 830 21.21 7.77 -1.86
CA ALA A 830 22.42 7.30 -1.18
C ALA A 830 22.91 5.99 -1.81
N LEU A 831 21.99 5.10 -2.17
CA LEU A 831 22.38 3.88 -2.85
C LEU A 831 23.05 4.18 -4.19
N LEU A 832 22.54 5.18 -4.92
CA LEU A 832 23.16 5.58 -6.18
C LEU A 832 24.56 6.13 -5.97
N TRP A 833 24.73 6.97 -4.94
CA TRP A 833 26.03 7.54 -4.64
C TRP A 833 27.00 6.56 -3.99
N ARG A 834 26.49 5.40 -3.55
CA ARG A 834 27.36 4.38 -2.97
C ARG A 834 28.42 3.91 -3.97
N GLU A 835 28.12 3.93 -5.27
CA GLU A 835 29.12 3.55 -6.26
C GLU A 835 30.16 4.63 -6.44
N ALA A 836 29.75 5.90 -6.42
CA ALA A 836 30.69 7.00 -6.64
C ALA A 836 31.57 7.26 -5.42
N GLU A 837 31.07 7.00 -4.20
CA GLU A 837 31.85 7.26 -3.01
C GLU A 837 33.07 6.35 -2.88
N GLN A 838 33.07 5.21 -3.58
CA GLN A 838 34.24 4.34 -3.54
C GLN A 838 35.38 4.92 -4.37
N VAL A 839 35.06 5.47 -5.54
CA VAL A 839 36.10 6.04 -6.40
C VAL A 839 36.68 7.32 -5.77
N ILE A 840 35.82 8.16 -5.22
CA ILE A 840 36.23 9.45 -4.65
C ILE A 840 36.31 9.28 -3.13
N PRO A 841 37.50 9.31 -2.53
CA PRO A 841 37.59 9.00 -1.09
C PRO A 841 36.99 10.07 -0.20
N ASP A 842 37.24 11.34 -0.48
CA ASP A 842 36.79 12.42 0.39
C ASP A 842 35.30 12.72 0.26
N LEU A 843 34.62 12.10 -0.70
CA LEU A 843 33.19 12.35 -0.86
C LEU A 843 32.42 11.90 0.37
N ARG A 844 31.52 12.76 0.83
CA ARG A 844 30.68 12.49 2.00
C ARG A 844 29.22 12.69 1.62
N VAL A 845 28.38 11.72 1.97
CA VAL A 845 26.95 11.75 1.66
C VAL A 845 26.19 11.96 2.97
N GLN A 846 25.38 13.00 3.02
CA GLN A 846 24.57 13.33 4.19
C GLN A 846 23.11 13.11 3.87
N VAL A 847 22.42 12.34 4.70
CA VAL A 847 21.00 12.05 4.52
C VAL A 847 20.20 13.06 5.32
N ALA A 848 19.30 13.76 4.65
CA ALA A 848 18.45 14.77 5.26
C ALA A 848 16.99 14.44 5.03
N GLU A 849 16.17 14.62 6.06
CA GLU A 849 14.74 14.34 5.99
C GLU A 849 13.96 15.65 5.91
N GLU A 850 12.76 15.56 5.34
CA GLU A 850 11.92 16.74 5.20
C GLU A 850 11.44 17.22 6.55
N CYS A 851 11.42 18.54 6.73
CA CYS A 851 10.97 19.18 7.96
C CYS A 851 9.76 20.06 7.66
N TYR A 852 8.74 19.96 8.50
CA TYR A 852 7.50 20.70 8.33
C TYR A 852 7.41 21.79 9.39
N ASN A 853 7.07 23.00 8.96
CA ASN A 853 6.95 24.15 9.88
C ASN A 853 5.72 24.98 9.50
N LEU A 854 5.33 25.95 10.34
CA LEU A 854 4.14 26.78 10.07
C LEU A 854 4.58 28.24 9.92
N ASP A 855 5.78 28.48 9.40
CA ASP A 855 6.28 29.87 9.20
C ASP A 855 5.58 30.49 7.99
N TRP A 856 5.17 29.67 7.02
CA TRP A 856 4.54 30.23 5.79
C TRP A 856 3.36 31.12 6.18
N LEU A 857 2.64 30.76 7.24
CA LEU A 857 1.47 31.56 7.70
C LEU A 857 1.96 32.83 8.39
N VAL A 858 3.08 32.77 9.10
CA VAL A 858 3.56 33.94 9.90
C VAL A 858 3.42 35.22 9.07
N ASP A 859 4.13 35.31 7.95
CA ASP A 859 4.12 36.54 7.12
C ASP A 859 2.73 37.19 7.21
N PRO B 2 17.64 -24.13 18.49
CA PRO B 2 16.68 -24.77 19.40
C PRO B 2 17.35 -25.76 20.35
N ALA B 3 18.00 -25.24 21.40
CA ALA B 3 18.65 -26.11 22.38
C ALA B 3 17.65 -26.94 23.18
N ALA B 4 16.40 -26.50 23.27
CA ALA B 4 15.37 -27.25 23.98
C ALA B 4 14.98 -28.52 23.26
N ALA B 5 15.37 -28.69 22.00
CA ALA B 5 15.04 -29.91 21.27
C ALA B 5 15.71 -31.13 21.92
N ALA B 6 16.94 -30.97 22.37
CA ALA B 6 17.63 -32.06 23.05
C ALA B 6 16.89 -32.44 24.33
N LEU B 7 16.74 -33.75 24.54
CA LEU B 7 15.98 -34.26 25.68
C LEU B 7 16.93 -34.52 26.85
N SER B 8 16.64 -33.93 28.00
CA SER B 8 17.43 -34.16 29.19
C SER B 8 17.21 -35.59 29.71
N ASP B 9 18.15 -36.04 30.55
CA ASP B 9 18.08 -37.41 31.07
C ASP B 9 16.80 -37.64 31.85
N ASP B 10 16.34 -36.62 32.59
CA ASP B 10 15.07 -36.75 33.31
C ASP B 10 13.90 -36.92 32.34
N ASP B 11 13.91 -36.18 31.23
CA ASP B 11 12.83 -36.28 30.26
C ASP B 11 12.78 -37.66 29.61
N ARG B 12 13.95 -38.23 29.28
CA ARG B 12 13.98 -39.54 28.65
C ARG B 12 13.42 -40.62 29.57
N LEU B 13 13.75 -40.55 30.86
CA LEU B 13 13.21 -41.52 31.81
C LEU B 13 11.70 -41.41 31.92
N VAL B 14 11.17 -40.18 31.89
CA VAL B 14 9.72 -39.99 31.95
C VAL B 14 9.06 -40.58 30.70
N VAL B 15 9.66 -40.36 29.53
CA VAL B 15 9.09 -40.88 28.29
C VAL B 15 9.07 -42.40 28.31
N ALA B 16 10.15 -43.02 28.81
CA ALA B 16 10.20 -44.47 28.88
C ALA B 16 9.10 -45.01 29.81
N HIS B 17 8.86 -44.34 30.93
CA HIS B 17 7.79 -44.76 31.83
C HIS B 17 6.43 -44.64 31.16
N CYS B 18 6.21 -43.56 30.41
CA CYS B 18 4.93 -43.37 29.74
C CYS B 18 4.69 -44.44 28.67
N ALA B 19 5.75 -44.86 27.98
CA ALA B 19 5.61 -45.86 26.94
C ALA B 19 5.14 -47.20 27.50
N ALA B 20 5.67 -47.57 28.68
CA ALA B 20 5.27 -48.84 29.30
C ALA B 20 3.79 -48.84 29.66
N LEU B 21 3.30 -47.72 30.21
CA LEU B 21 1.88 -47.64 30.58
C LEU B 21 0.98 -47.67 29.35
N SER B 22 1.39 -46.98 28.28
CA SER B 22 0.58 -46.94 27.07
C SER B 22 0.46 -48.32 26.43
N PHE B 23 1.59 -49.02 26.34
CA PHE B 23 1.59 -50.35 25.69
C PHE B 23 1.91 -51.42 26.73
N PRO B 24 0.94 -51.82 27.57
CA PRO B 24 1.20 -52.79 28.64
C PRO B 24 1.60 -54.14 28.03
N PRO B 25 2.49 -54.92 28.69
CA PRO B 25 2.85 -56.25 28.20
C PRO B 25 1.63 -57.18 28.13
N ALA B 46 -12.12 -42.04 28.78
CA ALA B 46 -13.21 -42.58 29.58
C ALA B 46 -12.70 -43.03 30.95
N SER B 47 -12.21 -44.27 31.02
CA SER B 47 -11.69 -44.84 32.27
C SER B 47 -10.20 -44.48 32.38
N PHE B 48 -9.95 -43.26 32.83
CA PHE B 48 -8.58 -42.81 33.01
C PHE B 48 -7.89 -43.57 34.13
N GLN B 49 -6.61 -43.82 33.97
CA GLN B 49 -5.80 -44.57 34.93
C GLN B 49 -4.76 -43.67 35.56
N VAL B 50 -4.52 -43.86 36.85
CA VAL B 50 -3.56 -43.07 37.61
C VAL B 50 -2.39 -43.98 37.99
N HIS B 51 -1.18 -43.55 37.63
CA HIS B 51 0.04 -44.27 37.97
C HIS B 51 0.99 -43.31 38.66
N HIS B 52 1.52 -43.72 39.81
CA HIS B 52 2.42 -42.91 40.60
C HIS B 52 3.82 -43.49 40.56
N ALA B 53 4.81 -42.66 40.23
CA ALA B 53 6.20 -43.08 40.18
C ALA B 53 7.08 -41.98 40.76
N SER B 54 8.15 -42.40 41.43
CA SER B 54 9.10 -41.48 42.05
C SER B 54 10.42 -41.40 41.30
N HIS B 55 10.51 -42.00 40.12
CA HIS B 55 11.73 -42.02 39.34
C HIS B 55 11.53 -41.28 38.02
N PRO B 56 12.38 -40.31 37.68
CA PRO B 56 13.52 -39.82 38.47
C PRO B 56 13.11 -38.86 39.57
N TYR B 57 11.91 -38.29 39.48
CA TYR B 57 11.33 -37.45 40.51
C TYR B 57 9.88 -37.89 40.72
N PRO B 58 9.31 -37.62 41.89
CA PRO B 58 7.91 -37.98 42.12
C PRO B 58 6.99 -37.39 41.06
N CYS B 59 6.14 -38.23 40.48
CA CYS B 59 5.30 -37.83 39.37
C CYS B 59 4.03 -38.67 39.36
N ALA B 60 3.01 -38.15 38.69
CA ALA B 60 1.74 -38.85 38.51
C ALA B 60 1.40 -38.88 37.03
N ALA B 61 1.06 -40.07 36.53
CA ALA B 61 0.75 -40.28 35.13
C ALA B 61 -0.72 -40.57 34.96
N PHE B 62 -1.35 -39.88 34.01
CA PHE B 62 -2.77 -40.06 33.69
C PHE B 62 -2.87 -40.62 32.28
N ALA B 63 -3.30 -41.87 32.16
CA ALA B 63 -3.43 -42.53 30.87
C ALA B 63 -4.88 -42.48 30.38
N PHE B 64 -5.02 -42.34 29.07
CA PHE B 64 -6.32 -42.24 28.43
C PHE B 64 -6.49 -43.39 27.43
N PRO B 65 -7.54 -44.21 27.56
CA PRO B 65 -7.72 -45.31 26.62
C PRO B 65 -8.05 -44.79 25.24
N PRO B 66 -7.68 -45.51 24.19
CA PRO B 66 -7.99 -45.08 22.82
C PRO B 66 -9.43 -45.42 22.46
N SER B 67 -9.84 -44.94 21.29
CA SER B 67 -11.16 -45.18 20.75
C SER B 67 -11.04 -45.88 19.41
N TRP B 68 -11.83 -46.93 19.21
CA TRP B 68 -11.81 -47.72 17.98
C TRP B 68 -13.16 -47.68 17.27
N SER B 69 -13.88 -46.58 17.41
CA SER B 69 -15.18 -46.39 16.76
C SER B 69 -15.15 -45.12 15.93
N ALA B 70 -15.53 -45.24 14.66
CA ALA B 70 -15.55 -44.08 13.78
C ALA B 70 -16.57 -43.05 14.23
N ALA B 71 -17.75 -43.51 14.64
CA ALA B 71 -18.81 -42.62 15.12
C ALA B 71 -19.39 -43.19 16.40
N PRO B 72 -19.54 -42.38 17.45
CA PRO B 72 -19.16 -40.96 17.56
C PRO B 72 -17.75 -40.79 18.13
N GLY B 73 -16.96 -41.86 18.18
CA GLY B 73 -15.64 -41.77 18.78
C GLY B 73 -14.71 -40.83 18.01
N TRP B 74 -14.70 -40.96 16.68
CA TRP B 74 -13.84 -40.14 15.83
C TRP B 74 -14.60 -39.01 15.15
N ALA B 75 -15.70 -39.32 14.49
CA ALA B 75 -16.51 -38.33 13.80
C ALA B 75 -17.91 -38.33 14.39
N ALA B 76 -18.40 -37.16 14.80
CA ALA B 76 -19.72 -37.05 15.38
C ALA B 76 -20.77 -36.91 14.28
N ALA B 77 -22.01 -36.69 14.66
CA ALA B 77 -23.12 -36.54 13.70
C ALA B 77 -23.29 -35.06 13.40
N GLY B 78 -22.81 -34.63 12.23
CA GLY B 78 -22.92 -33.25 11.83
C GLY B 78 -22.71 -33.10 10.35
N ARG B 79 -23.20 -31.98 9.80
CA ARG B 79 -23.08 -31.71 8.37
C ARG B 79 -21.67 -31.31 7.97
N ALA B 80 -20.80 -31.00 8.93
CA ALA B 80 -19.42 -30.65 8.60
C ALA B 80 -18.69 -31.85 8.02
N ALA B 81 -17.87 -31.60 7.00
CA ALA B 81 -17.14 -32.67 6.33
C ALA B 81 -15.85 -33.04 7.04
N PHE B 82 -15.49 -32.34 8.11
CA PHE B 82 -14.26 -32.64 8.84
C PHE B 82 -14.47 -32.77 10.34
N GLY B 83 -15.69 -32.60 10.83
CA GLY B 83 -15.95 -32.75 12.26
C GLY B 83 -15.25 -31.73 13.13
N ASP B 84 -15.24 -30.47 12.70
CA ASP B 84 -14.59 -29.40 13.45
C ASP B 84 -15.63 -28.55 14.16
N ALA B 85 -15.32 -28.17 15.40
CA ALA B 85 -16.23 -27.35 16.20
C ALA B 85 -15.42 -26.35 17.00
N GLU B 86 -16.08 -25.27 17.41
CA GLU B 86 -15.42 -24.22 18.16
C GLU B 86 -15.11 -24.70 19.58
N VAL B 87 -14.10 -24.07 20.18
CA VAL B 87 -13.64 -24.43 21.51
C VAL B 87 -14.46 -23.69 22.55
N ASP B 88 -14.67 -24.33 23.70
CA ASP B 88 -15.45 -23.72 24.78
C ASP B 88 -14.65 -22.58 25.40
N PRO B 89 -15.17 -21.35 25.38
CA PRO B 89 -14.42 -20.23 25.99
C PRO B 89 -14.14 -20.42 27.47
N SER B 90 -15.06 -21.04 28.22
CA SER B 90 -14.87 -21.18 29.66
C SER B 90 -13.71 -22.13 29.97
N LEU B 91 -13.63 -23.25 29.25
CA LEU B 91 -12.58 -24.23 29.54
C LEU B 91 -11.23 -23.75 29.03
N PHE B 92 -11.18 -23.14 27.85
CA PHE B 92 -9.94 -22.71 27.21
C PHE B 92 -10.07 -21.24 26.83
N PRO B 93 -9.90 -20.34 27.80
CA PRO B 93 -10.04 -18.90 27.50
C PRO B 93 -8.90 -18.30 26.70
N SER B 94 -7.75 -18.97 26.63
CA SER B 94 -6.59 -18.41 25.93
C SER B 94 -6.44 -18.93 24.50
N LEU B 95 -7.14 -20.00 24.13
CA LEU B 95 -7.03 -20.58 22.79
C LEU B 95 -7.87 -19.75 21.82
N ARG B 96 -7.37 -18.55 21.52
CA ARG B 96 -8.03 -17.64 20.61
C ARG B 96 -7.00 -16.66 20.06
N SER B 97 -7.34 -16.04 18.94
CA SER B 97 -6.47 -15.02 18.36
C SER B 97 -6.56 -13.74 19.17
N VAL B 98 -5.41 -13.26 19.64
CA VAL B 98 -5.40 -12.07 20.49
C VAL B 98 -5.79 -10.84 19.69
N GLY B 99 -5.25 -10.71 18.48
CA GLY B 99 -5.51 -9.52 17.68
C GLY B 99 -6.95 -9.40 17.22
N SER B 100 -7.54 -10.51 16.74
CA SER B 100 -8.86 -10.46 16.13
C SER B 100 -9.97 -11.06 16.98
N GLY B 101 -9.63 -11.85 17.99
CA GLY B 101 -10.65 -12.47 18.82
C GLY B 101 -11.31 -13.68 18.22
N VAL B 102 -10.80 -14.22 17.13
CA VAL B 102 -11.38 -15.39 16.48
C VAL B 102 -11.13 -16.62 17.35
N PRO B 103 -12.17 -17.34 17.76
CA PRO B 103 -11.96 -18.54 18.58
C PRO B 103 -11.33 -19.66 17.78
N ALA B 104 -10.60 -20.53 18.49
CA ALA B 104 -9.96 -21.67 17.86
C ALA B 104 -10.98 -22.79 17.62
N ARG B 105 -10.58 -23.73 16.76
CA ARG B 105 -11.43 -24.85 16.40
C ARG B 105 -10.66 -26.15 16.58
N ALA B 106 -11.40 -27.22 16.88
CA ALA B 106 -10.81 -28.53 17.10
C ALA B 106 -11.84 -29.60 16.74
N ASN B 107 -11.45 -30.85 16.88
CA ASN B 107 -12.34 -31.96 16.57
C ASN B 107 -13.52 -31.98 17.53
N ALA B 108 -14.74 -32.07 16.98
CA ALA B 108 -15.94 -32.05 17.81
C ALA B 108 -16.01 -33.27 18.71
N ALA B 109 -15.71 -34.45 18.17
CA ALA B 109 -15.79 -35.67 18.96
C ALA B 109 -14.77 -35.67 20.09
N PHE B 110 -13.54 -35.24 19.80
CA PHE B 110 -12.50 -35.22 20.83
C PHE B 110 -12.82 -34.20 21.92
N LEU B 111 -13.34 -33.03 21.53
CA LEU B 111 -13.70 -32.02 22.53
C LEU B 111 -14.82 -32.51 23.43
N ALA B 112 -15.83 -33.17 22.86
CA ALA B 112 -16.94 -33.69 23.67
C ALA B 112 -16.47 -34.76 24.63
N SER B 113 -15.56 -35.63 24.20
CA SER B 113 -15.07 -36.69 25.07
C SER B 113 -14.33 -36.12 26.27
N PHE B 114 -13.50 -35.10 26.05
CA PHE B 114 -12.78 -34.48 27.16
C PHE B 114 -13.74 -33.78 28.13
N GLY B 115 -14.78 -33.14 27.60
CA GLY B 115 -15.73 -32.46 28.46
C GLY B 115 -16.47 -33.42 29.38
N ALA B 116 -16.78 -34.62 28.88
CA ALA B 116 -17.45 -35.61 29.72
C ALA B 116 -16.58 -36.03 30.90
N LEU B 117 -15.27 -36.20 30.66
CA LEU B 117 -14.36 -36.57 31.73
C LEU B 117 -14.29 -35.48 32.79
N LEU B 118 -14.25 -34.21 32.36
CA LEU B 118 -14.18 -33.11 33.31
C LEU B 118 -15.41 -33.05 34.22
N ASP B 119 -16.59 -33.29 33.64
CA ASP B 119 -17.82 -33.20 34.42
C ASP B 119 -18.13 -34.51 35.14
N GLY B 120 -17.99 -35.64 34.45
CA GLY B 120 -18.36 -36.92 35.02
C GLY B 120 -17.24 -37.64 35.74
N SER B 121 -16.11 -37.82 35.07
CA SER B 121 -15.01 -38.56 35.66
C SER B 121 -14.38 -37.78 36.82
N PRO B 122 -13.84 -38.48 37.82
CA PRO B 122 -13.21 -37.79 38.96
C PRO B 122 -11.82 -37.28 38.65
N LEU B 123 -11.48 -37.21 37.36
CA LEU B 123 -10.12 -36.80 36.95
C LEU B 123 -9.76 -35.43 37.52
N GLN B 124 -10.74 -34.54 37.65
CA GLN B 124 -10.46 -33.22 38.21
C GLN B 124 -9.98 -33.31 39.65
N SER B 125 -10.45 -34.30 40.40
CA SER B 125 -9.99 -34.48 41.78
C SER B 125 -8.59 -35.08 41.82
N GLU B 126 -8.31 -36.04 40.94
CA GLU B 126 -7.00 -36.71 40.96
C GLU B 126 -5.87 -35.76 40.59
N VAL B 127 -6.10 -34.89 39.61
CA VAL B 127 -5.03 -33.99 39.18
C VAL B 127 -4.69 -32.99 40.28
N SER B 128 -5.68 -32.55 41.05
CA SER B 128 -5.43 -31.62 42.13
C SER B 128 -4.64 -32.29 43.26
N ARG B 129 -4.90 -33.58 43.51
CA ARG B 129 -4.19 -34.28 44.58
C ARG B 129 -2.70 -34.38 44.28
N ALA B 130 -2.34 -34.65 43.02
CA ALA B 130 -0.92 -34.72 42.66
C ALA B 130 -0.25 -33.37 42.79
N VAL B 131 -0.99 -32.29 42.51
CA VAL B 131 -0.46 -30.95 42.72
C VAL B 131 -0.18 -30.72 44.20
N ALA B 132 -1.11 -31.15 45.07
CA ALA B 132 -0.90 -31.04 46.51
C ALA B 132 0.26 -31.91 46.99
N GLU B 133 0.62 -32.94 46.23
CA GLU B 133 1.76 -33.80 46.56
C GLU B 133 3.07 -33.30 45.97
N GLU B 134 3.06 -32.14 45.32
CA GLU B 134 4.25 -31.55 44.70
C GLU B 134 4.88 -32.51 43.68
N LYS B 135 4.02 -33.16 42.89
CA LYS B 135 4.46 -34.10 41.87
C LYS B 135 4.15 -33.53 40.49
N ARG B 136 5.15 -33.51 39.62
CA ARG B 136 4.95 -33.11 38.24
C ARG B 136 4.07 -34.13 37.53
N ILE B 137 2.98 -33.66 36.93
CA ILE B 137 2.03 -34.53 36.26
C ILE B 137 2.39 -34.66 34.79
N VAL B 138 2.06 -35.80 34.19
CA VAL B 138 2.29 -36.07 32.78
C VAL B 138 1.02 -36.68 32.20
N PHE B 139 0.88 -36.58 30.88
CA PHE B 139 -0.26 -37.16 30.18
C PHE B 139 0.27 -38.05 29.05
N THR B 140 -0.25 -39.27 28.98
CA THR B 140 0.18 -40.23 27.98
C THR B 140 -1.04 -40.90 27.34
N GLY B 141 -0.86 -41.35 26.11
CA GLY B 141 -1.93 -42.01 25.39
C GLY B 141 -1.44 -42.50 24.05
N HIS B 142 -2.21 -43.43 23.48
CA HIS B 142 -1.90 -44.03 22.19
C HIS B 142 -3.09 -43.88 21.27
N SER B 143 -2.83 -43.59 20.00
CA SER B 143 -3.86 -43.41 18.96
C SER B 143 -4.76 -42.26 19.42
N SER B 144 -6.09 -42.43 19.44
CA SER B 144 -6.97 -41.36 19.87
C SER B 144 -6.81 -41.02 21.34
N GLY B 145 -6.24 -41.93 22.14
CA GLY B 145 -6.01 -41.63 23.53
C GLY B 145 -5.03 -40.48 23.73
N GLY B 146 -3.97 -40.47 22.92
CA GLY B 146 -3.01 -39.37 23.00
C GLY B 146 -3.60 -38.04 22.58
N SER B 147 -4.59 -38.06 21.69
CA SER B 147 -5.26 -36.82 21.28
C SER B 147 -5.96 -36.17 22.46
N ILE B 148 -6.63 -36.96 23.29
CA ILE B 148 -7.27 -36.41 24.48
C ILE B 148 -6.24 -35.90 25.46
N ALA B 149 -5.09 -36.58 25.55
CA ALA B 149 -4.04 -36.15 26.47
C ALA B 149 -3.52 -34.76 26.13
N THR B 150 -3.48 -34.42 24.84
CA THR B 150 -3.04 -33.07 24.45
C THR B 150 -4.00 -32.01 24.98
N LEU B 151 -5.31 -32.27 24.89
CA LEU B 151 -6.28 -31.33 25.44
C LEU B 151 -6.17 -31.23 26.95
N ALA B 152 -5.96 -32.36 27.63
CA ALA B 152 -5.83 -32.36 29.08
C ALA B 152 -4.64 -31.53 29.54
N ALA B 153 -3.51 -31.64 28.83
CA ALA B 153 -2.33 -30.87 29.19
C ALA B 153 -2.58 -29.38 29.05
N ILE B 154 -3.28 -28.97 27.99
CA ILE B 154 -3.60 -27.57 27.79
C ILE B 154 -4.54 -27.07 28.88
N TRP B 155 -5.51 -27.90 29.27
CA TRP B 155 -6.46 -27.50 30.31
C TRP B 155 -5.76 -27.24 31.64
N PHE B 156 -4.79 -28.10 31.99
CA PHE B 156 -4.03 -27.89 33.21
C PHE B 156 -3.23 -26.59 33.14
N LEU B 157 -2.66 -26.30 31.96
CA LEU B 157 -1.89 -25.07 31.79
C LEU B 157 -2.76 -23.84 31.98
N GLU B 158 -4.00 -23.88 31.48
CA GLU B 158 -4.89 -22.72 31.58
C GLU B 158 -5.23 -22.41 33.04
N THR B 159 -5.50 -23.44 33.84
CA THR B 159 -5.84 -23.21 35.24
C THR B 159 -4.67 -22.61 36.01
N CYS B 160 -3.47 -23.15 35.79
CA CYS B 160 -2.30 -22.65 36.51
C CYS B 160 -1.95 -21.22 36.09
N THR B 161 -2.03 -20.93 34.79
CA THR B 161 -1.67 -19.60 34.31
C THR B 161 -2.61 -18.52 34.84
N ARG B 162 -3.92 -18.81 34.87
CA ARG B 162 -4.88 -17.83 35.34
C ARG B 162 -4.65 -17.48 36.80
N ARG B 163 -4.40 -18.48 37.64
CA ARG B 163 -4.17 -18.24 39.05
C ARG B 163 -2.76 -17.70 39.27
N GLY B 164 -2.46 -17.38 40.54
CA GLY B 164 -1.15 -16.92 40.92
C GLY B 164 -0.12 -18.00 41.10
N SER B 165 -0.50 -19.27 40.95
CA SER B 165 0.43 -20.39 41.11
C SER B 165 1.16 -20.63 39.79
N VAL B 166 2.05 -19.70 39.47
CA VAL B 166 2.87 -19.80 38.27
C VAL B 166 4.11 -20.67 38.48
N ASN B 167 4.40 -21.06 39.72
CA ASN B 167 5.56 -21.87 40.03
C ASN B 167 5.35 -23.36 39.77
N GLN B 168 4.14 -23.75 39.37
CA GLN B 168 3.86 -25.16 39.10
C GLN B 168 4.67 -25.66 37.90
N ALA B 169 5.03 -26.94 37.95
CA ALA B 169 5.79 -27.55 36.87
C ALA B 169 4.91 -27.71 35.64
N HIS B 170 5.49 -27.45 34.47
CA HIS B 170 4.74 -27.56 33.23
C HIS B 170 4.37 -29.01 32.96
N PRO B 171 3.19 -29.28 32.41
CA PRO B 171 2.82 -30.67 32.10
C PRO B 171 3.66 -31.23 30.97
N PHE B 172 3.80 -32.56 30.98
CA PHE B 172 4.50 -33.29 29.93
C PHE B 172 3.50 -34.14 29.17
N CYS B 173 3.22 -33.77 27.92
CA CYS B 173 2.28 -34.48 27.07
C CYS B 173 3.05 -35.37 26.12
N VAL B 174 3.00 -36.68 26.35
CA VAL B 174 3.68 -37.66 25.52
C VAL B 174 2.63 -38.45 24.75
N THR B 175 2.67 -38.35 23.43
CA THR B 175 1.73 -39.03 22.55
C THR B 175 2.48 -39.96 21.61
N PHE B 176 1.86 -41.10 21.31
CA PHE B 176 2.43 -42.11 20.43
C PHE B 176 1.48 -42.30 19.25
N GLY B 177 1.76 -41.62 18.14
CA GLY B 177 0.93 -41.71 16.96
C GLY B 177 -0.47 -41.15 17.18
N ALA B 178 -0.56 -39.87 17.50
CA ALA B 178 -1.87 -39.29 17.76
C ALA B 178 -2.40 -38.59 16.51
N PRO B 179 -3.71 -38.65 16.30
CA PRO B 179 -4.29 -37.97 15.13
C PRO B 179 -4.20 -36.45 15.26
N LEU B 180 -4.18 -35.79 14.12
CA LEU B 180 -4.09 -34.33 14.10
C LEU B 180 -5.38 -33.72 14.64
N VAL B 181 -5.25 -32.85 15.64
CA VAL B 181 -6.39 -32.16 16.24
C VAL B 181 -6.03 -30.70 16.40
N GLY B 182 -6.89 -29.81 15.91
CA GLY B 182 -6.70 -28.40 16.07
C GLY B 182 -6.96 -27.66 14.79
N ASP B 183 -6.34 -26.48 14.68
CA ASP B 183 -6.54 -25.58 13.56
C ASP B 183 -5.35 -24.64 13.51
N ASN B 184 -5.30 -23.80 12.48
CA ASN B 184 -4.24 -22.82 12.38
C ASN B 184 -4.26 -21.86 13.57
N THR B 185 -5.45 -21.43 13.98
CA THR B 185 -5.57 -20.60 15.18
C THR B 185 -5.16 -21.39 16.42
N PHE B 186 -5.52 -22.66 16.48
CA PHE B 186 -5.15 -23.49 17.62
C PHE B 186 -3.64 -23.62 17.76
N ASN B 187 -2.96 -23.85 16.63
CA ASN B 187 -1.50 -24.00 16.67
C ASN B 187 -0.83 -22.69 17.04
N ASN B 188 -1.34 -21.57 16.54
CA ASN B 188 -0.74 -20.27 16.85
C ASN B 188 -0.86 -19.93 18.32
N ALA B 189 -2.01 -20.26 18.94
CA ALA B 189 -2.24 -19.88 20.32
C ALA B 189 -1.25 -20.56 21.27
N VAL B 190 -0.99 -21.85 21.07
CA VAL B 190 -0.08 -22.56 21.97
C VAL B 190 1.35 -22.08 21.79
N ARG B 191 1.75 -21.72 20.56
CA ARG B 191 3.09 -21.23 20.34
C ARG B 191 3.29 -19.85 20.98
N ARG B 192 2.26 -19.01 20.94
CA ARG B 192 2.36 -17.68 21.55
C ARG B 192 2.59 -17.78 23.05
N GLU B 193 1.86 -18.68 23.72
CA GLU B 193 2.05 -18.84 25.16
C GLU B 193 3.37 -19.51 25.48
N GLY B 194 3.87 -20.35 24.59
CA GLY B 194 5.09 -21.09 24.82
C GLY B 194 4.91 -22.50 25.34
N TRP B 195 3.74 -23.10 25.13
CA TRP B 195 3.44 -24.44 25.62
C TRP B 195 3.76 -25.53 24.61
N SER B 196 4.32 -25.18 23.45
CA SER B 196 4.64 -26.18 22.45
C SER B 196 5.74 -27.12 22.93
N GLN B 197 6.69 -26.61 23.71
CA GLN B 197 7.76 -27.44 24.24
C GLN B 197 7.25 -28.51 25.21
N CYS B 198 6.07 -28.29 25.80
CA CYS B 198 5.51 -29.23 26.76
C CYS B 198 4.81 -30.41 26.11
N ILE B 199 4.65 -30.41 24.79
CA ILE B 199 3.96 -31.47 24.07
C ILE B 199 4.96 -32.19 23.20
N LEU B 200 5.09 -33.50 23.38
CA LEU B 200 5.97 -34.33 22.58
C LEU B 200 5.14 -35.36 21.82
N ASN B 201 5.35 -35.45 20.52
CA ASN B 201 4.61 -36.36 19.65
C ASN B 201 5.59 -37.31 18.98
N PHE B 202 5.43 -38.60 19.25
CA PHE B 202 6.23 -39.64 18.60
C PHE B 202 5.38 -40.27 17.49
N VAL B 203 5.83 -40.14 16.24
CA VAL B 203 5.08 -40.61 15.09
C VAL B 203 6.00 -41.44 14.21
N VAL B 204 5.58 -42.67 13.90
CA VAL B 204 6.30 -43.49 12.93
C VAL B 204 6.09 -42.91 11.53
N PRO B 205 7.14 -42.79 10.71
CA PRO B 205 6.96 -42.19 9.38
C PRO B 205 5.96 -42.93 8.51
N VAL B 206 5.80 -44.24 8.70
CA VAL B 206 4.87 -45.01 7.88
C VAL B 206 3.49 -45.09 8.52
N ASP B 207 3.30 -44.56 9.73
CA ASP B 207 2.02 -44.66 10.41
C ASP B 207 0.93 -43.93 9.63
N ILE B 208 -0.27 -44.50 9.65
CA ILE B 208 -1.40 -43.99 8.88
C ILE B 208 -2.33 -43.21 9.79
N ILE B 209 -2.34 -43.55 11.07
CA ILE B 209 -3.28 -42.93 12.02
C ILE B 209 -3.14 -41.41 12.07
N PRO B 210 -1.94 -40.83 12.19
CA PRO B 210 -1.85 -39.36 12.25
C PRO B 210 -2.35 -38.66 10.99
N ARG B 211 -2.36 -39.34 9.85
CA ARG B 211 -2.80 -38.73 8.60
C ARG B 211 -4.29 -38.95 8.32
N ILE B 212 -4.98 -39.72 9.16
CA ILE B 212 -6.41 -39.96 8.92
C ILE B 212 -7.24 -38.68 8.96
N PRO B 213 -7.06 -37.76 9.92
CA PRO B 213 -7.89 -36.55 9.92
C PRO B 213 -7.74 -35.69 8.67
N LEU B 214 -6.66 -35.86 7.90
CA LEU B 214 -6.51 -35.08 6.68
C LEU B 214 -7.60 -35.38 5.66
N THR B 215 -7.95 -36.68 5.49
CA THR B 215 -9.08 -36.96 4.60
C THR B 215 -10.39 -36.63 5.31
N PRO B 216 -11.43 -36.27 4.57
CA PRO B 216 -12.74 -36.01 5.21
C PRO B 216 -13.23 -37.23 5.97
N LEU B 217 -13.67 -36.99 7.21
CA LEU B 217 -14.08 -38.09 8.08
C LEU B 217 -15.57 -38.39 7.95
N ALA B 218 -16.40 -37.36 8.06
CA ALA B 218 -17.85 -37.56 8.00
C ALA B 218 -18.28 -38.06 6.62
N SER B 219 -17.66 -37.52 5.56
CA SER B 219 -18.03 -37.93 4.21
C SER B 219 -17.74 -39.41 3.97
N ALA B 220 -16.58 -39.89 4.44
CA ALA B 220 -16.17 -41.27 4.25
C ALA B 220 -16.02 -41.92 5.62
N THR B 221 -17.10 -42.54 6.11
CA THR B 221 -17.10 -43.23 7.39
C THR B 221 -16.91 -44.73 7.27
N GLU B 222 -17.34 -45.32 6.15
CA GLU B 222 -17.20 -46.77 5.98
C GLU B 222 -15.72 -47.16 5.91
N GLY B 223 -14.90 -46.39 5.19
CA GLY B 223 -13.49 -46.70 5.11
C GLY B 223 -12.77 -46.54 6.44
N ILE B 224 -13.11 -45.49 7.18
CA ILE B 224 -12.48 -45.26 8.48
C ILE B 224 -12.83 -46.38 9.45
N GLN B 225 -14.10 -46.82 9.44
CA GLN B 225 -14.50 -47.92 10.32
C GLN B 225 -13.79 -49.20 9.96
N ALA B 226 -13.59 -49.46 8.66
CA ALA B 226 -12.94 -50.69 8.22
C ALA B 226 -11.50 -50.74 8.71
N VAL B 227 -10.75 -49.65 8.56
CA VAL B 227 -9.35 -49.64 8.99
C VAL B 227 -9.26 -49.64 10.52
N LEU B 228 -10.22 -49.01 11.21
CA LEU B 228 -10.22 -49.05 12.65
C LEU B 228 -10.45 -50.46 13.18
N ASP B 229 -11.33 -51.22 12.53
CA ASP B 229 -11.55 -52.60 12.93
C ASP B 229 -10.29 -53.44 12.76
N TRP B 230 -9.56 -53.23 11.67
CA TRP B 230 -8.30 -53.95 11.47
C TRP B 230 -7.26 -53.57 12.52
N LEU B 231 -7.23 -52.31 12.94
CA LEU B 231 -6.26 -51.86 13.92
C LEU B 231 -6.70 -52.10 15.37
N SER B 232 -7.96 -52.49 15.58
CA SER B 232 -8.44 -52.72 16.94
C SER B 232 -7.94 -54.09 17.43
N PRO B 233 -7.19 -54.14 18.53
CA PRO B 233 -6.75 -55.46 19.04
C PRO B 233 -7.89 -56.35 19.46
N GLN B 234 -8.98 -55.79 20.00
CA GLN B 234 -10.10 -56.62 20.43
C GLN B 234 -10.87 -57.17 19.25
N THR B 235 -11.01 -56.40 18.18
CA THR B 235 -11.75 -56.84 17.01
C THR B 235 -10.96 -57.90 16.27
N PRO B 236 -11.51 -59.09 16.04
CA PRO B 236 -10.77 -60.13 15.30
C PRO B 236 -10.64 -59.76 13.84
N ASN B 237 -9.43 -59.96 13.30
CA ASN B 237 -9.13 -59.69 11.90
C ASN B 237 -8.42 -60.92 11.33
N PHE B 238 -9.20 -61.89 10.86
CA PHE B 238 -8.68 -63.15 10.32
C PHE B 238 -9.31 -63.43 8.97
N SER B 239 -9.35 -62.44 8.09
CA SER B 239 -9.93 -62.64 6.76
C SER B 239 -9.00 -63.51 5.92
N PRO B 240 -9.47 -64.66 5.42
CA PRO B 240 -8.58 -65.50 4.60
C PRO B 240 -8.10 -64.83 3.34
N SER B 241 -8.93 -63.99 2.71
CA SER B 241 -8.52 -63.31 1.50
C SER B 241 -7.45 -62.26 1.79
N GLY B 242 -7.57 -61.55 2.90
CA GLY B 242 -6.62 -60.51 3.25
C GLY B 242 -7.30 -59.19 3.55
N MET B 243 -6.61 -58.10 3.29
CA MET B 243 -7.21 -56.78 3.50
C MET B 243 -8.35 -56.56 2.51
N PRO B 244 -9.50 -56.08 2.96
CA PRO B 244 -10.60 -55.82 2.03
C PRO B 244 -10.25 -54.71 1.04
N LEU B 245 -10.89 -54.78 -0.13
CA LEU B 245 -10.62 -53.80 -1.17
C LEU B 245 -10.99 -52.38 -0.76
N ILE B 246 -11.91 -52.23 0.19
CA ILE B 246 -12.27 -50.89 0.66
C ILE B 246 -11.09 -50.22 1.35
N ILE B 247 -10.31 -51.00 2.12
CA ILE B 247 -9.13 -50.45 2.78
C ILE B 247 -8.10 -50.01 1.75
N SER B 248 -7.87 -50.82 0.72
CA SER B 248 -6.91 -50.46 -0.32
C SER B 248 -7.34 -49.19 -1.05
N GLN B 249 -8.63 -49.09 -1.37
CA GLN B 249 -9.14 -47.87 -1.99
C GLN B 249 -9.02 -46.67 -1.07
N PHE B 250 -9.27 -46.88 0.23
CA PHE B 250 -9.15 -45.80 1.20
C PHE B 250 -7.72 -45.28 1.28
N TYR B 251 -6.75 -46.19 1.22
CA TYR B 251 -5.35 -45.78 1.30
C TYR B 251 -4.97 -44.90 0.11
N GLU B 252 -5.43 -45.25 -1.09
CA GLU B 252 -5.15 -44.43 -2.26
C GLU B 252 -5.77 -43.05 -2.14
N ASN B 253 -7.01 -42.98 -1.65
CA ASN B 253 -7.67 -41.70 -1.45
C ASN B 253 -6.95 -40.88 -0.39
N LEU B 254 -6.45 -41.53 0.67
CA LEU B 254 -5.73 -40.83 1.72
C LEU B 254 -4.46 -40.17 1.18
N LEU B 255 -3.71 -40.89 0.33
CA LEU B 255 -2.51 -40.33 -0.26
C LEU B 255 -2.83 -39.14 -1.16
N ARG B 256 -3.88 -39.26 -1.96
CA ARG B 256 -4.29 -38.15 -2.82
C ARG B 256 -4.75 -36.95 -2.00
N SER B 257 -5.51 -37.20 -0.93
CA SER B 257 -5.95 -36.12 -0.06
C SER B 257 -4.76 -35.45 0.63
N THR B 258 -3.80 -36.25 1.07
CA THR B 258 -2.60 -35.68 1.71
C THR B 258 -1.79 -34.83 0.75
N LEU B 259 -1.74 -35.23 -0.52
CA LEU B 259 -1.01 -34.43 -1.52
C LEU B 259 -1.69 -33.08 -1.72
N SER B 260 -3.02 -33.05 -1.73
CA SER B 260 -3.73 -31.80 -1.97
C SER B 260 -3.48 -30.79 -0.86
N ILE B 261 -3.58 -31.21 0.39
CA ILE B 261 -3.39 -30.29 1.51
C ILE B 261 -1.93 -29.85 1.60
N ALA B 262 -0.99 -30.77 1.33
CA ALA B 262 0.42 -30.41 1.36
C ALA B 262 0.76 -29.42 0.26
N SER B 263 0.23 -29.63 -0.94
CA SER B 263 0.50 -28.72 -2.05
C SER B 263 -0.07 -27.34 -1.80
N TYR B 264 -1.30 -27.29 -1.25
CA TYR B 264 -1.92 -25.99 -0.97
C TYR B 264 -1.12 -25.21 0.08
N GLU B 265 -0.66 -25.89 1.13
CA GLU B 265 0.13 -25.23 2.14
C GLU B 265 1.54 -24.92 1.65
N ALA B 266 2.05 -25.69 0.69
CA ALA B 266 3.38 -25.44 0.15
C ALA B 266 3.44 -24.09 -0.54
N CYS B 267 2.40 -23.74 -1.30
CA CYS B 267 2.40 -22.46 -2.00
C CYS B 267 2.32 -21.29 -1.05
N SER B 268 1.89 -21.52 0.20
CA SER B 268 1.75 -20.43 1.16
C SER B 268 3.12 -19.88 1.57
N PHE B 269 4.05 -20.76 1.90
CA PHE B 269 5.37 -20.35 2.36
C PHE B 269 6.41 -20.35 1.25
N MET B 270 6.02 -20.62 0.00
CA MET B 270 6.95 -20.61 -1.12
C MET B 270 6.87 -19.35 -1.96
N GLY B 271 5.74 -18.65 -1.95
CA GLY B 271 5.62 -17.40 -2.67
C GLY B 271 4.95 -17.53 -4.02
N CYS B 272 3.92 -18.38 -4.10
CA CYS B 272 3.20 -18.54 -5.37
C CYS B 272 2.36 -17.31 -5.67
N THR B 273 1.40 -17.01 -4.78
CA THR B 273 0.53 -15.83 -4.91
C THR B 273 -0.15 -15.79 -6.27
N SER B 274 -0.99 -16.79 -6.52
CA SER B 274 -1.71 -16.92 -7.77
C SER B 274 -3.19 -16.60 -7.56
N SER B 275 -3.78 -15.91 -8.54
CA SER B 275 -5.19 -15.53 -8.47
C SER B 275 -6.12 -16.73 -8.57
N ILE B 276 -5.63 -17.89 -9.03
CA ILE B 276 -6.47 -19.07 -9.13
C ILE B 276 -6.50 -19.86 -7.82
N LEU B 277 -5.55 -19.63 -6.91
CA LEU B 277 -5.52 -20.38 -5.66
C LEU B 277 -6.74 -20.08 -4.80
N GLY B 278 -7.17 -18.81 -4.76
CA GLY B 278 -8.31 -18.46 -3.94
C GLY B 278 -9.60 -19.12 -4.39
N THR B 279 -9.82 -19.18 -5.70
CA THR B 279 -11.02 -19.82 -6.22
C THR B 279 -10.98 -21.33 -5.97
N LEU B 280 -9.81 -21.94 -6.05
CA LEU B 280 -9.70 -23.39 -5.90
C LEU B 280 -10.05 -23.84 -4.48
N THR B 281 -9.95 -22.95 -3.51
CA THR B 281 -10.26 -23.33 -2.13
C THR B 281 -11.72 -23.70 -1.97
N SER B 282 -12.62 -22.97 -2.64
CA SER B 282 -14.04 -23.24 -2.53
C SER B 282 -14.48 -24.49 -3.28
N PHE B 283 -13.69 -24.95 -4.26
CA PHE B 283 -14.05 -26.10 -5.07
C PHE B 283 -13.35 -27.38 -4.65
N ILE B 284 -12.39 -27.31 -3.73
CA ILE B 284 -11.68 -28.49 -3.24
C ILE B 284 -11.78 -28.51 -1.72
N GLU B 285 -11.79 -29.71 -1.16
CA GLU B 285 -11.88 -29.89 0.29
C GLU B 285 -10.49 -29.93 0.89
N LEU B 286 -10.21 -29.00 1.80
CA LEU B 286 -8.93 -28.92 2.49
C LEU B 286 -9.14 -29.15 3.98
N SER B 287 -8.33 -30.03 4.56
CA SER B 287 -8.46 -30.34 5.98
C SER B 287 -8.02 -29.14 6.80
N PRO B 288 -8.79 -28.73 7.81
CA PRO B 288 -8.38 -27.61 8.67
C PRO B 288 -7.43 -27.99 9.78
N TYR B 289 -7.13 -29.27 9.94
CA TYR B 289 -6.23 -29.72 11.01
C TYR B 289 -4.78 -29.45 10.64
N ARG B 290 -4.01 -29.00 11.62
CA ARG B 290 -2.60 -28.71 11.45
C ARG B 290 -1.80 -29.33 12.60
N PRO B 291 -0.55 -29.72 12.34
CA PRO B 291 0.27 -30.29 13.41
C PRO B 291 0.53 -29.27 14.52
N CYS B 292 0.60 -29.77 15.75
CA CYS B 292 0.86 -28.93 16.91
C CYS B 292 1.84 -29.64 17.83
N GLY B 293 2.76 -28.87 18.40
CA GLY B 293 3.75 -29.42 19.30
C GLY B 293 4.99 -29.92 18.59
N THR B 294 5.86 -30.56 19.38
CA THR B 294 7.11 -31.10 18.87
C THR B 294 6.89 -32.53 18.38
N TYR B 295 7.37 -32.81 17.17
CA TYR B 295 7.24 -34.11 16.55
C TYR B 295 8.61 -34.78 16.45
N LEU B 296 8.68 -36.04 16.89
CA LEU B 296 9.92 -36.82 16.86
C LEU B 296 9.70 -38.05 15.98
N PHE B 297 10.12 -37.95 14.73
CA PHE B 297 9.97 -39.06 13.80
C PHE B 297 10.97 -40.17 14.14
N LEU B 298 10.47 -41.41 14.17
CA LEU B 298 11.31 -42.57 14.45
C LEU B 298 11.88 -43.11 13.14
N THR B 299 12.87 -42.37 12.61
CA THR B 299 13.52 -42.78 11.38
C THR B 299 14.25 -44.11 11.54
N SER B 300 14.95 -44.28 12.66
CA SER B 300 15.70 -45.51 12.91
C SER B 300 15.81 -45.69 14.42
N SER B 301 16.42 -46.81 14.82
CA SER B 301 16.59 -47.09 16.25
C SER B 301 17.58 -46.15 16.90
N GLU B 302 18.67 -45.81 16.21
CA GLU B 302 19.73 -44.98 16.77
C GLU B 302 19.57 -43.50 16.45
N GLN B 303 18.53 -43.12 15.71
CA GLN B 303 18.31 -41.73 15.34
C GLN B 303 16.88 -41.32 15.63
N LEU B 304 16.70 -40.06 15.99
CA LEU B 304 15.38 -39.50 16.29
C LEU B 304 15.33 -38.09 15.72
N ALA B 305 14.72 -37.95 14.54
CA ALA B 305 14.59 -36.64 13.92
C ALA B 305 13.63 -35.78 14.73
N VAL B 306 14.05 -34.55 15.03
CA VAL B 306 13.27 -33.61 15.83
C VAL B 306 12.96 -32.40 14.97
N LEU B 307 11.67 -32.12 14.79
CA LEU B 307 11.22 -30.97 14.02
C LEU B 307 10.26 -30.15 14.85
N THR B 308 10.48 -28.84 14.90
CA THR B 308 9.61 -27.92 15.62
C THR B 308 8.74 -27.07 14.72
N ASN B 309 9.12 -26.88 13.46
CA ASN B 309 8.31 -26.10 12.54
C ASN B 309 7.07 -26.89 12.13
N SER B 310 5.90 -26.26 12.25
CA SER B 310 4.65 -26.94 11.89
C SER B 310 4.58 -27.21 10.40
N ASP B 311 5.07 -26.28 9.57
CA ASP B 311 5.03 -26.47 8.12
C ASP B 311 5.87 -27.66 7.70
N ALA B 312 7.05 -27.83 8.29
CA ALA B 312 7.91 -28.95 7.92
C ALA B 312 7.27 -30.29 8.27
N VAL B 313 6.59 -30.37 9.41
CA VAL B 313 5.95 -31.61 9.81
C VAL B 313 4.85 -32.01 8.83
N LEU B 314 4.06 -31.03 8.38
CA LEU B 314 2.97 -31.32 7.46
C LEU B 314 3.50 -31.87 6.13
N GLN B 315 4.60 -31.31 5.62
CA GLN B 315 5.19 -31.80 4.39
C GLN B 315 5.72 -33.22 4.58
N LEU B 316 6.30 -33.51 5.74
CA LEU B 316 6.86 -34.83 5.99
C LEU B 316 5.78 -35.90 6.05
N LEU B 317 4.55 -35.53 6.39
CA LEU B 317 3.46 -36.50 6.50
C LEU B 317 3.11 -37.12 5.16
N PHE B 318 3.44 -36.46 4.05
CA PHE B 318 3.13 -36.97 2.71
C PHE B 318 4.35 -37.55 2.01
N TYR B 319 5.49 -36.85 2.04
CA TYR B 319 6.66 -37.28 1.29
C TYR B 319 7.28 -38.55 1.87
N CYS B 320 6.92 -38.93 3.10
CA CYS B 320 7.40 -40.16 3.69
C CYS B 320 6.53 -41.37 3.35
N LEU B 321 5.40 -41.14 2.66
CA LEU B 321 4.50 -42.22 2.26
C LEU B 321 4.46 -42.44 0.76
N GLN B 322 5.39 -41.83 0.02
CA GLN B 322 5.40 -42.00 -1.43
C GLN B 322 5.72 -43.46 -1.78
N LEU B 323 5.04 -43.95 -2.81
CA LEU B 323 5.15 -45.35 -3.19
C LEU B 323 6.54 -45.67 -3.76
N ASP B 324 7.00 -46.88 -3.50
CA ASP B 324 8.28 -47.35 -4.02
C ASP B 324 8.17 -47.57 -5.53
N PRO B 325 9.31 -47.55 -6.24
CA PRO B 325 9.27 -47.75 -7.69
C PRO B 325 8.60 -49.05 -8.11
N GLN B 326 8.80 -50.13 -7.35
CA GLN B 326 8.19 -51.43 -7.65
C GLN B 326 7.44 -51.90 -6.41
N GLN B 327 6.19 -51.46 -6.28
CA GLN B 327 5.35 -51.86 -5.15
C GLN B 327 3.90 -51.52 -5.49
N GLN B 328 2.99 -52.34 -4.98
CA GLN B 328 1.57 -52.14 -5.17
C GLN B 328 0.98 -51.38 -3.98
N LEU B 329 -0.14 -50.71 -4.25
CA LEU B 329 -0.81 -49.95 -3.19
C LEU B 329 -1.33 -50.85 -2.08
N ARG B 330 -1.67 -52.09 -2.41
CA ARG B 330 -2.09 -53.05 -1.38
C ARG B 330 -0.94 -53.36 -0.43
N ASP B 331 0.26 -53.56 -0.97
CA ASP B 331 1.42 -53.85 -0.12
C ASP B 331 1.76 -52.65 0.76
N ALA B 332 1.70 -51.45 0.20
CA ALA B 332 2.04 -50.25 0.97
C ALA B 332 1.05 -50.04 2.11
N ALA B 333 -0.24 -50.30 1.87
CA ALA B 333 -1.24 -50.11 2.91
C ALA B 333 -1.01 -51.07 4.08
N GLU B 334 -0.58 -52.30 3.79
CA GLU B 334 -0.33 -53.26 4.85
C GLU B 334 0.80 -52.80 5.76
N ARG B 335 1.87 -52.24 5.19
CA ARG B 335 2.97 -51.73 6.00
C ARG B 335 2.52 -50.56 6.86
N SER B 336 1.71 -49.67 6.30
CA SER B 336 1.24 -48.52 7.06
C SER B 336 0.36 -48.94 8.23
N LEU B 337 -0.52 -49.92 8.00
CA LEU B 337 -1.40 -50.41 9.07
C LEU B 337 -0.59 -51.05 10.20
N SER B 338 0.40 -51.87 9.85
CA SER B 338 1.21 -52.54 10.86
C SER B 338 2.16 -51.58 11.57
N ALA B 339 2.45 -50.42 10.97
CA ALA B 339 3.38 -49.48 11.60
C ALA B 339 2.77 -48.82 12.82
N HIS B 340 1.44 -48.82 12.96
CA HIS B 340 0.81 -48.18 14.10
C HIS B 340 1.11 -48.91 15.40
N TRP B 341 1.37 -50.22 15.32
CA TRP B 341 1.64 -51.04 16.51
C TRP B 341 3.13 -51.37 16.64
N GLN B 342 4.00 -50.42 16.29
CA GLN B 342 5.44 -50.63 16.38
C GLN B 342 6.12 -49.60 17.27
N TYR B 343 5.37 -48.94 18.15
CA TYR B 343 5.93 -47.98 19.09
C TYR B 343 6.45 -48.63 20.36
N GLU B 344 6.30 -49.94 20.50
CA GLU B 344 6.77 -50.63 21.71
C GLU B 344 8.26 -50.50 21.94
N PRO B 345 9.15 -50.68 20.95
CA PRO B 345 10.59 -50.59 21.22
C PRO B 345 11.07 -49.21 21.63
N ILE B 346 10.17 -48.22 21.76
CA ILE B 346 10.59 -46.89 22.19
C ILE B 346 11.14 -46.94 23.61
N LYS B 347 10.49 -47.68 24.50
CA LYS B 347 10.93 -47.75 25.89
C LYS B 347 12.33 -48.33 26.01
N GLN B 348 12.60 -49.42 25.28
CA GLN B 348 13.92 -50.03 25.33
C GLN B 348 14.98 -49.14 24.72
N SER B 349 14.65 -48.47 23.61
CA SER B 349 15.63 -47.61 22.95
C SER B 349 15.92 -46.36 23.75
N MET B 350 14.93 -45.83 24.46
CA MET B 350 15.12 -44.58 25.20
C MET B 350 16.08 -44.73 26.38
N MET B 351 16.29 -45.96 26.86
CA MET B 351 17.21 -46.16 27.98
C MET B 351 18.63 -45.76 27.61
N GLN B 352 19.07 -46.14 26.42
CA GLN B 352 20.39 -45.76 25.93
C GLN B 352 20.32 -44.44 25.17
N GLU B 353 21.49 -43.87 24.92
CA GLU B 353 21.56 -42.57 24.25
C GLU B 353 21.13 -42.70 22.79
N ILE B 354 20.30 -41.77 22.35
CA ILE B 354 19.81 -41.70 20.98
C ILE B 354 20.17 -40.35 20.40
N VAL B 355 20.78 -40.34 19.22
CA VAL B 355 21.21 -39.10 18.58
C VAL B 355 19.97 -38.34 18.12
N CYS B 356 19.68 -37.21 18.76
CA CYS B 356 18.55 -36.37 18.39
C CYS B 356 19.01 -35.42 17.28
N VAL B 357 19.10 -35.97 16.07
CA VAL B 357 19.60 -35.21 14.94
C VAL B 357 18.50 -34.28 14.43
N ASP B 358 18.81 -32.99 14.33
CA ASP B 358 17.87 -32.03 13.77
C ASP B 358 17.70 -32.29 12.27
N TYR B 359 16.46 -32.14 11.79
CA TYR B 359 16.15 -32.38 10.38
C TYR B 359 16.18 -31.11 9.54
N LEU B 360 15.56 -30.03 10.03
CA LEU B 360 15.54 -28.79 9.27
C LEU B 360 16.95 -28.22 9.11
N GLY B 361 17.77 -28.32 10.15
CA GLY B 361 19.14 -27.83 10.05
C GLY B 361 19.97 -28.62 9.06
N VAL B 362 19.85 -29.94 9.08
CA VAL B 362 20.62 -30.77 8.17
C VAL B 362 20.23 -30.51 6.72
N VAL B 363 18.92 -30.43 6.45
CA VAL B 363 18.45 -30.16 5.10
C VAL B 363 18.93 -28.79 4.62
N SER B 364 18.84 -27.78 5.49
CA SER B 364 19.31 -26.45 5.12
C SER B 364 20.83 -26.42 4.95
N SER B 365 21.56 -27.18 5.80
CA SER B 365 23.02 -27.19 5.70
C SER B 365 23.49 -27.85 4.41
N THR B 366 22.70 -28.77 3.86
CA THR B 366 23.09 -29.42 2.62
C THR B 366 23.17 -28.41 1.48
N LEU B 367 24.26 -28.48 0.72
CA LEU B 367 24.46 -27.53 -0.37
C LEU B 367 23.44 -27.78 -1.48
N PRO B 368 22.88 -26.72 -2.07
CA PRO B 368 21.96 -26.92 -3.19
C PRO B 368 22.65 -27.57 -4.37
N GLY B 369 21.92 -28.44 -5.06
CA GLY B 369 22.49 -29.17 -6.20
C GLY B 369 23.36 -30.36 -5.83
N ARG B 370 24.36 -30.14 -4.98
CA ARG B 370 25.20 -31.25 -4.53
C ARG B 370 24.40 -32.18 -3.62
N GLN B 371 24.55 -33.48 -3.85
CA GLN B 371 23.83 -34.50 -3.09
C GLN B 371 22.32 -34.29 -3.16
N MET B 372 21.84 -33.89 -4.34
CA MET B 372 20.41 -33.66 -4.55
C MET B 372 19.62 -34.96 -4.71
N SER B 373 20.30 -36.10 -4.83
CA SER B 373 19.62 -37.37 -4.99
C SER B 373 18.96 -37.80 -3.67
N SER B 374 18.35 -38.98 -3.69
CA SER B 374 17.65 -39.52 -2.52
C SER B 374 18.69 -40.04 -1.52
N THR B 375 19.34 -39.11 -0.84
CA THR B 375 20.32 -39.47 0.18
C THR B 375 19.62 -39.86 1.47
N ILE B 376 20.41 -40.35 2.43
CA ILE B 376 19.86 -40.76 3.71
C ILE B 376 19.24 -39.57 4.43
N VAL B 377 20.00 -38.48 4.54
CA VAL B 377 19.54 -37.23 5.16
C VAL B 377 18.84 -37.51 6.49
N GLY B 378 19.56 -38.12 7.43
CA GLY B 378 18.97 -38.48 8.70
C GLY B 378 18.28 -39.82 8.73
N GLY B 379 18.41 -40.63 7.68
CA GLY B 379 17.83 -41.95 7.64
C GLY B 379 16.58 -42.10 6.80
N LEU B 380 15.94 -41.00 6.41
CA LEU B 380 14.75 -41.03 5.58
C LEU B 380 15.11 -40.57 4.18
N GLU B 381 15.05 -41.50 3.22
CA GLU B 381 15.38 -41.20 1.83
C GLU B 381 14.23 -40.43 1.20
N LEU B 382 14.27 -39.11 1.34
CA LEU B 382 13.22 -38.25 0.80
C LEU B 382 13.41 -38.07 -0.70
N SER B 383 12.45 -37.38 -1.32
CA SER B 383 12.46 -37.13 -2.75
C SER B 383 13.03 -35.74 -3.04
N LYS B 384 13.22 -35.47 -4.33
CA LYS B 384 13.75 -34.18 -4.75
C LYS B 384 12.79 -33.05 -4.41
N GLU B 385 11.49 -33.26 -4.62
CA GLU B 385 10.51 -32.25 -4.25
C GLU B 385 10.43 -32.08 -2.73
N ALA B 386 10.64 -33.16 -1.98
CA ALA B 386 10.65 -33.06 -0.52
C ALA B 386 11.79 -32.16 -0.04
N MET B 387 12.97 -32.29 -0.65
CA MET B 387 14.09 -31.45 -0.27
C MET B 387 13.80 -29.98 -0.54
N LEU B 388 13.20 -29.68 -1.69
CA LEU B 388 12.86 -28.30 -2.01
C LEU B 388 11.79 -27.75 -1.06
N SER B 389 10.79 -28.57 -0.74
CA SER B 389 9.73 -28.12 0.18
C SER B 389 10.29 -27.87 1.57
N LEU B 390 11.14 -28.76 2.08
CA LEU B 390 11.74 -28.56 3.39
C LEU B 390 12.65 -27.34 3.41
N SER B 391 13.42 -27.14 2.34
CA SER B 391 14.29 -25.96 2.27
C SER B 391 13.48 -24.67 2.27
N ALA B 392 12.37 -24.65 1.53
CA ALA B 392 11.52 -23.47 1.50
C ALA B 392 10.92 -23.20 2.87
N ALA B 393 10.51 -24.24 3.59
CA ALA B 393 9.97 -24.06 4.93
C ALA B 393 11.02 -23.49 5.87
N GLY B 394 12.26 -23.96 5.77
CA GLY B 394 13.32 -23.44 6.63
C GLY B 394 13.63 -21.99 6.37
N GLN B 395 13.65 -21.59 5.09
CA GLN B 395 13.90 -20.19 4.76
C GLN B 395 12.77 -19.29 5.21
N TRP B 396 11.54 -19.81 5.23
CA TRP B 396 10.41 -19.02 5.71
C TRP B 396 10.57 -18.65 7.17
N GLU B 397 11.04 -19.61 7.99
CA GLU B 397 11.28 -19.33 9.40
C GLU B 397 12.38 -18.29 9.57
N LYS B 398 13.45 -18.39 8.79
CA LYS B 398 14.54 -17.43 8.89
C LYS B 398 14.09 -16.03 8.50
N GLN B 399 13.23 -15.93 7.48
CA GLN B 399 12.74 -14.62 7.05
C GLN B 399 11.93 -13.94 8.15
N ARG B 400 11.11 -14.72 8.87
CA ARG B 400 10.30 -14.15 9.95
C ARG B 400 11.19 -13.60 11.07
N GLU B 401 12.28 -14.31 11.39
CA GLU B 401 13.21 -13.80 12.40
C GLU B 401 13.87 -12.51 11.94
N THR B 402 14.21 -12.42 10.65
CA THR B 402 14.82 -11.20 10.13
C THR B 402 13.87 -10.01 10.25
N ASN B 403 12.58 -10.23 9.99
CA ASN B 403 11.60 -9.16 10.10
C ASN B 403 11.51 -8.63 11.53
N GLN B 404 11.58 -9.55 12.52
CA GLN B 404 11.51 -9.12 13.91
C GLN B 404 12.71 -8.27 14.29
N ALA B 405 13.89 -8.58 13.75
CA ALA B 405 15.08 -7.80 14.05
C ALA B 405 14.95 -6.36 13.59
N LYS B 406 14.38 -6.16 12.39
CA LYS B 406 14.17 -4.79 11.90
C LYS B 406 13.17 -4.04 12.76
N ILE B 407 12.09 -4.70 13.17
CA ILE B 407 11.08 -4.04 13.99
C ILE B 407 11.65 -3.69 15.36
N ASP B 408 12.48 -4.56 15.92
CA ASP B 408 13.09 -4.31 17.23
C ASP B 408 14.25 -3.33 17.16
N GLY B 409 14.65 -2.90 15.97
CA GLY B 409 15.77 -2.00 15.82
C GLY B 409 15.37 -0.55 15.60
N ALA B 410 15.40 -0.11 14.33
CA ALA B 410 15.10 1.28 14.03
C ALA B 410 13.67 1.64 14.39
N SER B 411 12.73 0.72 14.14
CA SER B 411 11.32 1.02 14.43
C SER B 411 11.08 1.24 15.91
N CYS B 412 11.70 0.42 16.76
CA CYS B 412 11.51 0.59 18.21
C CYS B 412 12.09 1.90 18.70
N THR B 413 13.26 2.30 18.18
CA THR B 413 13.89 3.54 18.61
C THR B 413 13.05 4.75 18.22
N LYS B 414 12.50 4.74 17.00
CA LYS B 414 11.71 5.88 16.53
C LYS B 414 10.45 6.08 17.37
N ILE B 415 9.82 4.98 17.78
CA ILE B 415 8.60 5.08 18.58
C ILE B 415 8.87 5.76 19.91
N ARG B 416 9.98 5.39 20.57
CA ARG B 416 10.29 5.96 21.88
C ARG B 416 10.56 7.46 21.78
N GLU B 417 11.25 7.89 20.73
CA GLU B 417 11.53 9.32 20.57
C GLU B 417 10.25 10.11 20.36
N ALA B 418 9.32 9.58 19.56
CA ALA B 418 8.06 10.28 19.33
C ALA B 418 7.24 10.39 20.60
N LEU B 419 7.23 9.33 21.42
CA LEU B 419 6.50 9.37 22.69
C LEU B 419 7.07 10.42 23.63
N LYS B 420 8.40 10.57 23.63
CA LYS B 420 9.02 11.59 24.49
C LYS B 420 8.60 12.99 24.08
N SER B 421 8.51 13.25 22.76
CA SER B 421 8.07 14.55 22.30
C SER B 421 6.63 14.84 22.69
N LEU B 422 5.76 13.83 22.58
CA LEU B 422 4.36 14.02 22.95
C LEU B 422 4.20 14.20 24.46
N ASN B 423 5.05 13.56 25.26
CA ASN B 423 4.97 13.70 26.71
C ASN B 423 5.28 15.14 27.13
N GLU B 424 6.25 15.78 26.47
CA GLU B 424 6.55 17.17 26.77
C GLU B 424 5.37 18.08 26.42
N TYR B 425 4.69 17.79 25.32
CA TYR B 425 3.52 18.58 24.94
C TYR B 425 2.43 18.48 25.99
N LYS B 426 2.21 17.28 26.54
CA LYS B 426 1.23 17.12 27.62
C LYS B 426 1.67 17.89 28.87
N ARG B 427 2.96 17.85 29.19
CA ARG B 427 3.46 18.56 30.36
C ARG B 427 3.31 20.07 30.19
N THR B 428 3.59 20.59 28.99
CA THR B 428 3.48 22.03 28.76
C THR B 428 2.06 22.52 28.95
N CYS B 429 1.08 21.78 28.42
CA CYS B 429 -0.32 22.18 28.57
C CYS B 429 -0.78 22.07 30.03
N GLU B 430 -0.29 21.06 30.75
CA GLU B 430 -0.70 20.87 32.14
C GLU B 430 -0.22 21.98 33.05
N LEU B 431 0.82 22.73 32.65
CA LEU B 431 1.31 23.83 33.46
C LEU B 431 0.46 25.08 33.36
N HIS B 432 -0.43 25.16 32.36
CA HIS B 432 -1.33 26.30 32.20
C HIS B 432 -2.76 25.97 32.64
N GLU B 433 -2.93 24.90 33.41
CA GLU B 433 -4.24 24.48 33.93
C GLU B 433 -5.23 24.20 32.79
N VAL B 434 -4.72 23.66 31.68
CA VAL B 434 -5.56 23.27 30.56
C VAL B 434 -5.26 21.82 30.21
N SER B 435 -6.23 21.16 29.58
CA SER B 435 -6.07 19.78 29.17
C SER B 435 -5.50 19.71 27.75
N TYR B 436 -4.56 18.78 27.54
CA TYR B 436 -3.98 18.61 26.22
C TYR B 436 -4.99 18.07 25.21
N TYR B 437 -6.08 17.47 25.68
CA TYR B 437 -7.14 17.05 24.76
C TYR B 437 -7.85 18.25 24.16
N ASP B 438 -8.22 19.23 24.99
CA ASP B 438 -8.89 20.42 24.48
C ASP B 438 -7.95 21.24 23.60
N SER B 439 -6.68 21.35 23.98
CA SER B 439 -5.74 22.13 23.18
C SER B 439 -5.54 21.52 21.81
N PHE B 440 -5.44 20.18 21.75
CA PHE B 440 -5.27 19.52 20.45
C PHE B 440 -6.54 19.63 19.60
N LYS B 441 -7.71 19.67 20.23
CA LYS B 441 -8.95 19.80 19.47
C LYS B 441 -9.01 21.15 18.75
N LEU B 442 -8.57 22.22 19.42
CA LEU B 442 -8.62 23.54 18.80
C LEU B 442 -7.59 23.67 17.68
N GLN B 443 -6.38 23.16 17.90
CA GLN B 443 -5.28 23.26 16.94
C GLN B 443 -5.01 24.73 16.57
N ARG B 444 -4.64 25.50 17.59
CA ARG B 444 -4.43 26.94 17.43
C ARG B 444 -2.97 27.31 17.25
N GLU B 445 -2.10 26.86 18.14
CA GLU B 445 -0.70 27.25 18.14
C GLU B 445 0.16 26.21 17.42
N VAL B 446 1.47 26.48 17.38
CA VAL B 446 2.39 25.59 16.67
C VAL B 446 2.53 24.27 17.40
N HIS B 447 2.39 24.28 18.73
CA HIS B 447 2.56 23.06 19.52
C HIS B 447 1.57 21.98 19.09
N ASP B 448 0.34 22.37 18.78
CA ASP B 448 -0.65 21.41 18.32
C ASP B 448 -0.24 20.79 16.99
N PHE B 449 0.30 21.61 16.08
CA PHE B 449 0.74 21.09 14.79
C PHE B 449 1.90 20.12 14.95
N ASN B 450 2.84 20.43 15.84
CA ASN B 450 3.98 19.53 16.07
C ASN B 450 3.50 18.20 16.65
N ALA B 451 2.52 18.24 17.56
CA ALA B 451 1.97 17.01 18.10
C ALA B 451 1.27 16.20 17.03
N ASN B 452 0.60 16.87 16.08
CA ASN B 452 -0.06 16.17 14.99
C ASN B 452 0.93 15.41 14.12
N VAL B 453 2.09 16.03 13.84
CA VAL B 453 3.10 15.37 13.03
C VAL B 453 3.63 14.12 13.74
N SER B 454 3.87 14.22 15.05
CA SER B 454 4.33 13.06 15.82
C SER B 454 3.28 11.97 15.83
N ARG B 455 2.00 12.34 15.96
CA ARG B 455 0.93 11.35 15.98
C ARG B 455 0.85 10.59 14.66
N LEU B 456 1.00 11.30 13.53
CA LEU B 456 0.95 10.65 12.24
C LEU B 456 2.11 9.68 12.05
N GLU B 457 3.31 10.07 12.50
CA GLU B 457 4.46 9.17 12.41
C GLU B 457 4.26 7.93 13.26
N LEU B 458 3.70 8.08 14.46
CA LEU B 458 3.47 6.95 15.34
C LEU B 458 2.47 5.98 14.72
N ALA B 459 1.43 6.50 14.07
CA ALA B 459 0.42 5.63 13.47
C ALA B 459 1.00 4.76 12.38
N GLY B 460 1.90 5.32 11.55
CA GLY B 460 2.49 4.54 10.49
C GLY B 460 3.36 3.41 11.00
N LEU B 461 4.18 3.68 12.02
CA LEU B 461 5.04 2.64 12.57
C LEU B 461 4.23 1.52 13.21
N TRP B 462 3.18 1.86 13.94
CA TRP B 462 2.38 0.83 14.60
C TRP B 462 1.54 0.05 13.61
N ASP B 463 1.08 0.69 12.54
CA ASP B 463 0.29 0.00 11.53
C ASP B 463 1.10 -1.06 10.81
N GLU B 464 2.39 -0.82 10.59
CA GLU B 464 3.24 -1.82 9.95
C GLU B 464 3.34 -3.08 10.80
N ILE B 465 3.47 -2.92 12.11
CA ILE B 465 3.53 -4.08 13.00
C ILE B 465 2.23 -4.85 12.95
N VAL B 466 1.10 -4.14 12.99
CA VAL B 466 -0.21 -4.81 12.95
C VAL B 466 -0.41 -5.53 11.62
N GLU B 467 -0.03 -4.88 10.52
CA GLU B 467 -0.23 -5.49 9.21
C GLU B 467 0.59 -6.77 9.06
N MET B 468 1.84 -6.74 9.52
CA MET B 468 2.67 -7.93 9.42
C MET B 468 2.19 -9.06 10.33
N LEU B 469 1.59 -8.70 11.48
CA LEU B 469 1.07 -9.72 12.38
C LEU B 469 -0.16 -10.40 11.81
N ARG B 470 -0.96 -9.69 11.00
CA ARG B 470 -2.16 -10.29 10.43
C ARG B 470 -1.82 -11.43 9.48
N ARG B 471 -0.74 -11.27 8.70
CA ARG B 471 -0.34 -12.26 7.71
C ARG B 471 0.73 -13.20 8.23
N ARG B 472 1.00 -13.20 9.53
CA ARG B 472 1.94 -14.13 10.16
C ARG B 472 3.35 -13.99 9.58
N GLU B 473 3.82 -12.76 9.50
CA GLU B 473 5.18 -12.46 9.09
C GLU B 473 6.13 -12.30 10.27
N LEU B 474 5.66 -12.53 11.48
CA LEU B 474 6.42 -12.38 12.71
C LEU B 474 6.28 -13.64 13.55
N PRO B 475 7.25 -13.89 14.44
CA PRO B 475 7.14 -15.06 15.32
C PRO B 475 5.90 -14.99 16.21
N ASP B 476 5.38 -16.17 16.55
CA ASP B 476 4.15 -16.24 17.33
C ASP B 476 4.29 -15.64 18.71
N GLY B 477 5.51 -15.56 19.24
CA GLY B 477 5.74 -15.01 20.56
C GLY B 477 5.88 -13.50 20.62
N PHE B 478 5.65 -12.80 19.51
CA PHE B 478 5.80 -11.34 19.50
C PHE B 478 4.79 -10.67 20.43
N GLU B 479 3.54 -11.15 20.43
CA GLU B 479 2.49 -10.52 21.22
C GLU B 479 2.59 -10.83 22.71
N SER B 480 3.46 -11.76 23.11
CA SER B 480 3.61 -12.12 24.51
C SER B 480 4.77 -11.43 25.21
N ARG B 481 5.64 -10.75 24.46
CA ARG B 481 6.79 -10.08 25.07
C ARG B 481 6.31 -8.90 25.92
N GLN B 482 6.85 -8.79 27.14
CA GLN B 482 6.42 -7.74 28.05
C GLN B 482 6.91 -6.37 27.60
N ASP B 483 8.02 -6.31 26.86
CA ASP B 483 8.54 -5.02 26.41
C ASP B 483 7.58 -4.35 25.44
N TRP B 484 7.01 -5.12 24.50
CA TRP B 484 6.09 -4.56 23.53
C TRP B 484 4.70 -4.30 24.14
N VAL B 485 4.28 -5.13 25.09
CA VAL B 485 2.99 -4.91 25.74
C VAL B 485 3.00 -3.62 26.54
N ASN B 486 4.08 -3.39 27.30
CA ASN B 486 4.19 -2.16 28.07
C ASN B 486 4.27 -0.93 27.16
N LEU B 487 5.04 -1.05 26.08
CA LEU B 487 5.16 0.07 25.14
C LEU B 487 3.83 0.37 24.47
N GLY B 488 3.06 -0.67 24.12
CA GLY B 488 1.76 -0.45 23.51
C GLY B 488 0.79 0.22 24.45
N THR B 489 0.81 -0.17 25.73
CA THR B 489 -0.07 0.47 26.71
C THR B 489 0.25 1.95 26.87
N LEU B 490 1.54 2.29 26.95
CA LEU B 490 1.94 3.68 27.05
C LEU B 490 1.53 4.47 25.80
N TYR B 491 1.71 3.86 24.62
CA TYR B 491 1.29 4.52 23.39
C TYR B 491 -0.22 4.71 23.36
N ARG B 492 -0.98 3.70 23.78
CA ARG B 492 -2.44 3.80 23.74
C ARG B 492 -2.94 4.85 24.73
N ARG B 493 -2.36 4.90 25.93
CA ARG B 493 -2.85 5.79 26.97
C ARG B 493 -2.33 7.22 26.85
N LEU B 494 -1.70 7.57 25.73
CA LEU B 494 -1.16 8.92 25.56
C LEU B 494 -1.59 9.52 24.23
N VAL B 495 -1.85 8.67 23.23
CA VAL B 495 -2.18 9.13 21.89
C VAL B 495 -3.64 8.89 21.52
N GLU B 496 -4.32 7.95 22.15
CA GLU B 496 -5.73 7.71 21.85
C GLU B 496 -6.59 8.95 22.07
N PRO B 497 -6.47 9.71 23.17
CA PRO B 497 -7.24 10.96 23.28
C PRO B 497 -6.95 11.93 22.15
N LEU B 498 -5.71 11.99 21.68
CA LEU B 498 -5.38 12.84 20.54
C LEU B 498 -6.09 12.35 19.27
N ASP B 499 -6.11 11.04 19.06
CA ASP B 499 -6.83 10.50 17.90
C ASP B 499 -8.33 10.71 18.02
N ILE B 500 -8.87 10.63 19.24
CA ILE B 500 -10.28 10.92 19.46
C ILE B 500 -10.58 12.37 19.13
N ALA B 501 -9.71 13.29 19.54
CA ALA B 501 -9.91 14.70 19.24
C ALA B 501 -9.88 14.95 17.74
N ASN B 502 -8.96 14.30 17.03
CA ASN B 502 -8.89 14.45 15.58
C ASN B 502 -10.15 13.94 14.90
N TYR B 503 -10.72 12.84 15.42
CA TYR B 503 -11.94 12.29 14.84
C TYR B 503 -13.11 13.25 15.00
N TYR B 504 -13.22 13.90 16.16
CA TYR B 504 -14.37 14.76 16.43
C TYR B 504 -14.16 16.20 16.01
N ARG B 505 -12.92 16.65 15.81
CA ARG B 505 -12.68 18.00 15.33
C ARG B 505 -12.88 18.14 13.83
N HIS B 506 -12.91 17.03 13.09
CA HIS B 506 -13.18 17.04 11.66
C HIS B 506 -14.64 16.69 11.35
N SER B 507 -15.49 16.58 12.36
CA SER B 507 -16.90 16.24 12.19
C SER B 507 -17.06 14.90 11.47
N LYS B 508 -16.22 13.93 11.81
CA LYS B 508 -16.28 12.61 11.21
C LYS B 508 -17.31 11.70 11.88
N ASN B 509 -17.94 12.16 12.96
CA ASN B 509 -18.96 11.38 13.65
C ASN B 509 -20.35 11.56 13.06
N GLU B 510 -20.52 12.48 12.12
CA GLU B 510 -21.82 12.74 11.52
C GLU B 510 -21.99 12.12 10.14
N ASP B 511 -20.92 11.60 9.54
CA ASP B 511 -21.00 10.96 8.24
C ASP B 511 -20.63 9.48 8.26
N THR B 512 -19.93 9.00 9.30
CA THR B 512 -19.57 7.60 9.42
C THR B 512 -20.24 6.93 10.60
N GLY B 513 -20.11 7.47 11.80
CA GLY B 513 -20.73 6.90 12.97
C GLY B 513 -19.94 7.26 14.21
N SER B 514 -20.32 6.65 15.32
CA SER B 514 -19.65 6.88 16.59
C SER B 514 -18.23 6.32 16.56
N TYR B 515 -17.36 6.95 17.34
CA TYR B 515 -15.96 6.51 17.38
C TYR B 515 -15.84 5.11 17.95
N LEU B 516 -16.57 4.81 19.03
CA LEU B 516 -16.48 3.51 19.66
C LEU B 516 -17.27 2.44 18.93
N SER B 517 -18.10 2.82 17.96
CA SER B 517 -18.95 1.87 17.25
C SER B 517 -18.44 1.56 15.84
N LYS B 518 -18.10 2.58 15.05
CA LYS B 518 -17.73 2.39 13.66
C LYS B 518 -16.26 2.69 13.40
N GLY B 519 -15.80 3.89 13.72
CA GLY B 519 -14.44 4.29 13.41
C GLY B 519 -13.47 4.26 14.57
N ARG B 520 -12.65 3.22 14.64
CA ARG B 520 -11.62 3.10 15.66
C ARG B 520 -10.43 2.40 15.02
N PRO B 521 -9.21 2.92 15.20
CA PRO B 521 -8.03 2.27 14.60
C PRO B 521 -7.84 0.86 15.14
N ARG B 522 -7.41 -0.03 14.24
CA ARG B 522 -7.19 -1.42 14.64
C ARG B 522 -5.99 -1.56 15.56
N ARG B 523 -5.02 -0.65 15.46
CA ARG B 523 -3.84 -0.72 16.32
C ARG B 523 -4.19 -0.57 17.79
N TYR B 524 -5.13 0.34 18.09
CA TYR B 524 -5.55 0.51 19.49
C TYR B 524 -6.30 -0.72 20.00
N LYS B 525 -7.10 -1.35 19.13
CA LYS B 525 -7.78 -2.58 19.53
C LYS B 525 -6.78 -3.69 19.82
N TYR B 526 -5.73 -3.80 18.99
CA TYR B 526 -4.71 -4.83 19.21
C TYR B 526 -3.97 -4.59 20.52
N THR B 527 -3.60 -3.33 20.80
CA THR B 527 -2.85 -3.04 22.01
C THR B 527 -3.68 -3.28 23.25
N GLN B 528 -4.97 -2.94 23.21
CA GLN B 528 -5.84 -3.19 24.36
C GLN B 528 -5.97 -4.68 24.63
N GLU B 529 -6.11 -5.49 23.57
CA GLU B 529 -6.23 -6.93 23.76
C GLU B 529 -4.93 -7.55 24.25
N TRP B 530 -3.79 -6.97 23.86
CA TRP B 530 -2.51 -7.44 24.38
C TRP B 530 -2.41 -7.23 25.88
N HIS B 531 -2.81 -6.05 26.36
CA HIS B 531 -2.74 -5.76 27.79
C HIS B 531 -3.72 -6.61 28.59
N GLU B 532 -4.92 -6.82 28.05
CA GLU B 532 -5.93 -7.60 28.76
C GLU B 532 -5.48 -9.05 28.93
N GLN B 533 -4.88 -9.63 27.88
CA GLN B 533 -4.43 -11.02 27.97
C GLN B 533 -3.30 -11.17 28.99
N SER B 534 -2.38 -10.20 29.04
CA SER B 534 -1.24 -10.29 29.95
C SER B 534 -1.70 -10.29 31.41
N GLN B 535 -2.68 -9.44 31.74
CA GLN B 535 -3.18 -9.33 33.10
C GLN B 535 -4.30 -10.32 33.41
N ARG B 536 -4.71 -11.14 32.44
CA ARG B 536 -5.77 -12.14 32.62
C ARG B 536 -7.06 -11.51 33.15
N ILE B 537 -7.43 -10.37 32.57
CA ILE B 537 -8.65 -9.69 32.94
C ILE B 537 -9.69 -9.93 31.85
N SER B 538 -10.94 -9.55 32.14
CA SER B 538 -12.01 -9.74 31.18
C SER B 538 -11.77 -8.90 29.93
N PHE B 539 -11.97 -9.52 28.77
CA PHE B 539 -11.73 -8.84 27.51
C PHE B 539 -12.76 -7.74 27.29
N GLY B 540 -12.30 -6.60 26.77
CA GLY B 540 -13.18 -5.48 26.50
C GLY B 540 -13.47 -4.58 27.70
N SER B 541 -12.81 -4.80 28.82
CA SER B 541 -13.03 -4.00 30.01
C SER B 541 -12.05 -2.85 30.17
N SER B 542 -10.90 -2.89 29.50
CA SER B 542 -9.90 -1.84 29.60
C SER B 542 -10.20 -0.79 28.54
N LEU B 543 -11.10 0.12 28.89
CA LEU B 543 -11.53 1.20 28.01
C LEU B 543 -11.19 2.57 28.59
N GLU B 544 -10.16 2.64 29.44
CA GLU B 544 -9.78 3.90 30.05
C GLU B 544 -9.28 4.90 29.02
N SER B 545 -8.59 4.43 27.97
CA SER B 545 -8.10 5.34 26.94
C SER B 545 -9.24 5.99 26.18
N CYS B 546 -10.30 5.24 25.90
CA CYS B 546 -11.45 5.76 25.17
C CYS B 546 -12.49 6.38 26.10
N PHE B 547 -12.04 7.29 26.96
CA PHE B 547 -12.93 7.98 27.89
C PHE B 547 -13.55 9.22 27.28
N TRP B 548 -12.77 9.99 26.51
CA TRP B 548 -13.29 11.20 25.89
C TRP B 548 -14.29 10.87 24.80
N ALA B 549 -14.14 9.72 24.14
CA ALA B 549 -15.06 9.35 23.07
C ALA B 549 -16.48 9.16 23.59
N MET B 550 -16.62 8.50 24.75
CA MET B 550 -17.95 8.32 25.33
C MET B 550 -18.51 9.63 25.86
N ALA B 551 -17.64 10.53 26.31
CA ALA B 551 -18.11 11.83 26.80
C ALA B 551 -18.59 12.72 25.65
N GLU B 552 -17.86 12.71 24.54
CA GLU B 552 -18.24 13.54 23.40
C GLU B 552 -19.58 13.08 22.80
N GLU B 553 -19.78 11.77 22.70
CA GLU B 553 -21.04 11.26 22.18
C GLU B 553 -22.21 11.64 23.08
N LEU B 554 -22.00 11.59 24.39
CA LEU B 554 -23.04 12.02 25.33
C LEU B 554 -23.36 13.49 25.16
N GLN B 555 -22.34 14.33 24.96
CA GLN B 555 -22.57 15.75 24.72
C GLN B 555 -23.21 15.99 23.37
N ALA B 556 -22.95 15.12 22.39
CA ALA B 556 -23.59 15.28 21.08
C ALA B 556 -25.09 14.94 21.15
N GLU B 557 -25.44 13.89 21.90
CA GLU B 557 -26.84 13.49 21.97
C GLU B 557 -27.67 14.49 22.79
N ILE B 558 -27.08 15.05 23.85
CA ILE B 558 -27.81 16.00 24.69
C ILE B 558 -28.13 17.28 23.93
N ALA B 559 -27.36 17.60 22.89
CA ALA B 559 -27.58 18.80 22.08
C ALA B 559 -28.32 18.52 20.79
N ASN B 560 -28.76 17.28 20.56
CA ASN B 560 -29.46 16.90 19.34
C ASN B 560 -30.96 16.77 19.55
N GLY B 561 -31.47 17.25 20.69
CA GLY B 561 -32.89 17.20 21.01
C GLY B 561 -33.21 16.37 22.24
N LYS B 562 -32.40 15.36 22.54
CA LYS B 562 -32.63 14.53 23.70
C LYS B 562 -32.41 15.33 24.99
N THR B 563 -33.19 14.99 26.01
CA THR B 563 -33.11 15.64 27.31
C THR B 563 -32.24 14.82 28.25
N PHE B 564 -31.91 15.43 29.40
CA PHE B 564 -31.08 14.75 30.38
C PHE B 564 -31.76 13.52 30.95
N GLU B 565 -33.09 13.57 31.12
CA GLU B 565 -33.82 12.42 31.65
C GLU B 565 -33.75 11.22 30.72
N ASP B 566 -33.61 11.45 29.41
CA ASP B 566 -33.54 10.36 28.45
C ASP B 566 -32.18 9.67 28.43
N VAL B 567 -31.11 10.37 28.83
CA VAL B 567 -29.76 9.82 28.77
C VAL B 567 -29.12 9.75 30.14
N ARG B 568 -29.87 9.97 31.21
CA ARG B 568 -29.30 9.94 32.56
C ARG B 568 -28.78 8.55 32.90
N ASP B 569 -29.36 7.50 32.30
CA ASP B 569 -28.86 6.15 32.54
C ASP B 569 -27.44 5.98 32.03
N ARG B 570 -27.13 6.59 30.87
CA ARG B 570 -25.78 6.53 30.34
C ARG B 570 -24.81 7.43 31.11
N VAL B 571 -25.32 8.50 31.71
CA VAL B 571 -24.45 9.43 32.43
C VAL B 571 -23.90 8.78 33.69
N VAL B 572 -24.76 8.09 34.45
CA VAL B 572 -24.31 7.46 35.69
C VAL B 572 -23.33 6.34 35.41
N LYS B 573 -23.50 5.63 34.29
CA LYS B 573 -22.51 4.63 33.90
C LYS B 573 -21.16 5.27 33.62
N LEU B 574 -21.17 6.43 32.94
CA LEU B 574 -19.93 7.16 32.70
C LEU B 574 -19.28 7.60 34.01
N GLU B 575 -20.08 8.09 34.95
CA GLU B 575 -19.55 8.52 36.24
C GLU B 575 -18.96 7.36 37.01
N SER B 576 -19.63 6.20 36.99
CA SER B 576 -19.14 5.04 37.73
C SER B 576 -17.81 4.55 37.16
N ASP B 577 -17.69 4.51 35.83
CA ASP B 577 -16.44 4.07 35.21
C ASP B 577 -15.31 5.04 35.50
N ALA B 578 -15.59 6.34 35.50
CA ALA B 578 -14.55 7.32 35.81
C ALA B 578 -14.06 7.18 37.24
N HIS B 579 -14.97 6.91 38.18
CA HIS B 579 -14.56 6.71 39.58
C HIS B 579 -13.68 5.48 39.72
N GLY B 580 -14.05 4.37 39.07
CA GLY B 580 -13.27 3.16 39.19
C GLY B 580 -11.89 3.29 38.57
N TRP B 581 -11.81 4.00 37.44
CA TRP B 581 -10.52 4.19 36.77
C TRP B 581 -9.62 5.11 37.59
N SER B 582 -10.20 6.11 38.26
CA SER B 582 -9.39 7.03 39.05
C SER B 582 -8.76 6.33 40.25
N MET B 583 -9.45 5.33 40.82
CA MET B 583 -8.87 4.59 41.93
C MET B 583 -7.62 3.84 41.50
N SER B 584 -7.67 3.18 40.33
CA SER B 584 -6.50 2.43 39.87
C SER B 584 -5.43 3.35 39.29
N GLY B 585 -5.79 4.59 38.98
CA GLY B 585 -4.87 5.54 38.39
C GLY B 585 -4.82 5.52 36.88
N SER B 586 -5.55 4.61 36.23
CA SER B 586 -5.55 4.58 34.77
C SER B 586 -6.21 5.81 34.18
N LEU B 587 -7.12 6.45 34.91
CA LEU B 587 -7.78 7.65 34.43
C LEU B 587 -6.78 8.78 34.28
N GLY B 588 -6.97 9.58 33.22
CA GLY B 588 -6.07 10.70 32.99
C GLY B 588 -6.21 11.78 34.04
N LYS B 589 -5.11 12.50 34.26
CA LYS B 589 -5.07 13.56 35.26
C LYS B 589 -5.48 14.92 34.70
N ASP B 590 -5.80 15.00 33.42
CA ASP B 590 -6.17 16.26 32.78
C ASP B 590 -7.68 16.42 32.63
N ILE B 591 -8.46 15.54 33.24
CA ILE B 591 -9.91 15.62 33.09
C ILE B 591 -10.56 16.52 34.15
N PHE B 592 -9.90 16.68 35.30
CA PHE B 592 -10.46 17.47 36.39
C PHE B 592 -9.57 18.66 36.72
N LEU B 593 -9.10 19.37 35.69
CA LEU B 593 -8.19 20.49 35.87
C LEU B 593 -8.90 21.83 35.94
N SER B 594 -10.21 21.84 36.21
CA SER B 594 -11.05 23.03 36.37
C SER B 594 -11.20 23.84 35.10
N ARG B 595 -10.63 23.38 33.97
CA ARG B 595 -10.83 24.09 32.71
C ARG B 595 -11.09 23.14 31.54
N SER B 596 -11.35 21.87 31.81
CA SER B 596 -11.64 20.91 30.75
C SER B 596 -13.13 20.98 30.38
N SER B 597 -13.44 20.44 29.20
CA SER B 597 -14.82 20.46 28.73
C SER B 597 -15.73 19.65 29.63
N PHE B 598 -15.24 18.51 30.14
CA PHE B 598 -16.07 17.66 30.99
C PHE B 598 -16.48 18.37 32.28
N VAL B 599 -15.54 19.11 32.89
CA VAL B 599 -15.84 19.80 34.14
C VAL B 599 -16.88 20.88 33.91
N ILE B 600 -16.73 21.67 32.85
CA ILE B 600 -17.70 22.72 32.55
C ILE B 600 -19.06 22.12 32.22
N TRP B 601 -19.08 21.04 31.43
CA TRP B 601 -20.34 20.40 31.07
C TRP B 601 -21.02 19.80 32.30
N TRP B 602 -20.24 19.24 33.22
CA TRP B 602 -20.81 18.64 34.42
C TRP B 602 -21.52 19.67 35.29
N LYS B 603 -20.94 20.86 35.40
CA LYS B 603 -21.55 21.90 36.23
C LYS B 603 -22.87 22.39 35.65
N THR B 604 -23.07 22.25 34.34
CA THR B 604 -24.33 22.65 33.71
C THR B 604 -25.42 21.60 33.86
N LEU B 605 -25.10 20.43 34.42
CA LEU B 605 -26.09 19.38 34.61
C LEU B 605 -27.09 19.80 35.69
N PRO B 606 -28.27 19.17 35.71
CA PRO B 606 -29.27 19.52 36.74
C PRO B 606 -28.72 19.30 38.14
N GLU B 607 -29.20 20.14 39.07
CA GLU B 607 -28.69 20.15 40.43
C GLU B 607 -28.94 18.81 41.14
N ASN B 608 -30.07 18.17 40.83
CA ASN B 608 -30.40 16.91 41.49
C ASN B 608 -29.35 15.85 41.22
N HIS B 609 -28.91 15.72 39.96
CA HIS B 609 -27.85 14.77 39.63
C HIS B 609 -26.52 15.19 40.25
N ARG B 610 -26.22 16.49 40.22
CA ARG B 610 -24.96 16.98 40.77
C ARG B 610 -24.91 16.81 42.28
N SER B 611 -26.05 16.99 42.95
CA SER B 611 -26.08 16.87 44.42
C SER B 611 -25.72 15.46 44.87
N ALA B 612 -26.24 14.45 44.17
CA ALA B 612 -26.01 13.05 44.52
C ALA B 612 -25.32 12.36 43.35
N SER B 613 -23.99 12.39 43.34
CA SER B 613 -23.20 11.74 42.30
C SER B 613 -21.97 11.12 42.93
N CYS B 614 -21.44 10.09 42.26
CA CYS B 614 -20.27 9.40 42.75
C CYS B 614 -18.97 10.14 42.45
N ILE B 615 -19.02 11.20 41.66
CA ILE B 615 -17.84 11.99 41.34
C ILE B 615 -17.95 13.40 41.91
N ALA B 616 -18.83 13.59 42.90
CA ALA B 616 -19.07 14.93 43.46
C ALA B 616 -17.85 15.51 44.17
N LYS B 617 -16.87 14.68 44.53
CA LYS B 617 -15.68 15.16 45.22
C LYS B 617 -14.45 15.22 44.33
N LEU B 618 -14.41 14.42 43.25
CA LEU B 618 -13.28 14.47 42.34
C LEU B 618 -13.25 15.75 41.50
N VAL B 619 -14.39 16.41 41.34
CA VAL B 619 -14.42 17.66 40.58
C VAL B 619 -13.72 18.76 41.39
N PRO B 620 -13.03 19.70 40.75
CA PRO B 620 -12.37 20.79 41.49
C PRO B 620 -13.34 21.92 41.83
N TRP B 621 -14.22 21.64 42.78
CA TRP B 621 -15.21 22.63 43.22
C TRP B 621 -14.55 23.78 43.96
N GLU C 9 17.67 -13.80 -3.99
CA GLU C 9 18.21 -14.09 -5.32
C GLU C 9 17.68 -15.42 -5.84
N GLU C 10 18.45 -16.05 -6.74
CA GLU C 10 18.04 -17.33 -7.30
C GLU C 10 18.00 -18.42 -6.22
N ASN C 11 18.96 -18.40 -5.29
CA ASN C 11 18.97 -19.41 -4.23
C ASN C 11 17.77 -19.27 -3.30
N SER C 12 17.30 -18.03 -3.09
CA SER C 12 16.15 -17.78 -2.22
C SER C 12 14.82 -17.82 -2.95
N MET C 13 14.82 -18.14 -4.24
CA MET C 13 13.60 -18.22 -5.03
C MET C 13 13.32 -19.67 -5.40
N PHE C 14 12.04 -20.04 -5.36
CA PHE C 14 11.62 -21.41 -5.63
C PHE C 14 10.57 -21.44 -6.73
N GLU C 15 10.55 -22.54 -7.46
CA GLU C 15 9.59 -22.76 -8.54
C GLU C 15 8.32 -23.36 -7.97
N THR C 16 7.16 -22.83 -8.38
CA THR C 16 5.89 -23.21 -7.78
C THR C 16 4.88 -23.78 -8.77
N SER C 17 5.20 -23.85 -10.07
CA SER C 17 4.21 -24.33 -11.04
C SER C 17 3.89 -25.81 -10.83
N HIS C 18 4.90 -26.63 -10.56
CA HIS C 18 4.65 -28.06 -10.41
C HIS C 18 3.82 -28.36 -9.17
N VAL C 19 3.98 -27.58 -8.11
CA VAL C 19 3.16 -27.77 -6.91
C VAL C 19 1.70 -27.51 -7.22
N LEU C 20 1.41 -26.42 -7.96
CA LEU C 20 0.04 -26.13 -8.34
C LEU C 20 -0.52 -27.19 -9.28
N GLY C 21 0.32 -27.68 -10.20
CA GLY C 21 -0.12 -28.76 -11.08
C GLY C 21 -0.46 -30.03 -10.31
N ALA C 22 0.36 -30.38 -9.32
CA ALA C 22 0.07 -31.53 -8.48
C ALA C 22 -1.21 -31.33 -7.68
N LEU C 23 -1.42 -30.12 -7.17
CA LEU C 23 -2.66 -29.82 -6.45
C LEU C 23 -3.87 -29.99 -7.36
N LEU C 24 -3.78 -29.50 -8.61
CA LEU C 24 -4.88 -29.66 -9.55
C LEU C 24 -5.12 -31.13 -9.89
N ALA C 25 -4.04 -31.89 -10.08
CA ALA C 25 -4.18 -33.29 -10.49
C ALA C 25 -4.74 -34.15 -9.36
N SER C 26 -4.32 -33.89 -8.11
CA SER C 26 -4.75 -34.72 -7.00
C SER C 26 -6.26 -34.64 -6.78
N SER C 27 -6.83 -33.45 -6.90
CA SER C 27 -8.26 -33.30 -6.71
C SER C 27 -9.02 -34.01 -7.82
N PRO C 28 -10.16 -34.64 -7.53
CA PRO C 28 -10.94 -35.32 -8.56
C PRO C 28 -11.77 -34.39 -9.44
N LEU C 29 -11.53 -33.08 -9.39
CA LEU C 29 -12.29 -32.14 -10.20
C LEU C 29 -12.09 -32.42 -11.69
N LEU C 30 -10.85 -32.66 -12.10
CA LEU C 30 -10.58 -32.95 -13.50
C LEU C 30 -11.22 -34.27 -13.93
N ALA C 31 -11.20 -35.28 -13.06
CA ALA C 31 -11.83 -36.55 -13.37
C ALA C 31 -13.34 -36.39 -13.55
N ARG C 32 -13.97 -35.63 -12.65
CA ARG C 32 -15.41 -35.39 -12.77
C ARG C 32 -15.73 -34.60 -14.04
N ALA C 33 -14.90 -33.61 -14.36
CA ALA C 33 -15.10 -32.84 -15.58
C ALA C 33 -15.01 -33.72 -16.82
N TRP C 34 -14.01 -34.62 -16.85
CA TRP C 34 -13.90 -35.52 -17.99
C TRP C 34 -15.04 -36.53 -18.04
N ASP C 35 -15.54 -36.96 -16.87
CA ASP C 35 -16.70 -37.84 -16.87
C ASP C 35 -17.92 -37.15 -17.47
N ARG C 36 -18.13 -35.87 -17.10
CA ARG C 36 -19.24 -35.12 -17.70
C ARG C 36 -19.02 -34.92 -19.19
N CYS C 37 -17.79 -34.65 -19.61
CA CYS C 37 -17.50 -34.48 -21.03
C CYS C 37 -17.78 -35.76 -21.80
N ALA C 38 -17.39 -36.91 -21.25
CA ALA C 38 -17.66 -38.19 -21.89
C ALA C 38 -19.16 -38.47 -21.94
N ALA C 39 -19.89 -38.13 -20.88
CA ALA C 39 -21.33 -38.29 -20.89
C ALA C 39 -21.98 -37.46 -21.98
N ALA C 40 -21.52 -36.23 -22.16
CA ALA C 40 -22.02 -35.40 -23.25
C ALA C 40 -21.66 -35.97 -24.61
N ALA C 41 -20.41 -36.39 -24.78
CA ALA C 41 -19.99 -36.96 -26.05
C ALA C 41 -20.78 -38.21 -26.40
N ASP C 42 -21.21 -38.95 -25.39
CA ASP C 42 -22.09 -40.11 -25.61
C ASP C 42 -23.53 -39.62 -25.71
N GLY C 43 -23.95 -39.28 -26.92
CA GLY C 43 -25.33 -38.90 -27.16
C GLY C 43 -25.80 -37.56 -26.65
N GLY C 44 -25.03 -36.50 -26.88
CA GLY C 44 -25.56 -35.17 -26.70
C GLY C 44 -26.08 -34.56 -27.99
N ALA C 45 -26.44 -35.42 -28.95
CA ALA C 45 -26.95 -34.97 -30.23
C ALA C 45 -28.27 -34.22 -30.11
N SER C 46 -28.97 -34.35 -28.98
CA SER C 46 -30.21 -33.61 -28.78
C SER C 46 -29.91 -32.12 -28.64
N SER C 47 -30.94 -31.29 -28.89
CA SER C 47 -30.77 -29.85 -28.80
C SER C 47 -30.40 -29.40 -27.38
N LEU C 48 -30.95 -30.07 -26.37
CA LEU C 48 -30.63 -29.73 -24.99
C LEU C 48 -29.17 -30.05 -24.70
N GLY C 49 -28.59 -29.30 -23.75
CA GLY C 49 -27.21 -29.50 -23.38
C GLY C 49 -27.02 -30.74 -22.54
N PHE C 50 -25.78 -30.92 -22.08
CA PHE C 50 -25.45 -32.08 -21.27
C PHE C 50 -26.19 -32.04 -19.94
N VAL C 51 -26.44 -33.22 -19.38
CA VAL C 51 -27.18 -33.33 -18.13
C VAL C 51 -26.36 -32.72 -17.01
N HIS C 52 -26.98 -31.81 -16.26
CA HIS C 52 -26.29 -31.20 -15.12
C HIS C 52 -26.03 -32.23 -14.03
N GLY C 53 -27.05 -33.00 -13.66
CA GLY C 53 -26.87 -34.08 -12.70
C GLY C 53 -26.66 -33.60 -11.28
N GLY C 54 -25.53 -32.97 -11.02
CA GLY C 54 -25.18 -32.51 -9.70
C GLY C 54 -24.37 -33.49 -8.88
N GLY C 55 -24.30 -34.76 -9.29
CA GLY C 55 -23.53 -35.75 -8.58
C GLY C 55 -24.16 -36.29 -7.32
N GLY C 56 -25.40 -35.89 -7.02
CA GLY C 56 -26.06 -36.33 -5.80
C GLY C 56 -25.71 -35.48 -4.61
N GLY C 57 -24.43 -35.11 -4.49
CA GLY C 57 -23.98 -34.26 -3.40
C GLY C 57 -24.21 -32.80 -3.67
N GLY C 58 -25.46 -32.35 -3.51
CA GLY C 58 -25.78 -30.96 -3.79
C GLY C 58 -24.96 -29.98 -2.99
N GLU C 59 -24.71 -30.29 -1.71
CA GLU C 59 -23.88 -29.44 -0.87
C GLU C 59 -22.40 -29.79 -0.99
N GLY C 60 -22.07 -31.08 -1.01
CA GLY C 60 -20.68 -31.48 -1.10
C GLY C 60 -20.04 -31.14 -2.43
N GLU C 61 -20.78 -31.32 -3.52
CA GLU C 61 -20.25 -31.13 -4.86
C GLU C 61 -20.98 -29.99 -5.55
N PRO C 62 -20.26 -29.04 -6.15
CA PRO C 62 -20.93 -28.00 -6.95
C PRO C 62 -21.55 -28.59 -8.20
N VAL C 63 -22.59 -27.92 -8.70
CA VAL C 63 -23.27 -28.38 -9.90
C VAL C 63 -22.31 -28.34 -11.08
N CYS C 64 -22.13 -29.49 -11.73
CA CYS C 64 -21.21 -29.61 -12.85
C CYS C 64 -22.02 -29.72 -14.15
N VAL C 65 -21.83 -28.76 -15.04
CA VAL C 65 -22.54 -28.71 -16.31
C VAL C 65 -21.52 -28.79 -17.44
N ALA C 66 -21.76 -29.71 -18.37
CA ALA C 66 -20.92 -29.87 -19.55
C ALA C 66 -21.62 -29.27 -20.78
N PHE C 67 -20.79 -28.87 -21.75
CA PHE C 67 -21.32 -28.28 -22.98
C PHE C 67 -20.57 -28.90 -24.16
N SER C 68 -21.29 -29.67 -24.97
CA SER C 68 -20.73 -30.28 -26.17
C SER C 68 -21.25 -29.52 -27.40
N GLY C 69 -20.32 -29.03 -28.21
CA GLY C 69 -20.68 -28.26 -29.39
C GLY C 69 -20.52 -29.02 -30.69
N VAL C 70 -20.90 -30.30 -30.69
CA VAL C 70 -20.78 -31.11 -31.89
C VAL C 70 -21.76 -30.66 -32.95
N GLN C 71 -22.97 -30.28 -32.55
CA GLN C 71 -23.98 -29.84 -33.51
C GLN C 71 -23.55 -28.54 -34.18
N ALA C 72 -22.93 -27.63 -33.42
CA ALA C 72 -22.40 -26.41 -34.02
C ALA C 72 -21.31 -26.73 -35.04
N ALA C 73 -20.46 -27.71 -34.73
CA ALA C 73 -19.44 -28.12 -35.69
C ALA C 73 -20.07 -28.69 -36.95
N LEU C 74 -21.13 -29.50 -36.80
CA LEU C 74 -21.82 -30.03 -37.97
C LEU C 74 -22.43 -28.91 -38.81
N SER C 75 -23.02 -27.92 -38.15
CA SER C 75 -23.60 -26.79 -38.86
C SER C 75 -22.52 -26.01 -39.62
N ALA C 76 -21.36 -25.81 -38.99
CA ALA C 76 -20.26 -25.13 -39.66
C ALA C 76 -19.75 -25.94 -40.85
N ALA C 77 -19.62 -27.26 -40.69
CA ALA C 77 -19.16 -28.11 -41.77
C ALA C 77 -20.17 -28.19 -42.90
N ALA C 78 -21.45 -27.93 -42.63
CA ALA C 78 -22.44 -27.88 -43.70
C ALA C 78 -22.11 -26.80 -44.71
N GLY C 79 -21.71 -25.62 -44.24
CA GLY C 79 -21.32 -24.54 -45.12
C GLY C 79 -19.89 -24.60 -45.61
N GLY C 80 -19.09 -25.52 -45.10
CA GLY C 80 -17.70 -25.67 -45.52
C GLY C 80 -16.77 -24.70 -44.81
N GLY C 81 -15.48 -24.99 -44.94
CA GLY C 81 -14.46 -24.15 -44.33
C GLY C 81 -14.24 -22.84 -45.06
N GLY C 82 -13.75 -22.92 -46.30
CA GLY C 82 -13.52 -21.74 -47.11
C GLY C 82 -12.22 -21.03 -46.78
N GLY C 83 -11.78 -21.12 -45.53
CA GLY C 83 -10.58 -20.45 -45.09
C GLY C 83 -10.88 -19.20 -44.29
N ALA C 84 -10.83 -19.31 -42.96
CA ALA C 84 -11.08 -18.26 -41.98
C ALA C 84 -12.53 -17.81 -41.96
N GLU C 85 -13.38 -18.31 -42.86
CA GLU C 85 -14.77 -17.87 -42.91
C GLU C 85 -15.48 -18.16 -41.60
N ILE C 86 -15.25 -19.34 -41.02
CA ILE C 86 -15.79 -19.66 -39.71
C ILE C 86 -14.91 -19.14 -38.58
N PHE C 87 -13.66 -18.76 -38.89
CA PHE C 87 -12.72 -18.28 -37.89
C PHE C 87 -12.52 -16.78 -37.92
N LYS C 88 -13.34 -16.06 -38.67
CA LYS C 88 -13.24 -14.61 -38.69
C LYS C 88 -13.68 -14.05 -37.34
N PRO C 89 -12.84 -13.27 -36.65
CA PRO C 89 -13.24 -12.72 -35.35
C PRO C 89 -14.43 -11.79 -35.47
N VAL C 90 -15.28 -11.83 -34.45
CA VAL C 90 -16.48 -11.00 -34.41
C VAL C 90 -16.48 -10.23 -33.09
N GLY C 91 -16.78 -8.93 -33.18
CA GLY C 91 -16.79 -8.08 -32.01
C GLY C 91 -18.02 -8.30 -31.15
N LEU C 92 -17.99 -7.69 -29.97
CA LEU C 92 -19.08 -7.79 -28.99
C LEU C 92 -19.78 -6.47 -28.73
N ARG C 93 -19.03 -5.37 -28.62
CA ARG C 93 -19.65 -4.08 -28.35
C ARG C 93 -20.54 -3.63 -29.51
N GLY C 94 -20.06 -3.80 -30.74
CA GLY C 94 -20.81 -3.36 -31.90
C GLY C 94 -21.66 -4.44 -32.54
N ASP C 95 -21.07 -5.60 -32.80
CA ASP C 95 -21.76 -6.70 -33.45
C ASP C 95 -22.26 -7.70 -32.42
N ALA C 96 -22.99 -8.71 -32.90
CA ALA C 96 -23.57 -9.78 -32.06
C ALA C 96 -24.50 -9.11 -31.05
N ALA C 97 -24.49 -9.56 -29.79
CA ALA C 97 -25.35 -8.99 -28.74
C ALA C 97 -24.46 -8.52 -27.61
N GLY C 98 -24.39 -7.20 -27.41
CA GLY C 98 -23.63 -6.63 -26.31
C GLY C 98 -24.30 -6.69 -24.96
N ARG C 99 -25.56 -7.11 -24.91
CA ARG C 99 -26.26 -7.25 -23.64
C ARG C 99 -25.60 -8.30 -22.76
N LEU C 100 -25.20 -9.42 -23.36
CA LEU C 100 -24.61 -10.52 -22.58
C LEU C 100 -23.28 -10.11 -21.97
N PHE C 101 -22.45 -9.36 -22.71
CA PHE C 101 -21.11 -8.99 -22.27
C PHE C 101 -20.95 -7.49 -22.05
N ALA C 102 -22.00 -6.82 -21.58
CA ALA C 102 -21.90 -5.39 -21.31
C ALA C 102 -20.83 -5.07 -20.27
N PRO C 103 -20.74 -5.75 -19.13
CA PRO C 103 -19.58 -5.51 -18.25
C PRO C 103 -18.26 -5.82 -18.91
N LEU C 104 -18.22 -6.82 -19.80
CA LEU C 104 -16.98 -7.14 -20.51
C LEU C 104 -16.58 -6.02 -21.45
N VAL C 105 -17.50 -5.56 -22.29
CA VAL C 105 -17.25 -4.46 -23.21
C VAL C 105 -18.33 -3.40 -22.94
N ALA C 106 -18.06 -2.54 -21.96
CA ALA C 106 -18.85 -1.34 -21.74
C ALA C 106 -17.99 -0.07 -21.77
N ALA C 107 -16.70 -0.19 -22.05
CA ALA C 107 -15.81 0.95 -22.12
C ALA C 107 -14.99 1.02 -23.40
N GLU C 108 -15.01 -0.02 -24.24
CA GLU C 108 -14.25 -0.02 -25.49
C GLU C 108 -14.86 0.95 -26.50
N ALA C 112 -11.13 0.92 -27.99
CA ALA C 112 -10.37 2.16 -28.14
C ALA C 112 -8.96 1.87 -28.64
N GLY C 113 -8.48 0.66 -28.40
CA GLY C 113 -7.15 0.26 -28.81
C GLY C 113 -7.15 -0.66 -30.01
N GLY C 114 -6.53 -1.83 -29.87
CA GLY C 114 -6.46 -2.79 -30.95
C GLY C 114 -7.70 -3.64 -31.06
N GLU C 115 -8.77 -3.06 -31.62
CA GLU C 115 -10.06 -3.71 -31.85
C GLU C 115 -10.75 -4.02 -30.52
N PRO C 116 -12.04 -4.39 -30.52
CA PRO C 116 -12.68 -4.80 -29.27
C PRO C 116 -12.19 -6.15 -28.78
N VAL C 117 -12.82 -6.68 -27.73
CA VAL C 117 -12.39 -7.95 -27.15
C VAL C 117 -12.41 -9.05 -28.22
N ALA C 118 -13.50 -9.11 -28.99
CA ALA C 118 -13.66 -10.04 -30.11
C ALA C 118 -13.72 -11.50 -29.66
N VAL C 119 -14.31 -12.35 -30.49
CA VAL C 119 -14.44 -13.77 -30.18
C VAL C 119 -14.53 -14.55 -31.48
N GLN C 120 -14.30 -15.85 -31.40
CA GLN C 120 -14.41 -16.72 -32.57
C GLN C 120 -15.85 -16.77 -33.04
N ALA C 121 -16.03 -16.77 -34.37
CA ALA C 121 -17.38 -16.77 -34.94
C ALA C 121 -18.12 -18.06 -34.61
N LEU C 122 -17.44 -19.20 -34.69
CA LEU C 122 -18.10 -20.48 -34.44
C LEU C 122 -18.54 -20.62 -32.99
N ALA C 123 -17.69 -20.18 -32.05
CA ALA C 123 -18.07 -20.22 -30.64
C ALA C 123 -19.26 -19.30 -30.38
N LEU C 124 -19.28 -18.12 -31.00
CA LEU C 124 -20.42 -17.23 -30.85
C LEU C 124 -21.69 -17.84 -31.42
N GLN C 125 -21.58 -18.52 -32.57
CA GLN C 125 -22.74 -19.18 -33.15
C GLN C 125 -23.25 -20.29 -32.23
N GLY C 126 -22.35 -21.08 -31.66
CA GLY C 126 -22.77 -22.10 -30.71
C GLY C 126 -23.42 -21.52 -29.47
N PHE C 127 -22.88 -20.40 -28.97
CA PHE C 127 -23.48 -19.74 -27.83
C PHE C 127 -24.89 -19.26 -28.15
N LEU C 128 -25.08 -18.66 -29.33
CA LEU C 128 -26.41 -18.23 -29.72
C LEU C 128 -27.36 -19.40 -29.86
N ARG C 129 -26.89 -20.50 -30.46
CA ARG C 129 -27.73 -21.68 -30.61
C ARG C 129 -28.17 -22.24 -29.26
N LEU C 130 -27.24 -22.26 -28.29
CA LEU C 130 -27.61 -22.67 -26.94
C LEU C 130 -28.59 -21.70 -26.30
N CYS C 131 -28.40 -20.39 -26.54
CA CYS C 131 -29.28 -19.39 -25.97
C CYS C 131 -30.69 -19.47 -26.55
N ARG C 132 -30.83 -20.00 -27.78
CA ARG C 132 -32.16 -20.14 -28.37
C ARG C 132 -33.03 -21.09 -27.55
N SER C 133 -32.44 -22.17 -27.04
CA SER C 133 -33.20 -23.15 -26.28
C SER C 133 -33.64 -22.59 -24.94
N PRO C 134 -34.95 -22.58 -24.64
CA PRO C 134 -35.38 -22.11 -23.31
C PRO C 134 -34.89 -22.97 -22.17
N GLU C 135 -34.56 -24.24 -22.44
CA GLU C 135 -34.05 -25.11 -21.39
C GLU C 135 -32.72 -24.61 -20.84
N PHE C 136 -31.90 -23.99 -21.69
CA PHE C 136 -30.66 -23.38 -21.20
C PHE C 136 -30.94 -22.27 -20.21
N GLN C 137 -31.93 -21.42 -20.51
CA GLN C 137 -32.30 -20.35 -19.59
C GLN C 137 -32.87 -20.93 -18.29
N VAL C 138 -33.68 -21.99 -18.39
CA VAL C 138 -34.22 -22.61 -17.19
C VAL C 138 -33.10 -23.16 -16.32
N LEU C 139 -32.12 -23.83 -16.93
CA LEU C 139 -30.97 -24.34 -16.17
C LEU C 139 -30.18 -23.20 -15.55
N LEU C 140 -30.03 -22.09 -16.28
CA LEU C 140 -29.35 -20.92 -15.74
C LEU C 140 -30.07 -20.39 -14.50
N ASN C 141 -31.40 -20.34 -14.55
CA ASN C 141 -32.18 -19.90 -13.40
C ASN C 141 -32.01 -20.87 -12.23
N GLN C 142 -32.01 -22.18 -12.52
CA GLN C 142 -31.91 -23.17 -11.44
C GLN C 142 -30.58 -23.08 -10.70
N ILE C 143 -29.49 -22.89 -11.44
CA ILE C 143 -28.15 -22.95 -10.85
C ILE C 143 -27.77 -21.61 -10.24
N ARG C 144 -28.71 -20.68 -10.21
CA ARG C 144 -28.43 -19.36 -9.65
C ARG C 144 -28.21 -19.45 -8.14
N GLY C 145 -27.22 -18.70 -7.66
CA GLY C 145 -26.90 -18.68 -6.24
C GLY C 145 -26.05 -19.84 -5.75
N LYS C 146 -25.50 -20.65 -6.66
CA LYS C 146 -24.69 -21.79 -6.26
C LYS C 146 -23.34 -21.75 -6.97
N ALA C 147 -22.55 -22.81 -6.83
CA ALA C 147 -21.25 -22.93 -7.49
C ALA C 147 -21.39 -23.85 -8.69
N VAL C 148 -20.87 -23.41 -9.84
CA VAL C 148 -21.04 -24.11 -11.10
C VAL C 148 -19.67 -24.41 -11.70
N VAL C 149 -19.47 -25.65 -12.12
CA VAL C 149 -18.26 -26.08 -12.82
C VAL C 149 -18.64 -26.32 -14.26
N PHE C 150 -18.11 -25.49 -15.16
CA PHE C 150 -18.45 -25.52 -16.58
C PHE C 150 -17.36 -26.28 -17.34
N THR C 151 -17.72 -27.44 -17.88
CA THR C 151 -16.79 -28.30 -18.59
C THR C 151 -17.25 -28.49 -20.04
N GLY C 152 -16.39 -29.14 -20.82
CA GLY C 152 -16.65 -29.39 -22.22
C GLY C 152 -15.39 -29.73 -22.97
N HIS C 153 -15.50 -30.54 -24.02
CA HIS C 153 -14.34 -30.99 -24.78
C HIS C 153 -14.32 -30.32 -26.15
N SER C 154 -13.12 -30.08 -26.66
CA SER C 154 -12.89 -29.46 -27.97
C SER C 154 -13.52 -28.07 -27.97
N LEU C 155 -13.97 -27.61 -29.15
CA LEU C 155 -14.51 -26.26 -29.28
C LEU C 155 -15.71 -26.05 -28.36
N GLY C 156 -16.50 -27.10 -28.13
CA GLY C 156 -17.62 -26.97 -27.22
C GLY C 156 -17.21 -26.50 -25.85
N GLY C 157 -16.06 -26.99 -25.36
CA GLY C 157 -15.53 -26.49 -24.10
C GLY C 157 -15.33 -24.99 -24.14
N ALA C 158 -14.73 -24.48 -25.23
CA ALA C 158 -14.62 -23.04 -25.43
C ALA C 158 -16.00 -22.40 -25.38
N ILE C 159 -16.98 -23.02 -26.03
CA ILE C 159 -18.37 -22.54 -25.95
C ILE C 159 -18.80 -22.47 -24.50
N ALA C 160 -18.52 -23.54 -23.74
CA ALA C 160 -18.83 -23.55 -22.32
C ALA C 160 -18.21 -22.34 -21.63
N ALA C 161 -16.94 -22.05 -21.94
CA ALA C 161 -16.28 -20.88 -21.39
C ALA C 161 -17.12 -19.63 -21.64
N LEU C 162 -17.53 -19.43 -22.89
CA LEU C 162 -18.40 -18.31 -23.22
C LEU C 162 -19.61 -18.28 -22.31
N VAL C 163 -20.31 -19.43 -22.21
CA VAL C 163 -21.46 -19.52 -21.33
C VAL C 163 -21.06 -19.14 -19.92
N ALA C 164 -19.96 -19.71 -19.43
CA ALA C 164 -19.47 -19.37 -18.10
C ALA C 164 -19.30 -17.86 -17.97
N LEU C 165 -18.63 -17.26 -18.96
CA LEU C 165 -18.43 -15.82 -18.95
C LEU C 165 -19.76 -15.10 -18.81
N HIS C 166 -20.74 -15.50 -19.64
CA HIS C 166 -22.05 -14.88 -19.58
C HIS C 166 -22.63 -14.97 -18.18
N TYR C 167 -22.55 -16.17 -17.57
CA TYR C 167 -23.02 -16.33 -16.21
C TYR C 167 -22.32 -15.33 -15.29
N LEU C 168 -21.00 -15.30 -15.35
CA LEU C 168 -20.25 -14.35 -14.53
C LEU C 168 -20.60 -12.92 -14.93
N CYS C 169 -20.81 -12.69 -16.23
CA CYS C 169 -21.17 -11.35 -16.69
C CYS C 169 -22.50 -10.89 -16.11
N THR C 170 -23.33 -11.81 -15.63
CA THR C 170 -24.55 -11.42 -14.94
C THR C 170 -24.44 -11.50 -13.43
N SER C 171 -23.45 -12.25 -12.91
CA SER C 171 -23.33 -12.42 -11.47
C SER C 171 -23.11 -11.08 -10.77
N SER C 172 -22.32 -10.20 -11.36
CA SER C 172 -22.11 -8.87 -10.78
C SER C 172 -23.42 -8.13 -10.61
N SER C 173 -24.39 -8.35 -11.51
CA SER C 173 -25.71 -7.75 -11.34
C SER C 173 -26.40 -8.28 -10.10
N SER C 174 -26.31 -9.59 -9.86
CA SER C 174 -26.96 -10.18 -8.69
C SER C 174 -26.17 -9.90 -7.41
N SER C 175 -24.84 -9.90 -7.51
CA SER C 175 -23.98 -9.72 -6.34
C SER C 175 -23.76 -8.23 -6.06
N ALA C 176 -24.86 -7.53 -5.81
CA ALA C 176 -24.78 -6.10 -5.50
C ALA C 176 -24.13 -5.88 -4.14
N PHE C 177 -24.59 -6.60 -3.12
CA PHE C 177 -24.07 -6.46 -1.76
C PHE C 177 -23.10 -7.58 -1.41
N ALA C 178 -23.56 -8.83 -1.50
CA ALA C 178 -22.74 -9.99 -1.17
C ALA C 178 -21.79 -10.31 -2.32
N PRO C 179 -20.66 -10.95 -2.02
CA PRO C 179 -19.76 -11.38 -3.10
C PRO C 179 -20.41 -12.44 -3.99
N ALA C 180 -19.99 -12.45 -5.25
CA ALA C 180 -20.55 -13.38 -6.22
C ALA C 180 -20.15 -14.81 -5.87
N PRO C 181 -21.05 -15.77 -6.13
CA PRO C 181 -20.70 -17.17 -5.87
C PRO C 181 -19.59 -17.63 -6.81
N PRO C 182 -18.74 -18.55 -6.35
CA PRO C 182 -17.62 -18.99 -7.20
C PRO C 182 -18.10 -19.91 -8.32
N VAL C 183 -17.67 -19.58 -9.54
CA VAL C 183 -17.95 -20.40 -10.72
C VAL C 183 -16.64 -20.64 -11.44
N LEU C 184 -16.36 -21.91 -11.74
CA LEU C 184 -15.09 -22.29 -12.36
C LEU C 184 -15.36 -23.00 -13.68
N CYS C 185 -14.65 -22.57 -14.72
CA CYS C 185 -14.73 -23.20 -16.04
C CYS C 185 -13.39 -23.84 -16.38
N VAL C 186 -13.43 -25.02 -16.98
CA VAL C 186 -12.23 -25.76 -17.32
C VAL C 186 -12.00 -25.86 -18.83
N THR C 187 -13.08 -26.04 -19.61
CA THR C 187 -13.06 -26.07 -21.07
C THR C 187 -12.25 -27.25 -21.60
N PHE C 188 -11.58 -27.97 -20.69
CA PHE C 188 -10.87 -29.22 -20.95
C PHE C 188 -10.14 -29.25 -22.29
N GLY C 189 -9.50 -28.14 -22.66
CA GLY C 189 -8.75 -28.09 -23.89
C GLY C 189 -9.57 -27.54 -25.05
N SER C 190 -9.28 -26.31 -25.46
CA SER C 190 -10.04 -25.67 -26.51
C SER C 190 -9.13 -24.73 -27.28
N PRO C 191 -9.45 -24.44 -28.54
CA PRO C 191 -8.66 -23.45 -29.29
C PRO C 191 -8.85 -22.05 -28.72
N LEU C 192 -7.92 -21.17 -29.08
CA LEU C 192 -7.94 -19.81 -28.58
C LEU C 192 -9.25 -19.11 -28.95
N LEU C 193 -9.82 -18.41 -27.98
CA LEU C 193 -11.13 -17.78 -28.14
C LEU C 193 -11.04 -16.29 -28.47
N GLY C 194 -10.34 -15.51 -27.64
CA GLY C 194 -10.27 -14.08 -27.86
C GLY C 194 -8.85 -13.56 -28.04
N ASN C 195 -8.73 -12.32 -28.48
CA ASN C 195 -7.43 -11.71 -28.70
C ASN C 195 -6.89 -11.16 -27.38
N GLN C 196 -5.81 -10.38 -27.45
CA GLN C 196 -5.23 -9.80 -26.25
C GLN C 196 -6.17 -8.80 -25.59
N ALA C 197 -7.08 -8.19 -26.37
CA ALA C 197 -8.04 -7.26 -25.79
C ALA C 197 -8.97 -7.96 -24.81
N LEU C 198 -9.45 -9.16 -25.17
CA LEU C 198 -10.31 -9.90 -24.26
C LEU C 198 -9.56 -10.32 -23.01
N SER C 199 -8.30 -10.74 -23.15
CA SER C 199 -7.50 -11.11 -21.98
C SER C 199 -7.30 -9.92 -21.06
N ARG C 200 -7.00 -8.75 -21.64
CA ARG C 200 -6.84 -7.54 -20.82
C ARG C 200 -8.14 -7.17 -20.12
N ALA C 201 -9.27 -7.29 -20.83
CA ALA C 201 -10.56 -6.98 -20.22
C ALA C 201 -10.86 -7.93 -19.06
N ILE C 202 -10.57 -9.22 -19.23
CA ILE C 202 -10.80 -10.18 -18.15
C ILE C 202 -9.89 -9.89 -16.97
N LEU C 203 -8.61 -9.59 -17.24
CA LEU C 203 -7.66 -9.32 -16.16
C LEU C 203 -8.03 -8.06 -15.39
N ARG C 204 -8.49 -7.02 -16.08
CA ARG C 204 -8.83 -5.76 -15.42
C ARG C 204 -10.05 -5.92 -14.51
N GLU C 205 -10.86 -6.95 -14.70
CA GLU C 205 -12.03 -7.19 -13.88
C GLU C 205 -11.75 -8.12 -12.70
N ARG C 206 -10.49 -8.52 -12.50
CA ARG C 206 -10.13 -9.50 -11.48
C ARG C 206 -10.93 -10.78 -11.66
N TRP C 207 -11.02 -11.22 -12.92
CA TRP C 207 -11.90 -12.32 -13.28
C TRP C 207 -11.17 -13.46 -13.98
N ALA C 208 -9.84 -13.43 -14.03
CA ALA C 208 -9.06 -14.44 -14.73
C ALA C 208 -8.82 -15.70 -13.90
N GLY C 209 -9.13 -15.67 -12.61
CA GLY C 209 -8.93 -16.83 -11.76
C GLY C 209 -10.02 -17.86 -11.81
N ASN C 210 -11.07 -17.63 -12.60
CA ASN C 210 -12.19 -18.55 -12.71
C ASN C 210 -12.11 -19.43 -13.95
N PHE C 211 -10.99 -19.40 -14.67
CA PHE C 211 -10.84 -20.16 -15.91
C PHE C 211 -9.55 -20.98 -15.86
N CYS C 212 -9.64 -22.21 -16.35
CA CYS C 212 -8.50 -23.10 -16.47
C CYS C 212 -8.47 -23.69 -17.87
N HIS C 213 -7.32 -24.26 -18.24
CA HIS C 213 -7.16 -24.87 -19.56
C HIS C 213 -6.18 -26.03 -19.44
N VAL C 214 -6.60 -27.21 -19.86
CA VAL C 214 -5.76 -28.41 -19.86
C VAL C 214 -5.46 -28.76 -21.31
N VAL C 215 -4.18 -28.73 -21.67
CA VAL C 215 -3.74 -28.95 -23.05
C VAL C 215 -2.79 -30.13 -23.06
N SER C 216 -3.04 -31.07 -23.98
CA SER C 216 -2.16 -32.23 -24.13
C SER C 216 -0.82 -31.81 -24.72
N GLN C 217 0.18 -32.67 -24.49
CA GLN C 217 1.54 -32.35 -24.95
C GLN C 217 1.61 -32.30 -26.47
N HIS C 218 0.98 -33.25 -27.15
CA HIS C 218 1.08 -33.37 -28.60
C HIS C 218 -0.25 -33.09 -29.30
N ASP C 219 -1.15 -32.36 -28.64
CA ASP C 219 -2.42 -32.00 -29.25
C ASP C 219 -2.23 -30.90 -30.27
N VAL C 220 -3.04 -30.93 -31.33
CA VAL C 220 -2.90 -30.00 -32.44
C VAL C 220 -3.98 -28.93 -32.37
N VAL C 221 -5.16 -29.32 -31.88
CA VAL C 221 -6.29 -28.37 -31.84
C VAL C 221 -5.98 -27.13 -31.00
N PRO C 222 -5.47 -27.23 -29.78
CA PRO C 222 -5.23 -26.01 -28.98
C PRO C 222 -4.22 -25.07 -29.58
N ARG C 223 -3.31 -25.54 -30.44
CA ARG C 223 -2.24 -24.71 -30.97
C ARG C 223 -2.35 -24.44 -32.46
N LEU C 224 -3.34 -25.01 -33.15
CA LEU C 224 -3.44 -24.79 -34.59
C LEU C 224 -3.92 -23.39 -34.92
N LEU C 225 -4.57 -22.71 -33.98
CA LEU C 225 -5.04 -21.35 -34.22
C LEU C 225 -3.90 -20.34 -34.26
N PHE C 226 -2.68 -20.74 -33.90
CA PHE C 226 -1.56 -19.82 -33.91
C PHE C 226 -1.19 -19.39 -35.33
N CYS C 227 -1.49 -20.24 -36.32
CA CYS C 227 -1.18 -19.92 -37.70
C CYS C 227 -2.09 -18.80 -38.21
N PRO C 228 -1.68 -18.11 -39.28
CA PRO C 228 -2.54 -17.05 -39.85
C PRO C 228 -3.87 -17.61 -40.31
N LEU C 229 -4.90 -16.77 -40.24
CA LEU C 229 -6.27 -17.21 -40.52
C LEU C 229 -6.42 -17.70 -41.96
N ASN C 230 -5.61 -17.18 -42.89
CA ASN C 230 -5.73 -17.59 -44.28
C ASN C 230 -5.34 -19.05 -44.47
N VAL C 231 -4.46 -19.57 -43.63
CA VAL C 231 -3.96 -20.94 -43.78
C VAL C 231 -4.55 -21.87 -42.73
N ILE C 232 -5.51 -21.40 -41.94
CA ILE C 232 -6.06 -22.22 -40.85
C ILE C 232 -6.80 -23.42 -41.43
N PRO C 233 -6.47 -24.65 -41.04
CA PRO C 233 -7.24 -25.81 -41.50
C PRO C 233 -8.54 -25.98 -40.74
N VAL C 234 -9.60 -25.33 -41.22
CA VAL C 234 -10.91 -25.45 -40.58
C VAL C 234 -11.38 -26.89 -40.58
N HIS C 235 -11.08 -27.62 -41.67
CA HIS C 235 -11.58 -28.97 -41.84
C HIS C 235 -11.08 -29.90 -40.74
N ILE C 236 -9.79 -29.81 -40.39
CA ILE C 236 -9.23 -30.74 -39.42
C ILE C 236 -9.83 -30.49 -38.03
N VAL C 237 -10.07 -29.22 -37.69
CA VAL C 237 -10.65 -28.90 -36.38
C VAL C 237 -12.10 -29.35 -36.32
N VAL C 238 -12.87 -29.07 -37.37
CA VAL C 238 -14.27 -29.45 -37.37
C VAL C 238 -14.40 -30.98 -37.36
N GLY C 239 -13.49 -31.68 -38.04
CA GLY C 239 -13.51 -33.12 -38.01
C GLY C 239 -13.05 -33.69 -36.68
N MET C 240 -12.14 -33.01 -36.00
CA MET C 240 -11.77 -33.44 -34.65
C MET C 240 -12.93 -33.32 -33.69
N GLN C 241 -13.71 -32.24 -33.80
CA GLN C 241 -14.93 -32.14 -33.00
C GLN C 241 -15.94 -33.20 -33.41
N LEU C 242 -16.05 -33.48 -34.71
CA LEU C 242 -16.98 -34.51 -35.19
C LEU C 242 -16.59 -35.89 -34.69
N HIS C 243 -15.30 -36.13 -34.46
CA HIS C 243 -14.83 -37.45 -34.10
C HIS C 243 -15.39 -37.90 -32.75
N GLN C 244 -15.65 -36.96 -31.84
CA GLN C 244 -16.23 -37.32 -30.55
C GLN C 244 -17.65 -37.84 -30.67
N LEU C 245 -18.35 -37.54 -31.76
CA LEU C 245 -19.69 -38.05 -31.96
C LEU C 245 -19.64 -39.56 -32.22
N PRO C 246 -20.68 -40.29 -31.80
CA PRO C 246 -20.72 -41.73 -32.08
C PRO C 246 -20.83 -42.00 -33.57
N VAL C 247 -20.28 -43.14 -33.98
CA VAL C 247 -20.28 -43.53 -35.39
C VAL C 247 -21.70 -43.81 -35.86
N VAL C 255 -21.82 -35.70 -45.43
CA VAL C 255 -20.94 -34.68 -44.91
C VAL C 255 -19.87 -35.31 -44.01
N VAL C 256 -20.29 -36.29 -43.20
CA VAL C 256 -19.37 -36.96 -42.30
C VAL C 256 -18.29 -37.69 -43.10
N ALA C 257 -18.69 -38.40 -44.16
CA ALA C 257 -17.72 -39.10 -45.00
C ALA C 257 -16.77 -38.13 -45.67
N THR C 258 -17.29 -37.00 -46.16
CA THR C 258 -16.44 -36.00 -46.81
C THR C 258 -15.45 -35.40 -45.81
N VAL C 259 -15.90 -35.12 -44.59
CA VAL C 259 -15.01 -34.54 -43.58
C VAL C 259 -13.91 -35.54 -43.22
N THR C 260 -14.28 -36.81 -43.02
CA THR C 260 -13.28 -37.83 -42.71
C THR C 260 -12.33 -38.05 -43.88
N ALA C 261 -12.79 -37.81 -45.11
CA ALA C 261 -11.90 -37.93 -46.27
C ALA C 261 -10.81 -36.86 -46.22
N ARG C 262 -11.12 -35.69 -45.67
CA ARG C 262 -10.11 -34.63 -45.55
C ARG C 262 -8.98 -35.04 -44.60
N MET C 263 -9.26 -35.95 -43.67
CA MET C 263 -8.23 -36.40 -42.74
C MET C 263 -7.13 -37.17 -43.46
N ALA C 264 -7.51 -38.11 -44.33
CA ALA C 264 -6.53 -38.94 -45.01
C ALA C 264 -5.64 -38.13 -45.94
N ASP C 265 -6.22 -37.15 -46.64
CA ASP C 265 -5.47 -36.31 -47.57
C ASP C 265 -4.83 -35.13 -46.83
N THR C 266 -4.03 -35.48 -45.82
CA THR C 266 -3.33 -34.48 -45.02
C THR C 266 -2.05 -35.11 -44.48
N ASN C 267 -0.91 -34.52 -44.77
CA ASN C 267 0.37 -35.02 -44.31
C ASN C 267 0.58 -34.59 -42.85
N GLN C 268 0.64 -35.58 -41.95
CA GLN C 268 0.81 -35.27 -40.53
C GLN C 268 2.14 -34.57 -40.27
N GLU C 269 3.22 -35.07 -40.88
CA GLU C 269 4.53 -34.46 -40.68
C GLU C 269 4.57 -33.04 -41.22
N SER C 270 4.02 -32.82 -42.42
CA SER C 270 4.03 -31.47 -43.00
C SER C 270 3.17 -30.52 -42.17
N LEU C 271 1.99 -30.97 -41.74
CA LEU C 271 1.13 -30.13 -40.90
C LEU C 271 1.83 -29.78 -39.60
N ARG C 272 2.49 -30.76 -38.97
CA ARG C 272 3.23 -30.50 -37.75
C ARG C 272 4.34 -29.48 -37.99
N GLN C 273 5.04 -29.59 -39.13
CA GLN C 273 6.08 -28.62 -39.45
C GLN C 273 5.50 -27.22 -39.57
N LEU C 274 4.36 -27.08 -40.26
CA LEU C 274 3.77 -25.75 -40.42
C LEU C 274 3.34 -25.16 -39.08
N ILE C 275 2.67 -25.96 -38.24
CA ILE C 275 2.19 -25.38 -36.98
C ILE C 275 3.37 -25.08 -36.07
N GLN C 276 4.40 -25.93 -36.08
CA GLN C 276 5.60 -25.65 -35.29
C GLN C 276 6.28 -24.36 -35.74
N GLU C 277 6.38 -24.14 -37.06
CA GLU C 277 6.98 -22.92 -37.57
C GLU C 277 6.16 -21.70 -37.17
N HIS C 278 4.84 -21.80 -37.27
CA HIS C 278 3.98 -20.67 -36.90
C HIS C 278 4.10 -20.37 -35.40
N ALA C 279 4.11 -21.42 -34.57
CA ALA C 279 4.24 -21.22 -33.13
C ALA C 279 5.60 -20.62 -32.78
N GLY C 280 6.67 -21.06 -33.45
CA GLY C 280 7.97 -20.46 -33.20
C GLY C 280 8.02 -19.00 -33.61
N GLU C 281 7.38 -18.66 -34.73
CA GLU C 281 7.32 -17.26 -35.14
C GLU C 281 6.52 -16.42 -34.15
N ALA C 282 5.42 -16.98 -33.62
CA ALA C 282 4.56 -16.23 -32.71
C ALA C 282 5.06 -16.19 -31.28
N ALA C 283 5.97 -17.08 -30.89
CA ALA C 283 6.42 -17.17 -29.51
C ALA C 283 7.52 -16.16 -29.17
N ILE C 284 8.16 -15.54 -30.16
CA ILE C 284 9.20 -14.56 -29.92
C ILE C 284 8.80 -13.15 -30.35
N GLU C 285 7.59 -12.98 -30.90
CA GLU C 285 7.12 -11.66 -31.30
C GLU C 285 6.77 -10.80 -30.10
N GLN C 286 6.44 -11.41 -28.95
CA GLN C 286 6.08 -10.64 -27.77
C GLN C 286 7.26 -9.79 -27.29
N LYS C 287 8.47 -10.36 -27.28
CA LYS C 287 9.65 -9.60 -26.86
C LYS C 287 9.90 -8.43 -27.80
N LEU C 288 9.79 -8.66 -29.10
CA LEU C 288 9.93 -7.60 -30.10
C LEU C 288 8.52 -7.08 -30.47
N ALA C 289 7.92 -6.40 -29.49
CA ALA C 289 6.55 -5.90 -29.64
C ALA C 289 6.45 -4.95 -30.81
N ALA C 290 5.72 -5.36 -31.85
CA ALA C 290 5.55 -4.58 -33.08
C ALA C 290 4.06 -4.52 -33.41
N PRO C 291 3.29 -3.68 -32.72
CA PRO C 291 1.88 -3.52 -33.07
C PRO C 291 1.66 -2.96 -34.47
N GLU C 292 2.66 -2.29 -35.04
CA GLU C 292 2.55 -1.77 -36.40
C GLU C 292 2.48 -2.87 -37.44
N ILE C 293 2.94 -4.07 -37.11
CA ILE C 293 2.94 -5.19 -38.05
C ILE C 293 2.21 -6.38 -37.42
N PRO C 294 0.88 -6.37 -37.39
CA PRO C 294 0.13 -7.52 -36.83
C PRO C 294 -0.18 -8.56 -37.89
N SER C 295 0.88 -9.08 -38.53
CA SER C 295 0.71 -10.06 -39.59
C SER C 295 0.15 -11.37 -39.05
N GLY C 296 0.59 -11.79 -37.85
CA GLY C 296 0.12 -13.04 -37.30
C GLY C 296 -1.32 -12.98 -36.85
N SER C 297 -1.87 -14.15 -36.56
CA SER C 297 -3.26 -14.24 -36.13
C SER C 297 -3.41 -13.56 -34.77
N PRO C 298 -4.49 -12.81 -34.55
CA PRO C 298 -4.67 -12.10 -33.26
C PRO C 298 -5.05 -13.01 -32.10
N TYR C 299 -5.24 -14.31 -32.33
CA TYR C 299 -5.62 -15.21 -31.25
C TYR C 299 -4.51 -15.28 -30.20
N ARG C 300 -4.90 -15.12 -28.94
CA ARG C 300 -3.98 -15.20 -27.81
C ARG C 300 -4.65 -15.96 -26.68
N PRO C 301 -3.88 -16.69 -25.88
CA PRO C 301 -4.47 -17.42 -24.75
C PRO C 301 -4.86 -16.49 -23.62
N PHE C 302 -5.75 -17.00 -22.77
CA PHE C 302 -6.24 -16.25 -21.61
C PHE C 302 -6.35 -17.21 -20.42
N GLY C 303 -6.35 -16.62 -19.23
CA GLY C 303 -6.45 -17.42 -18.02
C GLY C 303 -5.17 -18.18 -17.72
N ALA C 304 -5.31 -19.29 -17.01
CA ALA C 304 -4.20 -20.14 -16.61
C ALA C 304 -4.26 -21.45 -17.38
N TYR C 305 -3.11 -21.87 -17.90
CA TYR C 305 -3.01 -23.08 -18.69
C TYR C 305 -2.29 -24.16 -17.90
N VAL C 306 -2.89 -25.34 -17.82
CA VAL C 306 -2.30 -26.48 -17.12
C VAL C 306 -1.79 -27.43 -18.19
N LEU C 307 -0.51 -27.29 -18.53
CA LEU C 307 0.09 -28.18 -19.52
C LEU C 307 0.30 -29.54 -18.88
N CYS C 308 -0.31 -30.58 -19.46
CA CYS C 308 -0.35 -31.90 -18.89
C CYS C 308 0.45 -32.89 -19.75
N SER C 309 0.96 -33.93 -19.10
CA SER C 309 1.76 -34.95 -19.74
C SER C 309 1.74 -36.19 -18.86
N PRO C 310 2.08 -37.36 -19.41
CA PRO C 310 2.05 -38.58 -18.59
C PRO C 310 2.92 -38.49 -17.35
N ASP C 311 4.00 -37.70 -17.38
CA ASP C 311 4.81 -37.52 -16.18
C ASP C 311 4.08 -36.68 -15.13
N GLY C 312 3.37 -35.63 -15.56
CA GLY C 312 2.72 -34.76 -14.61
C GLY C 312 2.03 -33.56 -15.22
N ALA C 313 2.16 -32.40 -14.56
CA ALA C 313 1.50 -31.19 -15.03
C ALA C 313 2.30 -29.97 -14.59
N ALA C 314 2.06 -28.86 -15.27
CA ALA C 314 2.64 -27.58 -14.89
C ALA C 314 1.65 -26.48 -15.22
N CYS C 315 1.37 -25.61 -14.25
CA CYS C 315 0.41 -24.54 -14.40
C CYS C 315 1.14 -23.22 -14.66
N VAL C 316 0.75 -22.54 -15.74
CA VAL C 316 1.36 -21.27 -16.13
C VAL C 316 0.26 -20.22 -16.21
N ASP C 317 0.51 -19.06 -15.61
CA ASP C 317 -0.46 -17.96 -15.60
C ASP C 317 -0.09 -16.81 -16.52
N ASN C 318 1.20 -16.61 -16.78
CA ASN C 318 1.62 -15.53 -17.68
C ASN C 318 1.30 -15.91 -19.12
N PRO C 319 0.51 -15.11 -19.84
CA PRO C 319 0.17 -15.48 -21.22
C PRO C 319 1.39 -15.65 -22.13
N THR C 320 2.39 -14.77 -21.99
CA THR C 320 3.61 -14.94 -22.78
C THR C 320 4.32 -16.24 -22.41
N ALA C 321 4.44 -16.51 -21.11
CA ALA C 321 5.00 -17.78 -20.68
C ALA C 321 4.15 -18.95 -21.12
N ALA C 322 2.82 -18.77 -21.18
CA ALA C 322 1.95 -19.83 -21.65
C ALA C 322 2.24 -20.17 -23.11
N VAL C 323 2.36 -19.15 -23.96
CA VAL C 323 2.68 -19.38 -25.37
C VAL C 323 4.05 -20.01 -25.50
N GLN C 324 5.03 -19.52 -24.74
CA GLN C 324 6.38 -20.06 -24.82
C GLN C 324 6.41 -21.53 -24.42
N MET C 325 5.71 -21.88 -23.33
CA MET C 325 5.68 -23.27 -22.88
C MET C 325 4.93 -24.15 -23.86
N LEU C 326 3.85 -23.64 -24.45
CA LEU C 326 3.12 -24.42 -25.45
C LEU C 326 4.01 -24.73 -26.65
N TYR C 327 4.73 -23.71 -27.15
CA TYR C 327 5.62 -23.94 -28.27
C TYR C 327 6.75 -24.89 -27.90
N ALA C 328 7.29 -24.76 -26.69
CA ALA C 328 8.38 -25.64 -26.27
C ALA C 328 7.91 -27.08 -26.16
N THR C 329 6.72 -27.30 -25.61
CA THR C 329 6.24 -28.67 -25.41
C THR C 329 5.78 -29.31 -26.71
N PHE C 330 5.29 -28.52 -27.66
CA PHE C 330 4.95 -29.12 -28.96
C PHE C 330 6.21 -29.37 -29.80
N ALA C 331 7.16 -28.44 -29.76
CA ALA C 331 8.39 -28.60 -30.54
C ALA C 331 9.21 -29.78 -30.03
N ALA C 332 9.28 -29.96 -28.71
CA ALA C 332 10.02 -31.09 -28.14
C ALA C 332 9.30 -32.38 -28.48
N ARG C 333 9.91 -33.18 -29.37
CA ARG C 333 9.32 -34.43 -29.82
C ARG C 333 9.93 -35.60 -29.05
N ARG C 334 9.15 -36.68 -28.93
CA ARG C 334 9.65 -37.89 -28.29
C ARG C 334 10.69 -38.56 -29.20
N ALA C 335 11.20 -39.70 -28.73
CA ALA C 335 12.22 -40.42 -29.48
C ALA C 335 11.65 -40.84 -30.84
N PRO C 336 12.49 -40.90 -31.89
CA PRO C 336 11.96 -41.23 -33.22
C PRO C 336 11.35 -42.61 -33.32
N GLU C 337 11.65 -43.52 -32.39
CA GLU C 337 11.04 -44.84 -32.43
C GLU C 337 9.52 -44.76 -32.31
N THR C 338 9.01 -43.79 -31.57
CA THR C 338 7.57 -43.57 -31.53
C THR C 338 7.08 -43.05 -32.87
N GLY C 339 5.93 -43.57 -33.31
CA GLY C 339 5.37 -43.14 -34.57
C GLY C 339 4.79 -41.73 -34.48
N ALA C 340 4.47 -41.19 -35.65
CA ALA C 340 3.87 -39.86 -35.73
C ALA C 340 2.53 -39.86 -35.00
N VAL C 341 2.39 -38.97 -34.03
CA VAL C 341 1.18 -38.94 -33.21
C VAL C 341 0.01 -38.43 -34.05
N PRO C 342 -1.07 -39.19 -34.18
CA PRO C 342 -2.24 -38.69 -34.90
C PRO C 342 -3.02 -37.69 -34.07
N PRO C 343 -3.56 -36.64 -34.68
CA PRO C 343 -4.34 -35.66 -33.90
C PRO C 343 -5.55 -36.26 -33.20
N GLU C 344 -6.18 -37.27 -33.78
CA GLU C 344 -7.32 -37.92 -33.14
C GLU C 344 -6.92 -38.53 -31.81
N ALA C 345 -5.85 -39.33 -31.80
CA ALA C 345 -5.40 -39.95 -30.57
C ALA C 345 -4.91 -38.91 -29.57
N ALA C 346 -4.23 -37.86 -30.05
CA ALA C 346 -3.74 -36.83 -29.16
C ALA C 346 -4.89 -36.10 -28.47
N HIS C 347 -5.97 -35.82 -29.20
CA HIS C 347 -7.13 -35.13 -28.64
C HIS C 347 -8.11 -36.06 -27.95
N SER C 348 -7.93 -37.39 -28.07
CA SER C 348 -8.87 -38.34 -27.52
C SER C 348 -8.20 -39.28 -26.51
N CYS C 349 -7.05 -38.88 -25.97
CA CYS C 349 -6.37 -39.65 -24.94
C CYS C 349 -6.41 -38.96 -23.58
N TYR C 350 -7.22 -37.91 -23.43
CA TYR C 350 -7.18 -37.10 -22.22
C TYR C 350 -7.61 -37.89 -20.99
N GLY C 351 -8.53 -38.84 -21.15
CA GLY C 351 -8.93 -39.66 -20.01
C GLY C 351 -7.79 -40.49 -19.46
N ASP C 352 -6.97 -41.06 -20.36
CA ASP C 352 -5.82 -41.83 -19.90
C ASP C 352 -4.85 -40.96 -19.12
N LEU C 353 -4.59 -39.75 -19.60
CA LEU C 353 -3.73 -38.84 -18.85
C LEU C 353 -4.34 -38.47 -17.50
N VAL C 354 -5.65 -38.22 -17.48
CA VAL C 354 -6.31 -37.89 -16.21
C VAL C 354 -6.13 -39.04 -15.22
N LEU C 355 -6.21 -40.27 -15.70
CA LEU C 355 -6.01 -41.43 -14.82
C LEU C 355 -4.54 -41.65 -14.49
N SER C 356 -3.62 -41.14 -15.30
CA SER C 356 -2.21 -41.47 -15.16
C SER C 356 -1.41 -40.49 -14.31
N MET C 357 -1.62 -39.18 -14.49
CA MET C 357 -0.81 -38.19 -13.77
C MET C 357 -0.80 -38.37 -12.26
N PRO C 358 -1.93 -38.58 -11.56
CA PRO C 358 -1.85 -38.82 -10.11
C PRO C 358 -1.02 -40.04 -9.76
N HIS C 359 -1.11 -41.11 -10.56
CA HIS C 359 -0.34 -42.31 -10.27
C HIS C 359 1.16 -42.05 -10.37
N HIS C 360 1.57 -41.31 -11.40
CA HIS C 360 2.99 -40.97 -11.53
C HIS C 360 3.44 -40.00 -10.44
N LEU C 361 2.56 -39.09 -10.04
CA LEU C 361 2.90 -38.14 -8.98
C LEU C 361 2.96 -38.80 -7.61
N LEU C 362 2.35 -39.97 -7.45
CA LEU C 362 2.40 -40.71 -6.20
C LEU C 362 3.56 -41.70 -6.13
N LEU C 363 4.46 -41.67 -7.11
CA LEU C 363 5.60 -42.58 -7.16
C LEU C 363 6.87 -41.85 -6.75
N LYS C 364 7.66 -42.47 -5.86
CA LYS C 364 8.93 -41.90 -5.42
C LYS C 364 10.03 -42.40 -6.35
N ARG C 365 10.21 -41.68 -7.46
CA ARG C 365 11.22 -42.02 -8.43
C ARG C 365 12.60 -41.57 -7.95
N ARG C 366 13.52 -42.51 -7.78
CA ARG C 366 14.86 -42.17 -7.34
C ARG C 366 15.63 -41.47 -8.46
N LEU C 367 16.40 -40.46 -8.07
CA LEU C 367 17.23 -39.75 -9.04
C LEU C 367 18.36 -40.64 -9.52
N GLY C 368 18.67 -40.55 -10.81
CA GLY C 368 19.73 -41.34 -11.40
C GLY C 368 20.51 -40.60 -12.47
N PRO C 374 24.99 -31.32 -10.93
CA PRO C 374 25.57 -30.10 -10.38
C PRO C 374 24.65 -28.89 -10.56
N ALA C 375 23.47 -28.95 -9.97
CA ALA C 375 22.53 -27.84 -10.07
C ALA C 375 23.05 -26.63 -9.30
N ALA C 376 22.87 -25.45 -9.91
CA ALA C 376 23.39 -24.22 -9.30
C ALA C 376 22.61 -23.85 -8.05
N SER C 377 21.28 -23.88 -8.12
CA SER C 377 20.44 -23.46 -7.00
C SER C 377 19.14 -24.25 -7.02
N ASN C 378 18.36 -24.09 -5.94
CA ASN C 378 17.08 -24.77 -5.85
C ASN C 378 16.11 -24.30 -6.93
N TYR C 379 16.25 -23.06 -7.39
CA TYR C 379 15.40 -22.56 -8.46
C TYR C 379 15.61 -23.37 -9.75
N ASP C 380 16.87 -23.69 -10.05
CA ASP C 380 17.15 -24.51 -11.23
C ASP C 380 16.57 -25.91 -11.08
N VAL C 381 16.65 -26.49 -9.87
CA VAL C 381 16.06 -27.80 -9.63
C VAL C 381 14.56 -27.76 -9.84
N GLY C 382 13.90 -26.72 -9.32
CA GLY C 382 12.47 -26.59 -9.52
C GLY C 382 12.09 -26.42 -10.97
N ILE C 383 12.88 -25.63 -11.71
CA ILE C 383 12.62 -25.45 -13.14
C ILE C 383 12.76 -26.77 -13.88
N SER C 384 13.81 -27.53 -13.57
CA SER C 384 14.01 -28.83 -14.22
C SER C 384 12.88 -29.79 -13.89
N ILE C 385 12.43 -29.81 -12.63
CA ILE C 385 11.34 -30.69 -12.24
C ILE C 385 10.05 -30.31 -12.97
N ALA C 386 9.77 -29.01 -13.06
CA ALA C 386 8.59 -28.55 -13.78
C ALA C 386 8.67 -28.91 -15.26
N LEU C 387 9.85 -28.77 -15.85
CA LEU C 387 10.02 -29.11 -17.26
C LEU C 387 9.80 -30.60 -17.49
N GLU C 388 10.35 -31.45 -16.62
CA GLU C 388 10.13 -32.89 -16.74
C GLU C 388 8.66 -33.23 -16.57
N ALA C 389 7.98 -32.57 -15.64
CA ALA C 389 6.54 -32.78 -15.48
C ALA C 389 5.76 -32.28 -16.68
N SER C 390 6.24 -31.22 -17.33
CA SER C 390 5.57 -30.68 -18.51
C SER C 390 5.66 -31.58 -19.73
N GLY C 391 6.54 -32.58 -19.70
CA GLY C 391 6.64 -33.53 -20.79
C GLY C 391 7.68 -33.21 -21.84
N ILE C 392 8.45 -32.13 -21.68
CA ILE C 392 9.48 -31.82 -22.65
C ILE C 392 10.64 -32.80 -22.51
N THR C 393 11.41 -32.94 -23.59
CA THR C 393 12.56 -33.83 -23.61
C THR C 393 13.79 -33.08 -23.10
N GLY C 394 14.38 -33.58 -22.01
CA GLY C 394 15.54 -32.91 -21.45
C GLY C 394 16.75 -32.96 -22.35
N GLU C 395 16.95 -34.08 -23.05
CA GLU C 395 18.10 -34.21 -23.93
C GLU C 395 18.01 -33.31 -25.15
N ALA C 396 16.81 -32.92 -25.56
CA ALA C 396 16.65 -32.05 -26.70
C ALA C 396 17.08 -30.62 -26.36
N THR C 397 17.47 -29.87 -27.40
CA THR C 397 17.89 -28.49 -27.21
C THR C 397 16.73 -27.57 -26.87
N GLU C 398 15.48 -28.00 -27.12
CA GLU C 398 14.32 -27.15 -26.86
C GLU C 398 14.20 -26.78 -25.38
N ALA C 399 14.78 -27.57 -24.48
CA ALA C 399 14.73 -27.22 -23.06
C ALA C 399 15.64 -26.05 -22.74
N ALA C 400 16.66 -25.79 -23.57
CA ALA C 400 17.58 -24.70 -23.28
C ALA C 400 16.91 -23.33 -23.27
N PRO C 401 16.11 -22.95 -24.27
CA PRO C 401 15.43 -21.63 -24.16
C PRO C 401 14.28 -21.65 -23.17
N ALA C 402 13.55 -22.77 -23.07
CA ALA C 402 12.36 -22.81 -22.23
C ALA C 402 12.69 -22.48 -20.78
N ARG C 403 13.78 -23.04 -20.25
CA ARG C 403 14.23 -22.69 -18.92
C ARG C 403 14.38 -21.18 -18.77
N GLN C 404 15.06 -20.55 -19.73
CA GLN C 404 15.18 -19.10 -19.72
C GLN C 404 13.81 -18.45 -19.75
N TRP C 405 12.90 -18.98 -20.57
CA TRP C 405 11.54 -18.48 -20.58
C TRP C 405 10.90 -18.61 -19.20
N LEU C 406 11.12 -19.75 -18.54
CA LEU C 406 10.60 -19.93 -17.19
C LEU C 406 11.24 -18.95 -16.22
N LYS C 407 12.44 -18.46 -16.51
CA LYS C 407 13.05 -17.43 -15.68
C LYS C 407 12.44 -16.06 -15.92
N THR C 408 11.89 -15.83 -17.12
CA THR C 408 11.30 -14.54 -17.42
C THR C 408 9.94 -14.35 -16.77
N SER C 409 9.16 -15.43 -16.64
CA SER C 409 7.81 -15.31 -16.07
C SER C 409 7.86 -14.88 -14.61
N LYS C 410 8.79 -15.44 -13.83
CA LYS C 410 8.86 -15.15 -12.42
C LYS C 410 9.29 -13.70 -12.19
N ARG C 411 8.60 -13.06 -11.23
CA ARG C 411 8.93 -11.66 -10.89
C ARG C 411 9.97 -11.64 -9.78
N VAL C 412 10.81 -10.61 -9.76
CA VAL C 412 11.87 -10.45 -8.77
C VAL C 412 11.55 -9.24 -7.91
N GLY C 413 11.59 -9.44 -6.60
CA GLY C 413 11.32 -8.37 -5.66
C GLY C 413 10.81 -8.94 -4.35
N ARG C 414 10.48 -8.02 -3.44
CA ARG C 414 9.96 -8.42 -2.14
C ARG C 414 8.51 -8.88 -2.25
N SER C 415 8.04 -9.53 -1.20
CA SER C 415 6.64 -9.97 -1.16
C SER C 415 5.71 -8.77 -1.10
N PRO C 416 4.51 -8.89 -1.67
CA PRO C 416 3.56 -7.76 -1.63
C PRO C 416 3.19 -7.34 -0.22
N SER C 417 3.21 -8.26 0.75
CA SER C 417 2.90 -7.90 2.13
C SER C 417 3.91 -6.90 2.67
N LEU C 418 5.20 -7.12 2.40
CA LEU C 418 6.23 -6.17 2.81
C LEU C 418 6.08 -4.85 2.09
N ASN C 419 5.67 -4.88 0.82
CA ASN C 419 5.42 -3.64 0.09
C ASN C 419 4.32 -2.83 0.75
N CYS C 420 3.23 -3.49 1.14
CA CYS C 420 2.15 -2.80 1.83
C CYS C 420 2.61 -2.27 3.19
N ALA C 421 3.41 -3.06 3.91
CA ALA C 421 3.92 -2.61 5.20
C ALA C 421 4.77 -1.35 5.06
N SER C 422 5.64 -1.32 4.04
CA SER C 422 6.44 -0.12 3.79
C SER C 422 5.57 1.05 3.36
N LEU C 423 4.56 0.78 2.52
CA LEU C 423 3.66 1.84 2.07
C LEU C 423 2.90 2.45 3.23
N ALA C 424 2.63 1.66 4.28
CA ALA C 424 1.97 2.22 5.46
C ALA C 424 2.79 3.34 6.07
N THR C 425 4.07 3.10 6.33
CA THR C 425 4.91 4.14 6.91
C THR C 425 5.19 5.26 5.92
N ARG C 426 5.21 4.96 4.61
CA ARG C 426 5.35 6.02 3.62
C ARG C 426 4.16 6.98 3.67
N LEU C 427 2.94 6.43 3.75
CA LEU C 427 1.76 7.27 3.89
C LEU C 427 1.78 8.04 5.20
N GLY C 428 2.23 7.40 6.28
CA GLY C 428 2.36 8.10 7.55
C GLY C 428 3.30 9.28 7.47
N ARG C 429 4.39 9.13 6.71
CA ARG C 429 5.33 10.25 6.54
C ARG C 429 4.77 11.32 5.62
N ILE C 430 3.97 10.93 4.62
CA ILE C 430 3.47 11.91 3.65
C ILE C 430 2.28 12.70 4.20
N THR C 431 1.53 12.13 5.14
CA THR C 431 0.31 12.78 5.64
C THR C 431 0.48 14.22 6.14
N PRO C 432 1.59 14.61 6.79
CA PRO C 432 1.73 16.02 7.20
C PRO C 432 1.55 17.02 6.07
N CYS C 433 1.84 16.64 4.82
CA CYS C 433 1.50 17.52 3.70
C CYS C 433 -0.01 17.74 3.63
N ARG C 434 -0.79 16.68 3.81
CA ARG C 434 -2.25 16.83 3.85
C ARG C 434 -2.68 17.67 5.04
N ALA C 435 -1.99 17.53 6.18
CA ALA C 435 -2.30 18.38 7.33
C ALA C 435 -2.06 19.86 7.02
N GLN C 436 -0.95 20.16 6.34
CA GLN C 436 -0.69 21.54 5.94
C GLN C 436 -1.73 22.05 4.95
N ILE C 437 -2.18 21.19 4.03
CA ILE C 437 -3.25 21.57 3.13
C ILE C 437 -4.53 21.87 3.90
N GLU C 438 -4.80 21.08 4.95
CA GLU C 438 -5.97 21.34 5.79
C GLU C 438 -5.84 22.68 6.49
N TRP C 439 -4.65 23.01 6.99
CA TRP C 439 -4.43 24.32 7.59
C TRP C 439 -4.67 25.45 6.59
N TYR C 440 -4.17 25.27 5.37
CA TYR C 440 -4.38 26.27 4.33
C TYR C 440 -5.85 26.46 4.03
N LYS C 441 -6.60 25.36 3.96
CA LYS C 441 -8.04 25.45 3.73
C LYS C 441 -8.74 26.18 4.87
N ALA C 442 -8.38 25.84 6.11
CA ALA C 442 -9.01 26.48 7.27
C ALA C 442 -8.67 27.96 7.34
N LEU C 443 -7.54 28.36 6.75
CA LEU C 443 -7.15 29.77 6.78
C LEU C 443 -8.18 30.65 6.06
N PHE C 444 -8.66 30.20 4.89
CA PHE C 444 -9.51 31.02 4.04
C PHE C 444 -10.98 30.60 4.08
N ASP C 445 -11.41 29.90 5.14
CA ASP C 445 -12.76 29.38 5.19
C ASP C 445 -13.81 30.41 5.60
N ALA C 446 -13.40 31.63 5.97
CA ALA C 446 -14.33 32.61 6.50
C ALA C 446 -14.71 33.72 5.53
N ASN C 447 -13.90 33.96 4.50
CA ASN C 447 -14.13 35.08 3.59
C ASN C 447 -14.50 34.65 2.18
N THR C 448 -13.69 33.84 1.54
CA THR C 448 -13.92 33.45 0.15
C THR C 448 -13.94 31.96 -0.07
N GLY C 449 -13.13 31.21 0.66
CA GLY C 449 -13.02 29.78 0.44
C GLY C 449 -11.68 29.41 -0.16
N TYR C 450 -11.18 28.24 0.23
CA TYR C 450 -9.87 27.81 -0.24
C TYR C 450 -9.87 27.49 -1.73
N TYR C 451 -11.00 27.06 -2.28
CA TYR C 451 -11.08 26.78 -3.71
C TYR C 451 -10.86 28.05 -4.52
N ASP C 452 -11.59 29.13 -4.19
CA ASP C 452 -11.45 30.38 -4.92
C ASP C 452 -10.08 31.01 -4.67
N ALA C 453 -9.57 30.89 -3.45
CA ALA C 453 -8.24 31.42 -3.15
C ALA C 453 -7.17 30.71 -3.97
N PHE C 454 -7.26 29.38 -4.08
CA PHE C 454 -6.31 28.64 -4.91
C PHE C 454 -6.47 29.00 -6.38
N LYS C 455 -7.71 29.14 -6.86
CA LYS C 455 -7.92 29.50 -8.26
C LYS C 455 -7.41 30.89 -8.56
N GLN C 456 -7.63 31.85 -7.67
CA GLN C 456 -7.19 33.23 -7.85
C GLN C 456 -5.74 33.45 -7.43
N ARG C 457 -5.09 32.44 -6.84
CA ARG C 457 -3.69 32.52 -6.43
C ARG C 457 -3.46 33.68 -5.46
N LEU C 458 -4.41 33.90 -4.56
CA LEU C 458 -4.24 34.90 -3.53
C LEU C 458 -3.19 34.45 -2.52
N SER C 459 -2.42 35.41 -2.00
CA SER C 459 -1.31 35.14 -1.09
C SER C 459 -0.36 34.13 -1.72
N PRO C 460 0.43 34.52 -2.73
CA PRO C 460 1.26 33.54 -3.44
C PRO C 460 2.24 32.80 -2.56
N LYS C 461 2.74 33.43 -1.49
CA LYS C 461 3.71 32.77 -0.62
C LYS C 461 3.13 31.54 0.06
N LYS C 462 1.80 31.44 0.17
CA LYS C 462 1.14 30.25 0.68
C LYS C 462 0.59 29.37 -0.43
N PHE C 463 0.19 29.99 -1.55
CA PHE C 463 -0.28 29.22 -2.70
C PHE C 463 0.82 28.32 -3.25
N SER C 464 2.06 28.81 -3.26
CA SER C 464 3.17 27.99 -3.73
C SER C 464 3.37 26.76 -2.84
N LYS C 465 3.28 26.95 -1.52
CA LYS C 465 3.41 25.82 -0.60
C LYS C 465 2.26 24.83 -0.78
N ALA C 466 1.04 25.35 -0.94
CA ALA C 466 -0.10 24.46 -1.18
C ALA C 466 0.07 23.67 -2.47
N ASN C 467 0.54 24.32 -3.52
CA ASN C 467 0.78 23.62 -4.79
C ASN C 467 1.86 22.56 -4.64
N MET C 468 2.93 22.88 -3.90
CA MET C 468 3.99 21.90 -3.67
C MET C 468 3.44 20.67 -2.95
N TYR C 469 2.67 20.89 -1.90
CA TYR C 469 2.11 19.75 -1.16
C TYR C 469 1.14 18.95 -2.02
N ARG C 470 0.32 19.63 -2.82
CA ARG C 470 -0.60 18.93 -3.71
C ARG C 470 0.16 18.08 -4.73
N ILE C 471 1.24 18.61 -5.30
CA ILE C 471 2.03 17.87 -6.26
C ILE C 471 2.67 16.65 -5.59
N LYS C 472 3.19 16.82 -4.38
CA LYS C 472 3.79 15.68 -3.67
C LYS C 472 2.76 14.60 -3.38
N LEU C 473 1.56 14.99 -2.93
CA LEU C 473 0.51 14.01 -2.66
C LEU C 473 0.10 13.29 -3.93
N ALA C 474 -0.05 14.04 -5.04
CA ALA C 474 -0.44 13.43 -6.30
C ALA C 474 0.63 12.44 -6.78
N GLN C 475 1.90 12.81 -6.64
CA GLN C 475 2.98 11.90 -7.03
C GLN C 475 2.97 10.63 -6.19
N PHE C 476 2.77 10.77 -4.87
CA PHE C 476 2.73 9.60 -4.01
C PHE C 476 1.58 8.67 -4.39
N TRP C 477 0.40 9.23 -4.62
CA TRP C 477 -0.75 8.40 -4.96
C TRP C 477 -0.61 7.78 -6.34
N ASP C 478 -0.01 8.51 -7.30
CA ASP C 478 0.27 7.93 -8.60
C ASP C 478 1.27 6.78 -8.50
N GLY C 479 2.28 6.92 -7.64
CA GLY C 479 3.19 5.81 -7.41
C GLY C 479 2.51 4.61 -6.81
N VAL C 480 1.58 4.84 -5.87
CA VAL C 480 0.81 3.74 -5.29
C VAL C 480 -0.01 3.04 -6.37
N LEU C 481 -0.66 3.81 -7.24
CA LEU C 481 -1.45 3.22 -8.32
C LEU C 481 -0.57 2.44 -9.29
N SER C 482 0.61 2.97 -9.60
CA SER C 482 1.54 2.26 -10.48
C SER C 482 1.99 0.95 -9.86
N MET C 483 2.26 0.96 -8.55
CA MET C 483 2.60 -0.28 -7.86
C MET C 483 1.44 -1.27 -7.91
N LEU C 484 0.22 -0.78 -7.77
CA LEU C 484 -0.95 -1.67 -7.88
C LEU C 484 -1.07 -2.28 -9.27
N ASP C 485 -0.82 -1.48 -10.32
CA ASP C 485 -0.98 -1.97 -11.68
C ASP C 485 0.05 -3.02 -12.04
N THR C 486 1.23 -2.97 -11.42
CA THR C 486 2.30 -3.93 -11.69
C THR C 486 2.09 -5.25 -10.96
N SER C 487 1.14 -5.29 -10.02
CA SER C 487 0.84 -6.45 -9.18
C SER C 487 1.96 -6.72 -8.18
N GLN C 488 2.52 -5.64 -7.63
CA GLN C 488 3.46 -5.73 -6.52
C GLN C 488 2.78 -5.59 -5.17
N LEU C 489 1.46 -5.44 -5.14
CA LEU C 489 0.67 -5.29 -3.93
C LEU C 489 -0.33 -6.43 -3.80
N PRO C 490 -0.79 -6.73 -2.58
CA PRO C 490 -1.74 -7.83 -2.40
C PRO C 490 -3.04 -7.58 -3.16
N TYR C 491 -3.68 -8.67 -3.59
CA TYR C 491 -4.92 -8.56 -4.40
C TYR C 491 -6.04 -7.92 -3.58
N ASP C 492 -6.00 -8.08 -2.26
CA ASP C 492 -7.03 -7.52 -1.39
C ASP C 492 -6.72 -6.10 -0.95
N PHE C 493 -5.83 -5.40 -1.67
CA PHE C 493 -5.46 -4.03 -1.28
C PHE C 493 -6.66 -3.10 -1.36
N HIS C 494 -7.48 -3.23 -2.41
CA HIS C 494 -8.63 -2.36 -2.61
C HIS C 494 -9.78 -2.64 -1.65
N ARG C 495 -9.69 -3.71 -0.85
CA ARG C 495 -10.74 -4.07 0.09
C ARG C 495 -10.26 -3.93 1.52
N ARG C 496 -9.44 -2.91 1.78
CA ARG C 496 -8.93 -2.62 3.12
C ARG C 496 -9.44 -1.25 3.54
N ALA C 497 -9.98 -1.18 4.76
CA ALA C 497 -10.62 0.05 5.23
C ALA C 497 -9.65 1.22 5.30
N LYS C 498 -8.44 0.97 5.82
CA LYS C 498 -7.50 2.07 6.02
C LYS C 498 -7.16 2.77 4.71
N TRP C 499 -6.77 2.00 3.69
CA TRP C 499 -6.36 2.59 2.42
C TRP C 499 -7.51 3.33 1.76
N VAL C 500 -8.71 2.73 1.76
CA VAL C 500 -9.82 3.36 1.07
C VAL C 500 -10.27 4.62 1.77
N ASN C 501 -10.27 4.63 3.11
CA ASN C 501 -10.68 5.85 3.81
C ASN C 501 -9.62 6.94 3.70
N ALA C 502 -8.33 6.56 3.70
CA ALA C 502 -7.28 7.55 3.48
C ALA C 502 -7.39 8.15 2.08
N ALA C 503 -7.66 7.32 1.08
CA ALA C 503 -7.85 7.82 -0.28
C ALA C 503 -9.07 8.72 -0.37
N HIS C 504 -10.15 8.36 0.32
CA HIS C 504 -11.35 9.20 0.33
C HIS C 504 -11.07 10.56 0.96
N PHE C 505 -10.36 10.57 2.08
CA PHE C 505 -9.99 11.83 2.72
C PHE C 505 -9.14 12.69 1.79
N TYR C 506 -8.12 12.08 1.19
CA TYR C 506 -7.24 12.82 0.29
C TYR C 506 -8.02 13.39 -0.89
N GLN C 507 -8.91 12.58 -1.48
CA GLN C 507 -9.71 13.06 -2.59
C GLN C 507 -10.60 14.21 -2.17
N LEU C 508 -11.39 14.02 -1.11
CA LEU C 508 -12.33 15.04 -0.67
C LEU C 508 -11.63 16.33 -0.25
N LEU C 509 -10.36 16.27 0.12
CA LEU C 509 -9.66 17.50 0.51
C LEU C 509 -8.91 18.15 -0.65
N VAL C 510 -8.39 17.38 -1.60
CA VAL C 510 -7.45 17.93 -2.57
C VAL C 510 -8.09 18.12 -3.94
N GLU C 511 -9.11 17.31 -4.27
CA GLU C 511 -9.71 17.41 -5.60
C GLU C 511 -10.22 18.80 -5.95
N PRO C 512 -10.84 19.58 -5.06
CA PRO C 512 -11.18 20.96 -5.41
C PRO C 512 -9.98 21.78 -5.86
N LEU C 513 -8.81 21.57 -5.24
CA LEU C 513 -7.61 22.27 -5.69
C LEU C 513 -7.23 21.86 -7.11
N ASP C 514 -7.36 20.57 -7.43
CA ASP C 514 -7.07 20.11 -8.79
C ASP C 514 -8.06 20.72 -9.79
N ILE C 515 -9.34 20.82 -9.41
CA ILE C 515 -10.33 21.43 -10.28
C ILE C 515 -10.01 22.91 -10.50
N ALA C 516 -9.59 23.61 -9.44
CA ALA C 516 -9.20 25.00 -9.57
C ALA C 516 -8.00 25.16 -10.49
N ASP C 517 -7.02 24.27 -10.37
CA ASP C 517 -5.86 24.31 -11.25
C ASP C 517 -6.26 24.04 -12.70
N TYR C 518 -7.16 23.09 -12.91
CA TYR C 518 -7.62 22.76 -14.27
C TYR C 518 -8.35 23.94 -14.89
N HIS C 519 -9.22 24.60 -14.11
CA HIS C 519 -10.00 25.72 -14.64
C HIS C 519 -9.22 27.03 -14.69
N ARG C 520 -8.07 27.11 -14.01
CA ARG C 520 -7.26 28.32 -14.09
C ARG C 520 -6.50 28.40 -15.41
N ASN C 521 -6.13 27.27 -15.98
CA ASN C 521 -5.44 27.23 -17.26
C ASN C 521 -6.40 27.23 -18.45
N ASN C 522 -7.71 27.37 -18.20
CA ASN C 522 -8.73 27.36 -19.25
C ASN C 522 -8.68 26.07 -20.06
N LEU C 523 -8.40 24.96 -19.38
CA LEU C 523 -8.37 23.66 -20.03
C LEU C 523 -9.77 23.13 -20.35
N HIS C 524 -10.80 23.65 -19.69
CA HIS C 524 -12.16 23.19 -19.95
C HIS C 524 -12.64 23.55 -21.34
N ARG C 525 -12.06 24.57 -21.97
CA ARG C 525 -12.44 24.99 -23.31
C ARG C 525 -11.63 24.32 -24.42
N THR C 526 -10.54 23.62 -24.07
CA THR C 526 -9.71 22.95 -25.06
C THR C 526 -9.74 21.44 -24.91
N ARG C 527 -9.42 20.92 -23.73
CA ARG C 527 -9.42 19.47 -23.52
C ARG C 527 -10.84 18.93 -23.48
N GLY C 528 -11.75 19.63 -22.81
CA GLY C 528 -13.13 19.23 -22.67
C GLY C 528 -13.58 19.36 -21.23
N SER C 529 -14.73 18.76 -20.93
CA SER C 529 -15.27 18.82 -19.58
C SER C 529 -14.40 18.02 -18.63
N TYR C 530 -14.22 18.56 -17.41
CA TYR C 530 -13.40 17.86 -16.42
C TYR C 530 -14.04 16.55 -15.99
N ILE C 531 -15.37 16.52 -15.82
CA ILE C 531 -16.03 15.33 -15.35
C ILE C 531 -15.97 14.21 -16.39
N THR C 532 -15.90 14.56 -17.67
CA THR C 532 -15.92 13.56 -18.74
C THR C 532 -14.51 13.18 -19.18
N HIS C 533 -13.69 14.17 -19.55
CA HIS C 533 -12.36 13.91 -20.07
C HIS C 533 -11.24 14.33 -19.12
N GLY C 534 -11.42 15.44 -18.40
CA GLY C 534 -10.35 15.96 -17.57
C GLY C 534 -10.14 15.26 -16.25
N ARG C 535 -11.06 14.39 -15.83
CA ARG C 535 -10.92 13.71 -14.56
C ARG C 535 -9.77 12.72 -14.59
N GLU C 536 -9.07 12.60 -13.47
CA GLU C 536 -7.96 11.68 -13.36
C GLU C 536 -8.45 10.26 -13.04
N ARG C 537 -7.69 9.27 -13.49
CA ARG C 537 -8.03 7.88 -13.19
C ARG C 537 -7.97 7.60 -11.70
N ARG C 538 -7.08 8.29 -10.98
CA ARG C 538 -6.93 8.07 -9.54
C ARG C 538 -8.22 8.38 -8.80
N TYR C 539 -8.86 9.52 -9.13
CA TYR C 539 -10.08 9.90 -8.43
C TYR C 539 -11.23 8.97 -8.77
N GLU C 540 -11.32 8.53 -10.03
CA GLU C 540 -12.35 7.57 -10.40
C GLU C 540 -12.16 6.25 -9.65
N LEU C 541 -10.91 5.79 -9.55
CA LEU C 541 -10.65 4.55 -8.82
C LEU C 541 -10.99 4.70 -7.34
N PHE C 542 -10.67 5.86 -6.74
CA PHE C 542 -11.00 6.09 -5.34
C PHE C 542 -12.51 6.12 -5.13
N ASP C 543 -13.24 6.76 -6.04
CA ASP C 543 -14.71 6.78 -5.94
C ASP C 543 -15.29 5.39 -6.07
N LYS C 544 -14.74 4.58 -6.99
CA LYS C 544 -15.21 3.20 -7.13
C LYS C 544 -14.92 2.41 -5.86
N TRP C 545 -13.74 2.60 -5.27
CA TRP C 545 -13.41 1.91 -4.02
C TRP C 545 -14.38 2.29 -2.92
N TRP C 546 -14.68 3.58 -2.79
CA TRP C 546 -15.62 4.02 -1.76
C TRP C 546 -17.02 3.45 -2.00
N LYS C 547 -17.46 3.43 -3.26
CA LYS C 547 -18.77 2.87 -3.57
C LYS C 547 -18.84 1.38 -3.25
N GLN C 548 -17.78 0.64 -3.58
CA GLN C 548 -17.76 -0.78 -3.26
C GLN C 548 -17.73 -1.00 -1.75
N LYS C 549 -16.98 -0.18 -1.02
CA LYS C 549 -16.95 -0.31 0.44
C LYS C 549 -18.32 -0.05 1.05
N GLY C 550 -19.02 0.98 0.57
CA GLY C 550 -20.34 1.28 1.09
C GLY C 550 -21.35 0.19 0.80
N CYS C 551 -21.30 -0.40 -0.39
CA CYS C 551 -22.27 -1.43 -0.76
C CYS C 551 -22.01 -2.73 -0.03
N THR C 552 -20.75 -3.14 0.09
CA THR C 552 -20.44 -4.43 0.71
C THR C 552 -20.73 -4.43 2.21
N ASP C 553 -20.63 -3.28 2.86
CA ASP C 553 -20.88 -3.19 4.29
C ASP C 553 -22.37 -3.32 4.58
N THR C 564 -30.69 8.29 8.43
CA THR C 564 -29.59 9.00 9.06
C THR C 564 -30.07 10.29 9.71
N ALA C 565 -29.53 10.59 10.89
CA ALA C 565 -29.90 11.82 11.58
C ALA C 565 -29.38 13.03 10.83
N ARG C 566 -30.14 14.13 10.89
CA ARG C 566 -29.75 15.35 10.22
C ARG C 566 -28.47 15.91 10.83
N ARG C 567 -27.64 16.50 9.97
CA ARG C 567 -26.38 17.10 10.41
C ARG C 567 -26.67 18.42 11.10
N SER C 568 -26.34 18.50 12.39
CA SER C 568 -26.55 19.72 13.15
C SER C 568 -25.57 20.83 12.79
N LYS C 569 -24.52 20.52 12.04
CA LYS C 569 -23.53 21.51 11.64
C LYS C 569 -23.00 21.15 10.27
N PHE C 570 -22.39 22.14 9.61
CA PHE C 570 -21.83 21.91 8.29
C PHE C 570 -20.65 20.94 8.39
N ALA C 571 -20.56 20.03 7.42
CA ALA C 571 -19.50 19.04 7.40
C ALA C 571 -18.15 19.70 7.16
N GLY C 572 -17.09 19.07 7.67
CA GLY C 572 -15.76 19.60 7.46
C GLY C 572 -15.35 19.63 6.01
N LEU C 573 -15.68 18.58 5.27
CA LEU C 573 -15.36 18.47 3.85
C LEU C 573 -16.62 18.19 3.05
N THR C 574 -16.68 18.75 1.85
CA THR C 574 -17.82 18.51 0.97
C THR C 574 -17.88 17.05 0.56
N GLN C 575 -19.07 16.45 0.67
CA GLN C 575 -19.22 15.03 0.35
C GLN C 575 -19.01 14.77 -1.14
N ASP C 576 -19.48 15.68 -1.99
CA ASP C 576 -19.32 15.53 -3.43
C ASP C 576 -17.98 16.12 -3.84
N PRO C 577 -17.02 15.32 -4.34
CA PRO C 577 -15.72 15.89 -4.70
C PRO C 577 -15.75 16.74 -5.95
N CYS C 578 -16.74 16.56 -6.83
CA CYS C 578 -16.80 17.28 -8.11
C CYS C 578 -17.85 18.39 -8.10
N PHE C 579 -18.20 18.90 -6.91
CA PHE C 579 -19.22 19.95 -6.82
C PHE C 579 -18.76 21.22 -7.51
N TRP C 580 -17.48 21.58 -7.34
CA TRP C 580 -16.98 22.84 -7.92
C TRP C 580 -16.96 22.80 -9.44
N ALA C 581 -16.69 21.62 -10.03
CA ALA C 581 -16.77 21.51 -11.48
C ALA C 581 -18.19 21.76 -11.98
N ARG C 582 -19.19 21.22 -11.27
CA ARG C 582 -20.58 21.48 -11.63
C ARG C 582 -20.91 22.96 -11.46
N VAL C 583 -20.38 23.59 -10.42
CA VAL C 583 -20.60 25.03 -10.22
C VAL C 583 -20.04 25.83 -11.38
N GLU C 584 -18.81 25.50 -11.80
CA GLU C 584 -18.20 26.21 -12.93
C GLU C 584 -19.00 26.00 -14.21
N GLU C 585 -19.45 24.77 -14.46
CA GLU C 585 -20.26 24.50 -15.64
C GLU C 585 -21.56 25.28 -15.61
N ALA C 586 -22.20 25.35 -14.42
CA ALA C 586 -23.44 26.10 -14.29
C ALA C 586 -23.21 27.59 -14.53
N ARG C 587 -22.10 28.14 -14.02
CA ARG C 587 -21.80 29.54 -14.27
C ARG C 587 -21.59 29.80 -15.75
N GLU C 588 -20.87 28.91 -16.43
CA GLU C 588 -20.67 29.07 -17.88
C GLU C 588 -21.99 28.99 -18.62
N GLN C 589 -22.85 28.05 -18.23
CA GLN C 589 -24.16 27.91 -18.90
C GLN C 589 -25.02 29.14 -18.66
N THR C 590 -24.99 29.70 -17.45
CA THR C 590 -25.76 30.91 -17.17
C THR C 590 -25.23 32.09 -17.98
N GLU C 591 -23.91 32.21 -18.10
CA GLU C 591 -23.34 33.27 -18.92
C GLU C 591 -23.74 33.12 -20.38
N SER C 592 -23.76 31.88 -20.89
CA SER C 592 -24.21 31.65 -22.25
C SER C 592 -25.69 31.97 -22.41
N ALA C 593 -26.51 31.63 -21.41
CA ALA C 593 -27.95 31.88 -21.48
C ALA C 593 -28.27 33.37 -21.42
N LYS C 594 -27.42 34.15 -20.75
CA LYS C 594 -27.63 35.60 -20.71
C LYS C 594 -27.56 36.23 -22.09
N SER C 595 -26.95 35.56 -23.07
CA SER C 595 -26.88 36.06 -24.43
C SER C 595 -27.54 35.15 -25.45
N GLU C 596 -27.98 33.96 -25.05
CA GLU C 596 -28.61 33.04 -25.99
C GLU C 596 -29.94 33.59 -26.48
N ARG C 597 -30.21 33.42 -27.78
CA ARG C 597 -31.43 33.90 -28.39
C ARG C 597 -32.35 32.80 -28.90
N ASP C 598 -31.82 31.60 -29.17
CA ASP C 598 -32.64 30.51 -29.67
C ASP C 598 -33.45 29.91 -28.52
N MET C 599 -34.78 29.89 -28.68
CA MET C 599 -35.65 29.40 -27.63
C MET C 599 -35.42 27.91 -27.36
N THR C 600 -35.26 27.12 -28.43
CA THR C 600 -35.13 25.68 -28.26
C THR C 600 -33.90 25.31 -27.45
N SER C 601 -32.76 25.93 -27.75
CA SER C 601 -31.54 25.64 -26.99
C SER C 601 -31.67 26.14 -25.55
N LEU C 602 -32.06 27.41 -25.38
CA LEU C 602 -32.14 27.97 -24.04
C LEU C 602 -33.11 27.22 -23.16
N ALA C 603 -34.12 26.56 -23.75
CA ALA C 603 -35.00 25.71 -22.96
C ALA C 603 -34.22 24.60 -22.27
N ARG C 604 -33.38 23.88 -23.03
CA ARG C 604 -32.65 22.77 -22.43
C ARG C 604 -31.57 23.26 -21.48
N MET C 605 -30.91 24.39 -21.81
CA MET C 605 -29.91 24.91 -20.89
C MET C 605 -30.55 25.39 -19.58
N LEU C 606 -31.72 26.01 -19.65
CA LEU C 606 -32.44 26.38 -18.44
C LEU C 606 -32.90 25.16 -17.67
N GLU C 607 -33.28 24.09 -18.37
CA GLU C 607 -33.64 22.84 -17.68
C GLU C 607 -32.45 22.29 -16.91
N ASP C 608 -31.28 22.28 -17.53
CA ASP C 608 -30.07 21.81 -16.83
C ASP C 608 -29.74 22.70 -15.65
N LEU C 609 -29.86 24.02 -15.82
CA LEU C 609 -29.59 24.94 -14.72
C LEU C 609 -30.56 24.73 -13.57
N HIS C 610 -31.84 24.51 -13.87
CA HIS C 610 -32.83 24.24 -12.83
C HIS C 610 -32.52 22.92 -12.11
N LYS C 611 -32.11 21.90 -12.86
CA LYS C 611 -31.76 20.63 -12.24
C LYS C 611 -30.59 20.80 -11.29
N PHE C 612 -29.55 21.53 -11.72
CA PHE C 612 -28.42 21.75 -10.83
C PHE C 612 -28.79 22.61 -9.63
N GLU C 613 -29.67 23.59 -9.83
CA GLU C 613 -30.12 24.41 -8.70
C GLU C 613 -30.86 23.57 -7.67
N ARG C 614 -31.73 22.68 -8.13
CA ARG C 614 -32.43 21.79 -7.20
C ARG C 614 -31.45 20.88 -6.47
N HIS C 615 -30.46 20.33 -7.20
CA HIS C 615 -29.47 19.47 -6.55
C HIS C 615 -28.68 20.24 -5.51
N SER C 616 -28.26 21.47 -5.83
CA SER C 616 -27.49 22.27 -4.89
C SER C 616 -28.32 22.65 -3.67
N SER C 617 -29.59 22.99 -3.88
CA SER C 617 -30.47 23.31 -2.75
C SER C 617 -30.67 22.11 -1.85
N GLU C 618 -30.86 20.93 -2.44
CA GLU C 618 -30.99 19.71 -1.64
C GLU C 618 -29.72 19.43 -0.85
N LEU C 619 -28.56 19.63 -1.48
CA LEU C 619 -27.30 19.41 -0.77
C LEU C 619 -27.12 20.40 0.37
N VAL C 620 -27.50 21.67 0.16
CA VAL C 620 -27.32 22.68 1.18
C VAL C 620 -28.28 22.44 2.36
N GLU C 621 -29.52 22.05 2.06
CA GLU C 621 -30.50 21.85 3.12
C GLU C 621 -30.07 20.75 4.07
N ASN C 622 -29.48 19.68 3.55
CA ASN C 622 -28.97 18.60 4.39
C ASN C 622 -27.64 18.94 5.06
N LYS C 623 -27.07 20.12 4.76
CA LYS C 623 -25.80 20.56 5.34
C LYS C 623 -24.68 19.57 5.05
N GLU C 624 -24.68 19.01 3.84
CA GLU C 624 -23.63 18.11 3.40
C GLU C 624 -22.44 18.84 2.78
N VAL C 625 -22.49 20.16 2.70
CA VAL C 625 -21.41 20.95 2.13
C VAL C 625 -20.68 21.68 3.26
N SER C 626 -19.42 21.98 3.02
CA SER C 626 -18.62 22.70 4.00
C SER C 626 -19.02 24.18 4.05
N ILE C 627 -18.58 24.84 5.12
CA ILE C 627 -18.91 26.25 5.30
C ILE C 627 -18.28 27.13 4.23
N ASP C 628 -17.13 26.71 3.68
CA ASP C 628 -16.49 27.51 2.64
C ASP C 628 -17.35 27.63 1.40
N VAL C 629 -18.28 26.69 1.20
CA VAL C 629 -19.22 26.80 0.09
C VAL C 629 -20.20 27.94 0.33
N VAL C 630 -20.61 28.15 1.57
CA VAL C 630 -21.63 29.14 1.89
C VAL C 630 -20.97 30.48 2.22
N ALA C 631 -19.67 30.58 1.91
CA ALA C 631 -18.94 31.82 2.16
C ALA C 631 -19.53 32.96 1.34
N PRO C 632 -19.54 34.18 1.88
CA PRO C 632 -20.19 35.29 1.15
C PRO C 632 -19.60 35.57 -0.22
N GLN C 633 -18.27 35.42 -0.36
CA GLN C 633 -17.60 35.70 -1.63
C GLN C 633 -17.28 34.44 -2.41
N SER C 634 -17.84 33.31 -2.02
CA SER C 634 -17.62 32.06 -2.74
C SER C 634 -18.31 32.11 -4.10
N SER C 635 -17.82 31.28 -5.03
CA SER C 635 -18.38 31.23 -6.36
C SER C 635 -19.83 30.74 -6.34
N TYR C 636 -20.18 29.90 -5.36
CA TYR C 636 -21.55 29.39 -5.28
C TYR C 636 -22.55 30.52 -5.04
N SER C 637 -22.22 31.44 -4.13
CA SER C 637 -23.13 32.56 -3.86
C SER C 637 -23.29 33.45 -5.08
N LEU C 638 -22.20 33.73 -5.79
CA LEU C 638 -22.28 34.54 -7.00
C LEU C 638 -23.12 33.84 -8.06
N TRP C 639 -22.95 32.53 -8.22
CA TRP C 639 -23.78 31.79 -9.17
C TRP C 639 -25.24 31.82 -8.78
N VAL C 640 -25.54 31.72 -7.48
CA VAL C 640 -26.92 31.78 -7.02
C VAL C 640 -27.52 33.15 -7.34
N LYS C 641 -26.76 34.21 -7.09
CA LYS C 641 -27.25 35.56 -7.39
C LYS C 641 -27.50 35.72 -8.88
N GLU C 642 -26.57 35.26 -9.71
CA GLU C 642 -26.76 35.35 -11.17
C GLU C 642 -27.96 34.54 -11.64
N TRP C 643 -28.15 33.35 -11.05
CA TRP C 643 -29.28 32.51 -11.43
C TRP C 643 -30.60 33.16 -11.04
N ASN C 644 -30.66 33.79 -9.85
CA ASN C 644 -31.87 34.51 -9.46
C ASN C 644 -32.12 35.69 -10.38
N GLU C 645 -31.07 36.42 -10.76
CA GLU C 645 -31.22 37.55 -11.68
C GLU C 645 -31.74 37.07 -13.03
N LEU C 646 -31.23 35.95 -13.52
CA LEU C 646 -31.71 35.40 -14.79
C LEU C 646 -33.15 34.93 -14.68
N LYS C 647 -33.51 34.29 -13.56
CA LYS C 647 -34.88 33.86 -13.36
C LYS C 647 -35.84 35.04 -13.30
N LEU C 648 -35.35 36.20 -12.84
CA LEU C 648 -36.18 37.39 -12.82
C LEU C 648 -36.64 37.80 -14.22
N ARG C 649 -35.93 37.38 -15.26
CA ARG C 649 -36.33 37.70 -16.62
C ARG C 649 -37.65 37.03 -16.98
N GLU C 650 -38.47 37.75 -17.75
CA GLU C 650 -39.80 37.26 -18.11
C GLU C 650 -39.72 35.99 -18.96
N GLU C 651 -38.80 35.97 -19.93
CA GLU C 651 -38.68 34.80 -20.78
C GLU C 651 -38.24 33.58 -19.98
N VAL C 652 -37.28 33.76 -19.07
CA VAL C 652 -36.80 32.66 -18.24
C VAL C 652 -37.92 32.16 -17.32
N ARG C 653 -38.70 33.10 -16.76
CA ARG C 653 -39.81 32.70 -15.91
C ARG C 653 -40.86 31.93 -16.69
N THR C 654 -41.16 32.36 -17.91
CA THR C 654 -42.14 31.66 -18.73
C THR C 654 -41.63 30.26 -19.10
N ILE C 655 -40.34 30.15 -19.43
CA ILE C 655 -39.78 28.84 -19.78
C ILE C 655 -39.81 27.91 -18.58
N LEU C 656 -39.44 28.42 -17.39
CA LEU C 656 -39.41 27.58 -16.20
C LEU C 656 -40.82 27.24 -15.72
N PHE C 657 -41.81 28.08 -16.04
CA PHE C 657 -43.18 27.81 -15.62
C PHE C 657 -43.70 26.53 -16.25
N GLN C 658 -43.43 26.32 -17.55
CA GLN C 658 -43.85 25.09 -18.21
C GLN C 658 -43.13 23.88 -17.63
N PHE C 659 -41.84 24.02 -17.34
CA PHE C 659 -41.05 22.93 -16.78
C PHE C 659 -41.42 22.67 -15.32
#